data_2L6W
#
_entry.id   2L6W
#
_entity_poly.entity_id   1
_entity_poly.type   'polypeptide(L)'
_entity_poly.pdbx_seq_one_letter_code
;GHSLPFKVVVISAILALVVLTIISLIILIMLWQKKPRYE
;
_entity_poly.pdbx_strand_id   A,B
#
# COMPACT_ATOMS: atom_id res chain seq x y z
N GLY A 1 -12.51 0.72 -22.81
CA GLY A 1 -13.61 -0.28 -22.77
C GLY A 1 -14.98 0.36 -22.94
N HIS A 2 -15.31 1.29 -22.06
CA HIS A 2 -16.60 1.97 -22.12
C HIS A 2 -16.41 3.49 -22.05
N SER A 3 -15.44 3.93 -21.26
CA SER A 3 -15.19 5.35 -21.10
C SER A 3 -13.68 5.65 -21.18
N LEU A 4 -12.97 5.34 -20.09
CA LEU A 4 -11.53 5.56 -20.04
C LEU A 4 -10.77 4.36 -20.60
N PRO A 5 -9.66 4.60 -21.32
CA PRO A 5 -8.86 3.52 -21.91
C PRO A 5 -8.15 2.68 -20.85
N PHE A 6 -7.96 1.40 -21.14
CA PHE A 6 -7.30 0.49 -20.21
C PHE A 6 -5.86 0.93 -19.97
N LYS A 7 -5.36 1.82 -20.82
CA LYS A 7 -3.99 2.31 -20.72
C LYS A 7 -3.73 2.93 -19.34
N VAL A 8 -4.60 3.86 -18.94
CA VAL A 8 -4.46 4.53 -17.65
C VAL A 8 -4.80 3.59 -16.49
N VAL A 9 -5.78 2.72 -16.70
CA VAL A 9 -6.20 1.78 -15.67
C VAL A 9 -5.06 0.86 -15.23
N VAL A 10 -4.41 0.24 -16.21
CA VAL A 10 -3.30 -0.66 -15.93
C VAL A 10 -2.16 0.05 -15.21
N ILE A 11 -1.61 1.08 -15.84
CA ILE A 11 -0.51 1.84 -15.25
C ILE A 11 -0.80 2.27 -13.82
N SER A 12 -2.07 2.62 -13.56
CA SER A 12 -2.48 3.05 -12.22
C SER A 12 -2.52 1.87 -11.25
N ALA A 13 -3.04 0.74 -11.71
CA ALA A 13 -3.15 -0.45 -10.88
C ALA A 13 -1.77 -0.98 -10.49
N ILE A 14 -0.93 -1.19 -11.50
CA ILE A 14 0.42 -1.71 -11.28
C ILE A 14 1.18 -0.84 -10.28
N LEU A 15 1.20 0.47 -10.54
CA LEU A 15 1.90 1.42 -9.68
C LEU A 15 1.41 1.31 -8.24
N ALA A 16 0.09 1.34 -8.05
CA ALA A 16 -0.50 1.24 -6.73
C ALA A 16 -0.07 -0.03 -6.03
N LEU A 17 0.15 -1.08 -6.80
CA LEU A 17 0.58 -2.36 -6.26
C LEU A 17 2.04 -2.30 -5.82
N VAL A 18 2.83 -1.49 -6.52
CA VAL A 18 4.24 -1.33 -6.21
C VAL A 18 4.44 -0.54 -4.92
N VAL A 19 3.69 0.55 -4.78
CA VAL A 19 3.81 1.39 -3.59
C VAL A 19 3.40 0.65 -2.33
N LEU A 20 2.49 -0.32 -2.45
CA LEU A 20 2.04 -1.08 -1.30
C LEU A 20 3.20 -1.90 -0.74
N THR A 21 4.06 -2.38 -1.62
CA THR A 21 5.23 -3.16 -1.22
C THR A 21 6.29 -2.26 -0.62
N ILE A 22 6.38 -1.04 -1.15
CA ILE A 22 7.35 -0.07 -0.67
C ILE A 22 6.99 0.38 0.74
N ILE A 23 5.74 0.79 0.93
CA ILE A 23 5.27 1.24 2.23
C ILE A 23 5.40 0.12 3.27
N SER A 24 5.22 -1.12 2.82
CA SER A 24 5.32 -2.28 3.69
C SER A 24 6.77 -2.58 4.04
N LEU A 25 7.66 -2.34 3.07
CA LEU A 25 9.09 -2.57 3.27
C LEU A 25 9.62 -1.75 4.43
N ILE A 26 9.18 -0.50 4.51
CA ILE A 26 9.62 0.40 5.57
C ILE A 26 9.20 -0.13 6.94
N ILE A 27 7.99 -0.67 7.03
CA ILE A 27 7.48 -1.21 8.28
C ILE A 27 8.25 -2.46 8.70
N LEU A 28 8.58 -3.29 7.71
CA LEU A 28 9.31 -4.53 7.97
C LEU A 28 10.64 -4.26 8.67
N ILE A 29 11.45 -3.40 8.06
CA ILE A 29 12.75 -3.06 8.63
C ILE A 29 12.60 -2.25 9.91
N MET A 30 11.61 -1.37 9.94
CA MET A 30 11.36 -0.53 11.12
C MET A 30 11.13 -1.39 12.34
N LEU A 31 10.22 -2.35 12.23
CA LEU A 31 9.90 -3.25 13.34
C LEU A 31 11.01 -4.27 13.53
N TRP A 32 11.77 -4.52 12.47
CA TRP A 32 12.87 -5.47 12.51
C TRP A 32 13.96 -4.99 13.48
N GLN A 33 14.01 -3.69 13.69
CA GLN A 33 15.01 -3.09 14.58
C GLN A 33 14.38 -2.69 15.92
N LYS A 34 13.13 -3.12 16.13
CA LYS A 34 12.43 -2.81 17.36
C LYS A 34 12.12 -4.08 18.14
N LYS A 35 11.25 -4.92 17.58
CA LYS A 35 10.87 -6.17 18.22
C LYS A 35 11.51 -7.36 17.50
N PRO A 36 12.38 -8.13 18.19
CA PRO A 36 13.05 -9.29 17.60
C PRO A 36 12.06 -10.26 16.94
N ARG A 37 12.51 -10.93 15.89
CA ARG A 37 11.67 -11.89 15.17
C ARG A 37 12.06 -13.32 15.49
N TYR A 38 11.07 -14.21 15.57
CA TYR A 38 11.32 -15.61 15.87
C TYR A 38 11.34 -16.46 14.60
N GLU A 39 12.42 -17.21 14.42
CA GLU A 39 12.56 -18.07 13.25
C GLU A 39 12.13 -19.49 13.56
N GLY B 1 -4.00 -5.92 -20.68
CA GLY B 1 -5.43 -5.91 -20.89
C GLY B 1 -5.84 -6.60 -22.17
N HIS B 2 -4.95 -7.43 -22.71
CA HIS B 2 -5.23 -8.16 -23.94
C HIS B 2 -5.71 -9.57 -23.64
N SER B 3 -5.90 -9.87 -22.36
CA SER B 3 -6.36 -11.19 -21.94
C SER B 3 -7.44 -11.07 -20.87
N LEU B 4 -7.03 -10.71 -19.65
CA LEU B 4 -7.97 -10.57 -18.55
C LEU B 4 -8.86 -9.34 -18.75
N PRO B 5 -10.07 -9.34 -18.15
CA PRO B 5 -11.00 -8.22 -18.28
C PRO B 5 -10.46 -6.95 -17.64
N PHE B 6 -10.93 -5.81 -18.12
CA PHE B 6 -10.50 -4.52 -17.60
C PHE B 6 -11.07 -4.28 -16.20
N LYS B 7 -12.09 -5.05 -15.85
CA LYS B 7 -12.75 -4.92 -14.56
C LYS B 7 -11.79 -5.21 -13.40
N VAL B 8 -11.02 -6.29 -13.52
CA VAL B 8 -10.07 -6.66 -12.47
C VAL B 8 -9.04 -5.56 -12.25
N VAL B 9 -8.66 -4.88 -13.32
CA VAL B 9 -7.68 -3.80 -13.23
C VAL B 9 -8.21 -2.64 -12.39
N VAL B 10 -9.40 -2.17 -12.73
CA VAL B 10 -10.03 -1.07 -12.00
C VAL B 10 -10.19 -1.39 -10.53
N ILE B 11 -10.81 -2.54 -10.25
CA ILE B 11 -11.05 -2.97 -8.87
C ILE B 11 -9.73 -3.09 -8.10
N SER B 12 -8.70 -3.59 -8.76
CA SER B 12 -7.40 -3.76 -8.14
C SER B 12 -6.75 -2.42 -7.84
N ALA B 13 -6.92 -1.47 -8.74
CA ALA B 13 -6.35 -0.14 -8.58
C ALA B 13 -7.01 0.60 -7.41
N ILE B 14 -8.33 0.75 -7.47
CA ILE B 14 -9.06 1.44 -6.42
C ILE B 14 -8.82 0.80 -5.05
N LEU B 15 -8.76 -0.52 -5.03
CA LEU B 15 -8.54 -1.26 -3.79
C LEU B 15 -7.12 -1.03 -3.28
N ALA B 16 -6.17 -0.89 -4.20
CA ALA B 16 -4.78 -0.66 -3.84
C ALA B 16 -4.59 0.69 -3.16
N LEU B 17 -5.32 1.69 -3.63
CA LEU B 17 -5.24 3.04 -3.07
C LEU B 17 -5.85 3.07 -1.67
N VAL B 18 -6.89 2.27 -1.46
CA VAL B 18 -7.56 2.20 -0.16
C VAL B 18 -6.67 1.55 0.89
N VAL B 19 -6.05 0.44 0.52
CA VAL B 19 -5.17 -0.29 1.43
C VAL B 19 -3.88 0.49 1.71
N LEU B 20 -3.41 1.24 0.70
CA LEU B 20 -2.18 2.01 0.86
C LEU B 20 -2.31 2.99 2.03
N THR B 21 -3.47 3.65 2.12
CA THR B 21 -3.71 4.60 3.20
C THR B 21 -3.78 3.87 4.54
N ILE B 22 -4.39 2.68 4.52
CA ILE B 22 -4.52 1.87 5.72
C ILE B 22 -3.16 1.46 6.25
N ILE B 23 -2.27 1.06 5.34
CA ILE B 23 -0.93 0.64 5.73
C ILE B 23 -0.20 1.79 6.43
N SER B 24 -0.42 3.00 5.96
CA SER B 24 0.20 4.19 6.53
C SER B 24 -0.41 4.54 7.88
N LEU B 25 -1.72 4.32 8.01
CA LEU B 25 -2.43 4.61 9.25
C LEU B 25 -1.95 3.73 10.38
N ILE B 26 -1.58 2.48 10.05
CA ILE B 26 -1.11 1.54 11.05
C ILE B 26 0.23 1.99 11.64
N ILE B 27 1.10 2.50 10.78
CA ILE B 27 2.42 2.97 11.22
C ILE B 27 2.29 4.22 12.08
N LEU B 28 1.39 5.11 11.68
CA LEU B 28 1.15 6.35 12.40
C LEU B 28 0.72 6.09 13.84
N ILE B 29 -0.33 5.29 14.01
CA ILE B 29 -0.84 4.97 15.33
C ILE B 29 0.15 4.11 16.12
N MET B 30 0.83 3.21 15.43
CA MET B 30 1.80 2.33 16.06
C MET B 30 2.92 3.13 16.72
N LEU B 31 3.42 4.12 16.00
CA LEU B 31 4.49 4.98 16.51
C LEU B 31 3.93 6.00 17.50
N TRP B 32 2.65 6.29 17.37
CA TRP B 32 1.98 7.25 18.25
C TRP B 32 1.88 6.72 19.67
N GLN B 33 1.74 5.39 19.79
CA GLN B 33 1.64 4.75 21.10
C GLN B 33 2.94 4.05 21.47
N LYS B 34 3.86 3.98 20.52
CA LYS B 34 5.16 3.34 20.74
C LYS B 34 5.00 1.88 21.16
N LYS B 35 4.82 1.66 22.46
CA LYS B 35 4.65 0.31 22.98
C LYS B 35 3.28 -0.25 22.64
N PRO B 36 3.18 -1.56 22.35
CA PRO B 36 1.90 -2.20 22.01
C PRO B 36 0.88 -2.06 23.13
N ARG B 37 -0.38 -2.39 22.82
CA ARG B 37 -1.44 -2.29 23.80
C ARG B 37 -2.01 -3.67 24.13
N TYR B 38 -2.25 -3.91 25.41
CA TYR B 38 -2.79 -5.19 25.86
C TYR B 38 -4.00 -4.96 26.76
N GLU B 39 -4.93 -5.92 26.75
CA GLU B 39 -6.14 -5.83 27.58
C GLU B 39 -6.90 -4.53 27.30
N GLY A 1 -21.20 10.41 -19.66
CA GLY A 1 -20.45 9.13 -19.81
C GLY A 1 -18.96 9.33 -19.94
N HIS A 2 -18.41 8.96 -21.09
CA HIS A 2 -16.97 9.09 -21.34
C HIS A 2 -16.16 8.31 -20.32
N SER A 3 -15.73 7.11 -20.71
CA SER A 3 -14.94 6.26 -19.83
C SER A 3 -13.47 6.33 -20.18
N LEU A 4 -12.61 6.23 -19.17
CA LEU A 4 -11.17 6.30 -19.37
C LEU A 4 -10.64 4.98 -19.94
N PRO A 5 -9.61 5.04 -20.81
CA PRO A 5 -9.02 3.83 -21.42
C PRO A 5 -8.30 2.96 -20.39
N PHE A 6 -8.22 1.66 -20.68
CA PHE A 6 -7.55 0.72 -19.81
C PHE A 6 -6.07 1.05 -19.66
N LYS A 7 -5.57 1.89 -20.56
CA LYS A 7 -4.17 2.28 -20.54
C LYS A 7 -3.78 2.90 -19.19
N VAL A 8 -4.53 3.91 -18.77
CA VAL A 8 -4.27 4.60 -17.51
C VAL A 8 -4.65 3.73 -16.31
N VAL A 9 -5.72 2.94 -16.47
CA VAL A 9 -6.19 2.08 -15.39
C VAL A 9 -5.12 1.07 -14.97
N VAL A 10 -4.55 0.38 -15.96
CA VAL A 10 -3.52 -0.63 -15.70
C VAL A 10 -2.27 -0.01 -15.09
N ILE A 11 -1.75 1.02 -15.73
CA ILE A 11 -0.54 1.70 -15.24
C ILE A 11 -0.73 2.20 -13.81
N SER A 12 -1.94 2.66 -13.51
CA SER A 12 -2.24 3.16 -12.17
C SER A 12 -2.32 2.02 -11.16
N ALA A 13 -2.90 0.90 -11.57
CA ALA A 13 -3.05 -0.25 -10.70
C ALA A 13 -1.69 -0.82 -10.31
N ILE A 14 -0.87 -1.12 -11.31
CA ILE A 14 0.46 -1.67 -11.08
C ILE A 14 1.28 -0.76 -10.17
N LEU A 15 1.31 0.52 -10.49
CA LEU A 15 2.06 1.50 -9.71
C LEU A 15 1.64 1.45 -8.24
N ALA A 16 0.34 1.48 -8.00
CA ALA A 16 -0.19 1.43 -6.64
C ALA A 16 0.18 0.13 -5.95
N LEU A 17 0.31 -0.94 -6.75
CA LEU A 17 0.67 -2.24 -6.21
C LEU A 17 2.14 -2.28 -5.81
N VAL A 18 2.97 -1.52 -6.52
CA VAL A 18 4.39 -1.47 -6.23
C VAL A 18 4.66 -0.68 -4.95
N VAL A 19 4.06 0.49 -4.85
CA VAL A 19 4.24 1.36 -3.68
C VAL A 19 3.77 0.65 -2.40
N LEU A 20 2.73 -0.17 -2.51
CA LEU A 20 2.21 -0.89 -1.34
C LEU A 20 3.32 -1.74 -0.72
N THR A 21 4.08 -2.42 -1.58
CA THR A 21 5.18 -3.25 -1.12
C THR A 21 6.30 -2.40 -0.54
N ILE A 22 6.46 -1.19 -1.08
CA ILE A 22 7.48 -0.27 -0.62
C ILE A 22 7.17 0.22 0.79
N ILE A 23 5.88 0.47 1.04
CA ILE A 23 5.45 0.95 2.34
C ILE A 23 5.69 -0.11 3.42
N SER A 24 5.27 -1.34 3.16
CA SER A 24 5.44 -2.44 4.09
C SER A 24 6.91 -2.83 4.24
N LEU A 25 7.71 -2.52 3.21
CA LEU A 25 9.13 -2.84 3.24
C LEU A 25 9.85 -2.04 4.31
N ILE A 26 9.59 -0.73 4.34
CA ILE A 26 10.21 0.15 5.32
C ILE A 26 9.84 -0.25 6.74
N ILE A 27 8.58 -0.64 6.93
CA ILE A 27 8.08 -1.05 8.23
C ILE A 27 8.68 -2.39 8.66
N LEU A 28 8.86 -3.28 7.69
CA LEU A 28 9.42 -4.60 7.96
C LEU A 28 10.78 -4.50 8.62
N ILE A 29 11.67 -3.71 8.03
CA ILE A 29 13.02 -3.54 8.56
C ILE A 29 13.01 -2.67 9.83
N MET A 30 12.17 -1.63 9.82
CA MET A 30 12.08 -0.74 10.98
C MET A 30 11.70 -1.51 12.23
N LEU A 31 10.77 -2.44 12.10
CA LEU A 31 10.33 -3.26 13.23
C LEU A 31 11.33 -4.37 13.47
N TRP A 32 12.05 -4.74 12.43
CA TRP A 32 13.05 -5.80 12.52
C TRP A 32 14.21 -5.37 13.42
N GLN A 33 14.42 -4.06 13.52
CA GLN A 33 15.48 -3.52 14.36
C GLN A 33 14.91 -2.93 15.64
N LYS A 34 13.63 -3.19 15.88
CA LYS A 34 12.96 -2.70 17.08
C LYS A 34 12.54 -3.87 17.98
N LYS A 35 12.64 -3.66 19.29
CA LYS A 35 12.28 -4.69 20.25
C LYS A 35 10.79 -5.04 20.17
N PRO A 36 10.44 -6.26 19.73
CA PRO A 36 9.05 -6.69 19.61
C PRO A 36 8.29 -6.59 20.94
N ARG A 37 6.97 -6.52 20.86
CA ARG A 37 6.13 -6.42 22.04
C ARG A 37 5.01 -7.44 22.00
N TYR A 38 4.95 -8.29 23.03
CA TYR A 38 3.91 -9.32 23.11
C TYR A 38 2.59 -8.73 23.58
N GLU A 39 1.49 -9.38 23.22
CA GLU A 39 0.16 -8.92 23.60
C GLU A 39 -0.76 -10.11 23.88
N GLY B 1 -2.71 -7.71 -21.05
CA GLY B 1 -2.98 -6.80 -22.14
C GLY B 1 -4.46 -6.58 -22.36
N HIS B 2 -4.98 -7.15 -23.44
CA HIS B 2 -6.40 -7.03 -23.77
C HIS B 2 -7.16 -8.27 -23.35
N SER B 3 -6.48 -9.42 -23.38
CA SER B 3 -7.09 -10.69 -23.00
C SER B 3 -7.56 -10.66 -21.56
N LEU B 4 -6.93 -9.80 -20.76
CA LEU B 4 -7.28 -9.67 -19.35
C LEU B 4 -8.45 -8.70 -19.16
N PRO B 5 -9.55 -9.16 -18.52
CA PRO B 5 -10.73 -8.32 -18.28
C PRO B 5 -10.36 -7.01 -17.59
N PHE B 6 -10.91 -5.91 -18.11
CA PHE B 6 -10.64 -4.59 -17.54
C PHE B 6 -11.33 -4.42 -16.19
N LYS B 7 -12.28 -5.29 -15.89
CA LYS B 7 -13.03 -5.21 -14.63
C LYS B 7 -12.13 -5.50 -13.43
N VAL B 8 -11.24 -6.49 -13.55
CA VAL B 8 -10.35 -6.86 -12.45
C VAL B 8 -9.26 -5.82 -12.20
N VAL B 9 -8.77 -5.19 -13.27
CA VAL B 9 -7.72 -4.20 -13.13
C VAL B 9 -8.23 -2.92 -12.45
N VAL B 10 -9.47 -2.55 -12.75
CA VAL B 10 -10.06 -1.35 -12.16
C VAL B 10 -10.28 -1.54 -10.66
N ILE B 11 -10.77 -2.72 -10.28
CA ILE B 11 -11.02 -3.04 -8.89
C ILE B 11 -9.72 -3.12 -8.10
N SER B 12 -8.67 -3.64 -8.73
CA SER B 12 -7.38 -3.76 -8.08
C SER B 12 -6.76 -2.39 -7.86
N ALA B 13 -6.92 -1.50 -8.83
CA ALA B 13 -6.38 -0.15 -8.74
C ALA B 13 -7.04 0.65 -7.62
N ILE B 14 -8.38 0.72 -7.66
CA ILE B 14 -9.13 1.46 -6.65
C ILE B 14 -8.87 0.90 -5.25
N LEU B 15 -8.84 -0.42 -5.13
CA LEU B 15 -8.60 -1.07 -3.85
C LEU B 15 -7.16 -0.85 -3.39
N ALA B 16 -6.25 -0.67 -4.36
CA ALA B 16 -4.85 -0.45 -4.04
C ALA B 16 -4.64 0.85 -3.27
N LEU B 17 -5.41 1.89 -3.64
CA LEU B 17 -5.32 3.17 -2.97
C LEU B 17 -5.94 3.10 -1.58
N VAL B 18 -7.00 2.32 -1.45
CA VAL B 18 -7.69 2.16 -0.18
C VAL B 18 -6.79 1.49 0.85
N VAL B 19 -6.05 0.47 0.42
CA VAL B 19 -5.15 -0.25 1.31
C VAL B 19 -3.89 0.56 1.60
N LEU B 20 -3.38 1.25 0.59
CA LEU B 20 -2.17 2.06 0.76
C LEU B 20 -2.38 3.12 1.84
N THR B 21 -3.62 3.56 1.99
CA THR B 21 -3.95 4.57 2.99
C THR B 21 -4.05 3.93 4.37
N ILE B 22 -4.65 2.75 4.43
CA ILE B 22 -4.80 2.02 5.69
C ILE B 22 -3.44 1.55 6.21
N ILE B 23 -2.57 1.15 5.31
CA ILE B 23 -1.24 0.68 5.68
C ILE B 23 -0.50 1.78 6.43
N SER B 24 -0.59 3.00 5.92
CA SER B 24 0.07 4.15 6.52
C SER B 24 -0.61 4.58 7.82
N LEU B 25 -1.93 4.43 7.87
CA LEU B 25 -2.69 4.80 9.06
C LEU B 25 -2.30 3.92 10.25
N ILE B 26 -2.09 2.63 9.99
CA ILE B 26 -1.71 1.70 11.04
C ILE B 26 -0.35 2.07 11.63
N ILE B 27 0.60 2.42 10.77
CA ILE B 27 1.94 2.79 11.20
C ILE B 27 1.91 4.11 11.97
N LEU B 28 1.06 5.03 11.51
CA LEU B 28 0.93 6.34 12.14
C LEU B 28 0.52 6.21 13.60
N ILE B 29 -0.57 5.48 13.85
CA ILE B 29 -1.07 5.29 15.20
C ILE B 29 -0.12 4.41 16.01
N MET B 30 0.52 3.45 15.34
CA MET B 30 1.45 2.54 16.01
C MET B 30 2.59 3.32 16.66
N LEU B 31 3.08 4.33 15.96
CA LEU B 31 4.17 5.16 16.47
C LEU B 31 3.64 6.23 17.42
N TRP B 32 2.37 6.59 17.26
CA TRP B 32 1.74 7.60 18.09
C TRP B 32 1.58 7.10 19.52
N GLN B 33 1.35 5.80 19.68
CA GLN B 33 1.18 5.19 21.00
C GLN B 33 2.46 4.51 21.45
N LYS B 34 3.55 4.75 20.73
CA LYS B 34 4.83 4.16 21.07
C LYS B 34 5.24 4.52 22.49
N LYS B 35 4.97 5.76 22.89
CA LYS B 35 5.32 6.23 24.23
C LYS B 35 4.45 5.55 25.29
N PRO B 36 5.06 4.79 26.21
CA PRO B 36 4.31 4.10 27.28
C PRO B 36 3.58 5.08 28.19
N ARG B 37 2.34 4.73 28.54
CA ARG B 37 1.53 5.57 29.41
C ARG B 37 0.96 4.76 30.57
N TYR B 38 0.94 5.37 31.75
CA TYR B 38 0.42 4.69 32.94
C TYR B 38 -0.83 5.40 33.46
N GLU B 39 -1.82 4.62 33.84
CA GLU B 39 -3.08 5.17 34.36
C GLU B 39 -3.01 5.34 35.87
N GLY A 1 -14.02 12.07 -18.40
CA GLY A 1 -14.41 12.52 -19.76
C GLY A 1 -15.45 11.63 -20.40
N HIS A 2 -15.08 10.99 -21.51
CA HIS A 2 -16.00 10.11 -22.22
C HIS A 2 -15.79 8.66 -21.78
N SER A 3 -14.66 8.08 -22.16
CA SER A 3 -14.34 6.71 -21.80
C SER A 3 -12.95 6.62 -21.18
N LEU A 4 -12.80 5.75 -20.19
CA LEU A 4 -11.53 5.57 -19.51
C LEU A 4 -10.77 4.37 -20.08
N PRO A 5 -9.70 4.61 -20.86
CA PRO A 5 -8.91 3.53 -21.47
C PRO A 5 -8.19 2.68 -20.42
N PHE A 6 -8.01 1.41 -20.73
CA PHE A 6 -7.35 0.48 -19.81
C PHE A 6 -5.90 0.89 -19.59
N LYS A 7 -5.39 1.74 -20.47
CA LYS A 7 -4.00 2.20 -20.37
C LYS A 7 -3.74 2.85 -19.02
N VAL A 8 -4.59 3.80 -18.65
CA VAL A 8 -4.44 4.52 -17.39
C VAL A 8 -4.79 3.63 -16.19
N VAL A 9 -5.78 2.76 -16.36
CA VAL A 9 -6.20 1.87 -15.27
C VAL A 9 -5.08 0.93 -14.87
N VAL A 10 -4.50 0.23 -15.84
CA VAL A 10 -3.43 -0.72 -15.57
C VAL A 10 -2.23 -0.05 -14.88
N ILE A 11 -1.71 0.99 -15.50
CA ILE A 11 -0.56 1.71 -14.94
C ILE A 11 -0.84 2.19 -13.52
N SER A 12 -2.08 2.58 -13.26
CA SER A 12 -2.46 3.07 -11.93
C SER A 12 -2.49 1.93 -10.92
N ALA A 13 -3.05 0.80 -11.32
CA ALA A 13 -3.15 -0.36 -10.45
C ALA A 13 -1.78 -0.91 -10.09
N ILE A 14 -0.95 -1.15 -11.11
CA ILE A 14 0.39 -1.67 -10.90
C ILE A 14 1.21 -0.75 -9.99
N LEU A 15 1.20 0.54 -10.31
CA LEU A 15 1.94 1.53 -9.53
C LEU A 15 1.57 1.44 -8.06
N ALA A 16 0.26 1.50 -7.78
CA ALA A 16 -0.22 1.42 -6.41
C ALA A 16 0.18 0.11 -5.75
N LEU A 17 0.30 -0.94 -6.57
CA LEU A 17 0.68 -2.26 -6.07
C LEU A 17 2.16 -2.27 -5.70
N VAL A 18 2.96 -1.48 -6.40
CA VAL A 18 4.39 -1.40 -6.14
C VAL A 18 4.68 -0.64 -4.85
N VAL A 19 4.01 0.51 -4.67
CA VAL A 19 4.20 1.32 -3.48
C VAL A 19 3.75 0.59 -2.23
N LEU A 20 2.74 -0.28 -2.38
CA LEU A 20 2.23 -1.05 -1.24
C LEU A 20 3.36 -1.89 -0.63
N THR A 21 4.19 -2.45 -1.50
CA THR A 21 5.32 -3.27 -1.06
C THR A 21 6.38 -2.39 -0.41
N ILE A 22 6.53 -1.18 -0.91
CA ILE A 22 7.51 -0.24 -0.39
C ILE A 22 7.10 0.26 1.00
N ILE A 23 5.80 0.44 1.20
CA ILE A 23 5.29 0.90 2.49
C ILE A 23 5.58 -0.13 3.58
N SER A 24 5.30 -1.40 3.26
CA SER A 24 5.52 -2.49 4.20
C SER A 24 7.00 -2.80 4.36
N LEU A 25 7.78 -2.50 3.32
CA LEU A 25 9.21 -2.75 3.34
C LEU A 25 9.91 -1.92 4.42
N ILE A 26 9.58 -0.64 4.47
CA ILE A 26 10.17 0.27 5.44
C ILE A 26 9.82 -0.15 6.87
N ILE A 27 8.59 -0.59 7.06
CA ILE A 27 8.12 -1.02 8.38
C ILE A 27 8.75 -2.35 8.79
N LEU A 28 8.93 -3.24 7.81
CA LEU A 28 9.51 -4.55 8.08
C LEU A 28 10.89 -4.41 8.70
N ILE A 29 11.69 -3.48 8.17
CA ILE A 29 13.03 -3.25 8.68
C ILE A 29 13.01 -2.40 9.95
N MET A 30 12.08 -1.43 10.00
CA MET A 30 11.95 -0.56 11.15
C MET A 30 11.66 -1.37 12.41
N LEU A 31 10.74 -2.32 12.29
CA LEU A 31 10.37 -3.18 13.42
C LEU A 31 11.45 -4.22 13.67
N TRP A 32 12.13 -4.62 12.61
CA TRP A 32 13.20 -5.60 12.70
C TRP A 32 14.32 -5.10 13.60
N GLN A 33 14.52 -3.79 13.60
CA GLN A 33 15.56 -3.16 14.42
C GLN A 33 14.93 -2.45 15.61
N LYS A 34 13.64 -2.64 15.81
CA LYS A 34 12.93 -2.02 16.92
C LYS A 34 12.89 -2.94 18.14
N LYS A 35 12.66 -4.23 17.88
CA LYS A 35 12.60 -5.22 18.95
C LYS A 35 13.90 -6.01 19.02
N PRO A 36 14.47 -6.17 20.23
CA PRO A 36 15.74 -6.91 20.43
C PRO A 36 15.66 -8.35 19.95
N ARG A 37 16.83 -8.95 19.74
CA ARG A 37 16.90 -10.33 19.29
C ARG A 37 17.90 -11.12 20.14
N TYR A 38 17.60 -12.41 20.35
CA TYR A 38 18.46 -13.26 21.16
C TYR A 38 18.84 -14.53 20.40
N GLU A 39 20.13 -14.65 20.10
CA GLU A 39 20.65 -15.82 19.38
C GLU A 39 19.92 -16.03 18.07
N GLY B 1 -7.31 -18.39 -21.73
CA GLY B 1 -7.19 -17.07 -22.34
C GLY B 1 -5.93 -16.33 -21.90
N HIS B 2 -5.48 -15.41 -22.73
CA HIS B 2 -4.28 -14.63 -22.41
C HIS B 2 -4.64 -13.17 -22.12
N SER B 3 -5.88 -12.81 -22.40
CA SER B 3 -6.36 -11.45 -22.17
C SER B 3 -7.35 -11.40 -21.01
N LEU B 4 -7.05 -10.59 -20.01
CA LEU B 4 -7.91 -10.45 -18.84
C LEU B 4 -8.83 -9.24 -19.00
N PRO B 5 -10.05 -9.31 -18.42
CA PRO B 5 -11.02 -8.20 -18.50
C PRO B 5 -10.52 -6.94 -17.81
N PHE B 6 -10.99 -5.79 -18.27
CA PHE B 6 -10.60 -4.52 -17.70
C PHE B 6 -11.22 -4.33 -16.32
N LYS B 7 -12.23 -5.13 -16.01
CA LYS B 7 -12.92 -5.06 -14.73
C LYS B 7 -11.96 -5.26 -13.56
N VAL B 8 -11.17 -6.32 -13.62
CA VAL B 8 -10.21 -6.63 -12.57
C VAL B 8 -9.21 -5.49 -12.38
N VAL B 9 -8.84 -4.85 -13.48
CA VAL B 9 -7.88 -3.75 -13.44
C VAL B 9 -8.42 -2.59 -12.59
N VAL B 10 -9.64 -2.16 -12.91
CA VAL B 10 -10.27 -1.06 -12.19
C VAL B 10 -10.40 -1.37 -10.70
N ILE B 11 -11.02 -2.51 -10.38
CA ILE B 11 -11.22 -2.90 -8.99
C ILE B 11 -9.88 -3.00 -8.25
N SER B 12 -8.85 -3.48 -8.95
CA SER B 12 -7.53 -3.62 -8.35
C SER B 12 -6.88 -2.27 -8.09
N ALA B 13 -7.09 -1.34 -9.02
CA ALA B 13 -6.52 0.00 -8.91
C ALA B 13 -7.13 0.77 -7.74
N ILE B 14 -8.44 0.89 -7.74
CA ILE B 14 -9.15 1.61 -6.68
C ILE B 14 -8.89 0.97 -5.32
N LEU B 15 -8.85 -0.36 -5.27
CA LEU B 15 -8.63 -1.08 -4.02
C LEU B 15 -7.20 -0.87 -3.52
N ALA B 16 -6.27 -0.73 -4.46
CA ALA B 16 -4.87 -0.53 -4.11
C ALA B 16 -4.67 0.80 -3.41
N LEU B 17 -5.48 1.79 -3.77
CA LEU B 17 -5.40 3.11 -3.16
C LEU B 17 -5.97 3.08 -1.75
N VAL B 18 -6.98 2.25 -1.54
CA VAL B 18 -7.61 2.12 -0.24
C VAL B 18 -6.68 1.44 0.76
N VAL B 19 -5.98 0.40 0.31
CA VAL B 19 -5.06 -0.33 1.16
C VAL B 19 -3.80 0.47 1.43
N LEU B 20 -3.44 1.36 0.50
CA LEU B 20 -2.25 2.19 0.66
C LEU B 20 -2.48 3.24 1.75
N THR B 21 -3.74 3.60 1.95
CA THR B 21 -4.09 4.58 2.97
C THR B 21 -4.21 3.92 4.32
N ILE B 22 -4.72 2.69 4.33
CA ILE B 22 -4.89 1.93 5.56
C ILE B 22 -3.55 1.44 6.07
N ILE B 23 -2.69 1.00 5.15
CA ILE B 23 -1.37 0.50 5.51
C ILE B 23 -0.54 1.60 6.17
N SER B 24 -0.72 2.84 5.70
CA SER B 24 -0.01 3.98 6.24
C SER B 24 -0.58 4.37 7.60
N LEU B 25 -1.90 4.27 7.74
CA LEU B 25 -2.57 4.61 9.00
C LEU B 25 -2.07 3.72 10.13
N ILE B 26 -1.92 2.43 9.85
CA ILE B 26 -1.44 1.48 10.85
C ILE B 26 -0.09 1.93 11.41
N ILE B 27 0.75 2.46 10.52
CA ILE B 27 2.07 2.94 10.91
C ILE B 27 1.95 4.20 11.76
N LEU B 28 1.01 5.07 11.39
CA LEU B 28 0.78 6.32 12.10
C LEU B 28 0.48 6.05 13.56
N ILE B 29 -0.55 5.24 13.82
CA ILE B 29 -0.95 4.90 15.18
C ILE B 29 0.12 4.08 15.88
N MET B 30 0.85 3.28 15.12
CA MET B 30 1.90 2.43 15.67
C MET B 30 2.96 3.28 16.37
N LEU B 31 3.40 4.34 15.71
CA LEU B 31 4.42 5.22 16.27
C LEU B 31 3.79 6.23 17.23
N TRP B 32 2.50 6.48 17.05
CA TRP B 32 1.78 7.43 17.91
C TRP B 32 1.70 6.91 19.34
N GLN B 33 1.57 5.59 19.48
CA GLN B 33 1.48 4.96 20.79
C GLN B 33 2.82 4.35 21.20
N LYS B 34 3.86 4.65 20.43
CA LYS B 34 5.20 4.14 20.71
C LYS B 34 6.26 5.22 20.50
N LYS B 35 6.77 5.75 21.61
CA LYS B 35 7.78 6.80 21.55
C LYS B 35 9.15 6.26 22.02
N PRO B 36 10.16 6.26 21.13
CA PRO B 36 11.50 5.76 21.46
C PRO B 36 12.25 6.70 22.41
N ARG B 37 12.72 6.15 23.52
CA ARG B 37 13.45 6.93 24.52
C ARG B 37 14.66 7.62 23.88
N TYR B 38 15.04 8.76 24.44
CA TYR B 38 16.17 9.53 23.91
C TYR B 38 17.34 9.49 24.89
N GLU B 39 18.51 9.14 24.39
CA GLU B 39 19.72 9.06 25.22
C GLU B 39 20.90 9.69 24.50
N GLY A 1 -17.53 12.94 -19.32
CA GLY A 1 -17.89 12.82 -20.76
C GLY A 1 -17.89 11.38 -21.24
N HIS A 2 -16.81 10.67 -20.97
CA HIS A 2 -16.68 9.27 -21.38
C HIS A 2 -15.73 8.52 -20.45
N SER A 3 -15.56 7.22 -20.71
CA SER A 3 -14.68 6.39 -19.90
C SER A 3 -13.25 6.40 -20.44
N LEU A 4 -12.28 6.29 -19.55
CA LEU A 4 -10.88 6.28 -19.94
C LEU A 4 -10.43 4.88 -20.35
N PRO A 5 -9.46 4.77 -21.27
CA PRO A 5 -8.95 3.48 -21.75
C PRO A 5 -8.33 2.65 -20.62
N PHE A 6 -8.11 1.38 -20.88
CA PHE A 6 -7.52 0.46 -19.91
C PHE A 6 -6.05 0.78 -19.67
N LYS A 7 -5.46 1.54 -20.58
CA LYS A 7 -4.06 1.91 -20.48
C LYS A 7 -3.75 2.62 -19.17
N VAL A 8 -4.56 3.62 -18.83
CA VAL A 8 -4.37 4.38 -17.60
C VAL A 8 -4.71 3.55 -16.37
N VAL A 9 -5.74 2.70 -16.50
CA VAL A 9 -6.17 1.85 -15.39
C VAL A 9 -5.08 0.88 -14.96
N VAL A 10 -4.46 0.23 -15.93
CA VAL A 10 -3.39 -0.74 -15.66
C VAL A 10 -2.17 -0.09 -15.02
N ILE A 11 -1.68 0.98 -15.65
CA ILE A 11 -0.50 1.67 -15.13
C ILE A 11 -0.72 2.17 -13.71
N SER A 12 -1.91 2.71 -13.45
CA SER A 12 -2.25 3.24 -12.13
C SER A 12 -2.37 2.11 -11.11
N ALA A 13 -2.95 0.99 -11.54
CA ALA A 13 -3.14 -0.15 -10.65
C ALA A 13 -1.81 -0.78 -10.26
N ILE A 14 -1.03 -1.19 -11.24
CA ILE A 14 0.26 -1.81 -11.00
C ILE A 14 1.16 -0.92 -10.13
N LEU A 15 1.23 0.36 -10.47
CA LEU A 15 2.04 1.31 -9.73
C LEU A 15 1.67 1.29 -8.25
N ALA A 16 0.38 1.16 -7.97
CA ALA A 16 -0.10 1.13 -6.59
C ALA A 16 0.42 -0.10 -5.86
N LEU A 17 0.49 -1.23 -6.56
CA LEU A 17 0.99 -2.47 -5.98
C LEU A 17 2.46 -2.31 -5.58
N VAL A 18 3.19 -1.55 -6.38
CA VAL A 18 4.60 -1.31 -6.12
C VAL A 18 4.78 -0.47 -4.85
N VAL A 19 3.89 0.50 -4.68
CA VAL A 19 3.93 1.38 -3.52
C VAL A 19 3.62 0.62 -2.24
N LEU A 20 2.61 -0.25 -2.28
CA LEU A 20 2.23 -1.03 -1.11
C LEU A 20 3.41 -1.86 -0.61
N THR A 21 4.18 -2.41 -1.55
CA THR A 21 5.34 -3.22 -1.21
C THR A 21 6.42 -2.36 -0.55
N ILE A 22 6.53 -1.12 -1.00
CA ILE A 22 7.52 -0.19 -0.44
C ILE A 22 7.11 0.29 0.94
N ILE A 23 5.80 0.49 1.13
CA ILE A 23 5.29 0.93 2.42
C ILE A 23 5.56 -0.10 3.50
N SER A 24 5.25 -1.36 3.18
CA SER A 24 5.45 -2.46 4.12
C SER A 24 6.94 -2.81 4.28
N LEU A 25 7.74 -2.47 3.27
CA LEU A 25 9.17 -2.75 3.30
C LEU A 25 9.85 -1.97 4.41
N ILE A 26 9.75 -0.65 4.34
CA ILE A 26 10.37 0.23 5.33
C ILE A 26 9.94 -0.14 6.75
N ILE A 27 8.67 -0.49 6.90
CA ILE A 27 8.14 -0.86 8.22
C ILE A 27 8.68 -2.21 8.68
N LEU A 28 8.85 -3.12 7.72
CA LEU A 28 9.37 -4.45 8.04
C LEU A 28 10.74 -4.36 8.70
N ILE A 29 11.60 -3.53 8.13
CA ILE A 29 12.94 -3.34 8.68
C ILE A 29 12.93 -2.42 9.89
N MET A 30 12.00 -1.45 9.88
CA MET A 30 11.87 -0.51 10.99
C MET A 30 11.58 -1.25 12.29
N LEU A 31 10.70 -2.24 12.20
CA LEU A 31 10.33 -3.05 13.36
C LEU A 31 11.40 -4.11 13.62
N TRP A 32 12.10 -4.49 12.56
CA TRP A 32 13.15 -5.51 12.66
C TRP A 32 14.27 -5.02 13.58
N GLN A 33 14.48 -3.71 13.62
CA GLN A 33 15.51 -3.12 14.45
C GLN A 33 14.90 -2.44 15.68
N LYS A 34 13.59 -2.58 15.83
CA LYS A 34 12.89 -1.98 16.96
C LYS A 34 12.76 -2.99 18.10
N LYS A 35 12.51 -4.24 17.74
CA LYS A 35 12.37 -5.31 18.73
C LYS A 35 13.48 -6.35 18.56
N PRO A 36 14.33 -6.55 19.59
CA PRO A 36 15.42 -7.52 19.53
C PRO A 36 14.92 -8.94 19.29
N ARG A 37 15.81 -9.81 18.82
CA ARG A 37 15.45 -11.19 18.55
C ARG A 37 15.67 -12.06 19.78
N TYR A 38 14.77 -13.02 19.98
CA TYR A 38 14.87 -13.93 21.13
C TYR A 38 14.38 -15.32 20.76
N GLU A 39 15.07 -16.34 21.27
CA GLU A 39 14.72 -17.73 21.00
C GLU A 39 14.72 -18.01 19.51
N GLY B 1 -0.74 -17.25 -22.62
CA GLY B 1 -1.13 -15.92 -23.04
C GLY B 1 -2.58 -15.61 -22.70
N HIS B 2 -2.86 -15.44 -21.42
CA HIS B 2 -4.22 -15.13 -20.96
C HIS B 2 -4.32 -13.69 -20.47
N SER B 3 -5.21 -12.92 -21.09
CA SER B 3 -5.41 -11.52 -20.72
C SER B 3 -6.67 -11.36 -19.89
N LEU B 4 -6.58 -10.56 -18.83
CA LEU B 4 -7.72 -10.31 -17.96
C LEU B 4 -8.51 -9.08 -18.42
N PRO B 5 -9.82 -9.03 -18.11
CA PRO B 5 -10.68 -7.91 -18.50
C PRO B 5 -10.29 -6.61 -17.78
N PHE B 6 -10.86 -5.49 -18.24
CA PHE B 6 -10.57 -4.20 -17.63
C PHE B 6 -11.22 -4.09 -16.26
N LYS B 7 -12.18 -4.96 -15.98
CA LYS B 7 -12.89 -4.95 -14.70
C LYS B 7 -11.94 -5.18 -13.54
N VAL B 8 -11.16 -6.27 -13.60
CA VAL B 8 -10.21 -6.59 -12.55
C VAL B 8 -9.22 -5.46 -12.33
N VAL B 9 -8.83 -4.78 -13.41
CA VAL B 9 -7.89 -3.67 -13.33
C VAL B 9 -8.45 -2.52 -12.51
N VAL B 10 -9.69 -2.14 -12.78
CA VAL B 10 -10.35 -1.06 -12.06
C VAL B 10 -10.47 -1.36 -10.58
N ILE B 11 -11.03 -2.52 -10.26
CA ILE B 11 -11.21 -2.92 -8.87
C ILE B 11 -9.86 -3.01 -8.15
N SER B 12 -8.84 -3.46 -8.85
CA SER B 12 -7.51 -3.59 -8.27
C SER B 12 -6.89 -2.22 -8.02
N ALA B 13 -7.12 -1.29 -8.93
CA ALA B 13 -6.58 0.05 -8.82
C ALA B 13 -7.17 0.80 -7.63
N ILE B 14 -8.50 0.87 -7.57
CA ILE B 14 -9.19 1.55 -6.48
C ILE B 14 -8.92 0.89 -5.13
N LEU B 15 -8.92 -0.45 -5.12
CA LEU B 15 -8.67 -1.19 -3.88
C LEU B 15 -7.25 -0.98 -3.40
N ALA B 16 -6.33 -0.81 -4.34
CA ALA B 16 -4.92 -0.59 -4.02
C ALA B 16 -4.72 0.74 -3.30
N LEU B 17 -5.49 1.75 -3.70
CA LEU B 17 -5.41 3.07 -3.08
C LEU B 17 -6.02 3.05 -1.69
N VAL B 18 -7.06 2.24 -1.53
CA VAL B 18 -7.74 2.12 -0.24
C VAL B 18 -6.82 1.47 0.80
N VAL B 19 -6.16 0.38 0.39
CA VAL B 19 -5.25 -0.33 1.29
C VAL B 19 -3.98 0.47 1.57
N LEU B 20 -3.55 1.27 0.59
CA LEU B 20 -2.35 2.08 0.75
C LEU B 20 -2.54 3.09 1.88
N THR B 21 -3.76 3.53 2.07
CA THR B 21 -4.08 4.48 3.12
C THR B 21 -4.19 3.78 4.47
N ILE B 22 -4.71 2.56 4.45
CA ILE B 22 -4.86 1.76 5.65
C ILE B 22 -3.50 1.38 6.21
N ILE B 23 -2.65 0.83 5.34
CA ILE B 23 -1.31 0.42 5.75
C ILE B 23 -0.54 1.60 6.33
N SER B 24 -0.83 2.80 5.82
CA SER B 24 -0.18 4.02 6.27
C SER B 24 -0.69 4.43 7.66
N LEU B 25 -2.01 4.30 7.86
CA LEU B 25 -2.62 4.66 9.13
C LEU B 25 -2.10 3.77 10.26
N ILE B 26 -1.93 2.49 9.96
CA ILE B 26 -1.43 1.54 10.95
C ILE B 26 -0.07 1.98 11.48
N ILE B 27 0.76 2.50 10.58
CA ILE B 27 2.10 2.95 10.95
C ILE B 27 2.02 4.17 11.86
N LEU B 28 1.17 5.13 11.49
CA LEU B 28 1.00 6.35 12.27
C LEU B 28 0.59 6.04 13.71
N ILE B 29 -0.53 5.34 13.86
CA ILE B 29 -1.04 4.99 15.19
C ILE B 29 -0.03 4.13 15.95
N MET B 30 0.72 3.31 15.22
CA MET B 30 1.72 2.44 15.84
C MET B 30 2.83 3.25 16.49
N LEU B 31 3.34 4.23 15.76
CA LEU B 31 4.41 5.09 16.27
C LEU B 31 3.87 6.09 17.28
N TRP B 32 2.58 6.39 17.17
CA TRP B 32 1.92 7.34 18.07
C TRP B 32 1.84 6.79 19.49
N GLN B 33 1.64 5.48 19.59
CA GLN B 33 1.53 4.83 20.90
C GLN B 33 2.88 4.27 21.34
N LYS B 34 3.93 4.63 20.62
CA LYS B 34 5.28 4.18 20.94
C LYS B 34 6.28 5.33 20.95
N LYS B 35 6.81 5.65 22.11
CA LYS B 35 7.77 6.73 22.26
C LYS B 35 9.20 6.20 22.12
N PRO B 36 10.15 7.05 21.65
CA PRO B 36 11.54 6.65 21.48
C PRO B 36 12.23 6.39 22.82
N ARG B 37 13.25 5.53 22.80
CA ARG B 37 13.98 5.20 24.02
C ARG B 37 15.26 6.03 24.11
N TYR B 38 15.63 6.39 25.33
CA TYR B 38 16.84 7.18 25.56
C TYR B 38 17.79 6.46 26.51
N GLU B 39 19.03 6.27 26.06
CA GLU B 39 20.04 5.60 26.88
C GLU B 39 21.44 6.06 26.49
N GLY A 1 -16.66 5.51 -27.36
CA GLY A 1 -17.59 5.74 -26.23
C GLY A 1 -16.87 5.81 -24.89
N HIS A 2 -15.86 4.97 -24.72
CA HIS A 2 -15.07 4.95 -23.48
C HIS A 2 -14.34 6.27 -23.28
N SER A 3 -14.20 6.67 -22.02
CA SER A 3 -13.51 7.91 -21.69
C SER A 3 -12.09 7.65 -21.19
N LEU A 4 -11.96 6.64 -20.34
CA LEU A 4 -10.65 6.27 -19.80
C LEU A 4 -10.23 4.88 -20.28
N PRO A 5 -9.34 4.80 -21.28
CA PRO A 5 -8.87 3.52 -21.81
C PRO A 5 -8.12 2.70 -20.77
N PHE A 6 -7.89 1.43 -21.08
CA PHE A 6 -7.18 0.53 -20.18
C PHE A 6 -5.75 1.00 -19.95
N LYS A 7 -5.28 1.91 -20.79
CA LYS A 7 -3.92 2.43 -20.68
C LYS A 7 -3.67 3.06 -19.32
N VAL A 8 -4.56 3.99 -18.92
CA VAL A 8 -4.43 4.66 -17.64
C VAL A 8 -4.76 3.73 -16.47
N VAL A 9 -5.72 2.84 -16.67
CA VAL A 9 -6.13 1.90 -15.63
C VAL A 9 -4.97 0.99 -15.20
N VAL A 10 -4.36 0.32 -16.17
CA VAL A 10 -3.26 -0.60 -15.91
C VAL A 10 -2.09 0.11 -15.23
N ILE A 11 -1.60 1.19 -15.83
CA ILE A 11 -0.48 1.93 -15.28
C ILE A 11 -0.72 2.36 -13.84
N SER A 12 -1.94 2.80 -13.56
CA SER A 12 -2.30 3.25 -12.21
C SER A 12 -2.39 2.07 -11.24
N ALA A 13 -2.92 0.95 -11.72
CA ALA A 13 -3.07 -0.24 -10.89
C ALA A 13 -1.72 -0.82 -10.48
N ILE A 14 -0.87 -1.09 -11.48
CA ILE A 14 0.46 -1.64 -11.23
C ILE A 14 1.24 -0.78 -10.25
N LEU A 15 1.30 0.52 -10.53
CA LEU A 15 2.03 1.45 -9.67
C LEU A 15 1.54 1.37 -8.23
N ALA A 16 0.23 1.15 -8.07
CA ALA A 16 -0.36 1.04 -6.74
C ALA A 16 0.14 -0.20 -6.01
N LEU A 17 0.42 -1.26 -6.78
CA LEU A 17 0.93 -2.50 -6.21
C LEU A 17 2.37 -2.33 -5.77
N VAL A 18 3.10 -1.49 -6.49
CA VAL A 18 4.51 -1.24 -6.19
C VAL A 18 4.66 -0.48 -4.88
N VAL A 19 3.89 0.59 -4.74
CA VAL A 19 3.95 1.42 -3.52
C VAL A 19 3.54 0.62 -2.29
N LEU A 20 2.60 -0.32 -2.46
CA LEU A 20 2.15 -1.13 -1.34
C LEU A 20 3.34 -1.89 -0.73
N THR A 21 4.25 -2.31 -1.60
CA THR A 21 5.44 -3.04 -1.17
C THR A 21 6.46 -2.08 -0.55
N ILE A 22 6.50 -0.86 -1.08
CA ILE A 22 7.43 0.16 -0.59
C ILE A 22 7.05 0.57 0.83
N ILE A 23 5.76 0.72 1.08
CA ILE A 23 5.27 1.12 2.38
C ILE A 23 5.46 0.00 3.39
N SER A 24 5.25 -1.24 2.95
CA SER A 24 5.40 -2.41 3.82
C SER A 24 6.88 -2.69 4.09
N LEU A 25 7.74 -2.30 3.16
CA LEU A 25 9.18 -2.51 3.30
C LEU A 25 9.72 -1.68 4.46
N ILE A 26 9.19 -0.47 4.62
CA ILE A 26 9.64 0.42 5.68
C ILE A 26 9.24 -0.13 7.04
N ILE A 27 8.02 -0.67 7.13
CA ILE A 27 7.52 -1.23 8.38
C ILE A 27 8.25 -2.51 8.73
N LEU A 28 8.57 -3.31 7.72
CA LEU A 28 9.26 -4.58 7.91
C LEU A 28 10.60 -4.37 8.59
N ILE A 29 11.38 -3.40 8.09
CA ILE A 29 12.69 -3.11 8.65
C ILE A 29 12.57 -2.32 9.95
N MET A 30 11.59 -1.42 10.01
CA MET A 30 11.38 -0.59 11.19
C MET A 30 11.10 -1.46 12.41
N LEU A 31 10.27 -2.49 12.22
CA LEU A 31 9.92 -3.40 13.30
C LEU A 31 11.03 -4.43 13.50
N TRP A 32 11.76 -4.72 12.43
CA TRP A 32 12.85 -5.68 12.49
C TRP A 32 13.95 -5.19 13.44
N GLN A 33 14.11 -3.88 13.51
CA GLN A 33 15.11 -3.27 14.36
C GLN A 33 14.47 -2.67 15.61
N LYS A 34 13.19 -2.98 15.81
CA LYS A 34 12.46 -2.47 16.97
C LYS A 34 12.43 -3.51 18.09
N LYS A 35 11.93 -4.69 17.77
CA LYS A 35 11.84 -5.77 18.75
C LYS A 35 13.16 -6.55 18.80
N PRO A 36 13.44 -7.23 19.93
CA PRO A 36 14.68 -8.00 20.09
C PRO A 36 14.82 -9.08 19.02
N ARG A 37 16.03 -9.19 18.46
CA ARG A 37 16.30 -10.17 17.43
C ARG A 37 16.33 -11.58 18.01
N TYR A 38 15.85 -12.55 17.22
CA TYR A 38 15.81 -13.94 17.67
C TYR A 38 16.93 -14.74 17.03
N GLU A 39 17.32 -15.83 17.70
CA GLU A 39 18.38 -16.70 17.19
C GLU A 39 18.03 -18.16 17.41
N GLY B 1 -6.19 -17.54 -16.11
CA GLY B 1 -5.60 -16.66 -17.10
C GLY B 1 -6.37 -16.67 -18.42
N HIS B 2 -5.65 -16.44 -19.52
CA HIS B 2 -6.25 -16.41 -20.84
C HIS B 2 -7.36 -15.36 -20.94
N SER B 3 -6.98 -14.16 -21.39
CA SER B 3 -7.91 -13.05 -21.55
C SER B 3 -8.54 -12.68 -20.20
N LEU B 4 -8.09 -11.55 -19.64
CA LEU B 4 -8.60 -11.09 -18.36
C LEU B 4 -9.45 -9.84 -18.53
N PRO B 5 -10.61 -9.75 -17.83
CA PRO B 5 -11.50 -8.59 -17.91
C PRO B 5 -10.84 -7.30 -17.44
N PHE B 6 -11.27 -6.18 -18.00
CA PHE B 6 -10.71 -4.88 -17.63
C PHE B 6 -11.17 -4.48 -16.24
N LYS B 7 -12.24 -5.10 -15.76
CA LYS B 7 -12.78 -4.80 -14.45
C LYS B 7 -11.80 -5.23 -13.36
N VAL B 8 -10.95 -6.21 -13.69
CA VAL B 8 -9.97 -6.70 -12.74
C VAL B 8 -8.94 -5.61 -12.42
N VAL B 9 -8.60 -4.80 -13.42
CA VAL B 9 -7.65 -3.71 -13.23
C VAL B 9 -8.25 -2.59 -12.39
N VAL B 10 -9.47 -2.19 -12.73
CA VAL B 10 -10.17 -1.13 -12.02
C VAL B 10 -10.31 -1.47 -10.54
N ILE B 11 -10.86 -2.65 -10.24
CA ILE B 11 -11.05 -3.07 -8.86
C ILE B 11 -9.72 -3.11 -8.12
N SER B 12 -8.66 -3.46 -8.84
CA SER B 12 -7.32 -3.54 -8.26
C SER B 12 -6.79 -2.16 -7.91
N ALA B 13 -7.06 -1.19 -8.80
CA ALA B 13 -6.59 0.18 -8.59
C ALA B 13 -7.27 0.81 -7.37
N ILE B 14 -8.60 0.78 -7.36
CA ILE B 14 -9.36 1.35 -6.26
C ILE B 14 -8.98 0.71 -4.92
N LEU B 15 -9.03 -0.61 -4.87
CA LEU B 15 -8.69 -1.35 -3.65
C LEU B 15 -7.25 -1.08 -3.23
N ALA B 16 -6.36 -0.90 -4.20
CA ALA B 16 -4.96 -0.65 -3.91
C ALA B 16 -4.76 0.68 -3.19
N LEU B 17 -5.51 1.70 -3.61
CA LEU B 17 -5.42 3.01 -2.97
C LEU B 17 -6.05 2.99 -1.60
N VAL B 18 -7.08 2.15 -1.45
CA VAL B 18 -7.78 2.03 -0.18
C VAL B 18 -6.88 1.37 0.87
N VAL B 19 -6.15 0.34 0.46
CA VAL B 19 -5.26 -0.36 1.36
C VAL B 19 -3.99 0.43 1.64
N LEU B 20 -3.50 1.16 0.64
CA LEU B 20 -2.29 1.96 0.79
C LEU B 20 -2.45 2.95 1.94
N THR B 21 -3.64 3.50 2.07
CA THR B 21 -3.92 4.46 3.14
C THR B 21 -3.98 3.73 4.47
N ILE B 22 -4.39 2.47 4.42
CA ILE B 22 -4.51 1.64 5.62
C ILE B 22 -3.12 1.24 6.12
N ILE B 23 -2.20 0.97 5.19
CA ILE B 23 -0.85 0.58 5.55
C ILE B 23 -0.16 1.72 6.32
N SER B 24 -0.39 2.95 5.85
CA SER B 24 0.21 4.13 6.47
C SER B 24 -0.44 4.45 7.80
N LEU B 25 -1.76 4.29 7.89
CA LEU B 25 -2.49 4.56 9.12
C LEU B 25 -1.97 3.70 10.27
N ILE B 26 -1.66 2.44 9.97
CA ILE B 26 -1.17 1.52 10.98
C ILE B 26 0.17 2.02 11.54
N ILE B 27 1.03 2.53 10.65
CA ILE B 27 2.32 3.05 11.06
C ILE B 27 2.17 4.27 11.95
N LEU B 28 1.25 5.16 11.57
CA LEU B 28 0.99 6.38 12.32
C LEU B 28 0.65 6.07 13.77
N ILE B 29 -0.40 5.29 13.98
CA ILE B 29 -0.83 4.94 15.32
C ILE B 29 0.24 4.13 16.05
N MET B 30 0.99 3.33 15.30
CA MET B 30 2.05 2.51 15.86
C MET B 30 3.09 3.37 16.58
N LEU B 31 3.58 4.40 15.89
CA LEU B 31 4.59 5.29 16.45
C LEU B 31 3.97 6.27 17.44
N TRP B 32 2.66 6.51 17.31
CA TRP B 32 1.96 7.43 18.20
C TRP B 32 1.84 6.85 19.60
N GLN B 33 1.60 5.55 19.69
CA GLN B 33 1.46 4.88 20.97
C GLN B 33 2.81 4.39 21.49
N LYS B 34 3.88 4.81 20.82
CA LYS B 34 5.23 4.42 21.21
C LYS B 34 5.66 5.14 22.49
N LYS B 35 5.32 6.43 22.56
CA LYS B 35 5.67 7.24 23.73
C LYS B 35 4.89 6.78 24.96
N PRO B 36 5.47 6.91 26.16
CA PRO B 36 4.82 6.51 27.40
C PRO B 36 3.70 7.44 27.81
N ARG B 37 2.65 6.88 28.40
CA ARG B 37 1.51 7.66 28.84
C ARG B 37 1.68 8.10 30.28
N TYR B 38 1.38 9.36 30.56
CA TYR B 38 1.50 9.91 31.91
C TYR B 38 0.51 11.05 32.13
N GLU B 39 -0.02 11.13 33.35
CA GLU B 39 -0.98 12.16 33.70
C GLU B 39 -0.27 13.39 34.27
N GLY A 1 -17.64 7.86 -13.54
CA GLY A 1 -17.94 6.74 -14.47
C GLY A 1 -16.74 6.33 -15.30
N HIS A 2 -17.00 5.79 -16.49
CA HIS A 2 -15.93 5.36 -17.37
C HIS A 2 -15.79 6.32 -18.56
N SER A 3 -14.64 6.97 -18.65
CA SER A 3 -14.39 7.91 -19.74
C SER A 3 -12.92 7.87 -20.16
N LEU A 4 -12.09 7.22 -19.36
CA LEU A 4 -10.66 7.11 -19.65
C LEU A 4 -10.30 5.71 -20.14
N PRO A 5 -9.27 5.59 -20.99
CA PRO A 5 -8.83 4.29 -21.52
C PRO A 5 -8.29 3.37 -20.42
N PHE A 6 -8.15 2.09 -20.75
CA PHE A 6 -7.63 1.11 -19.80
C PHE A 6 -6.15 1.32 -19.55
N LYS A 7 -5.49 2.06 -20.43
CA LYS A 7 -4.07 2.33 -20.30
C LYS A 7 -3.75 3.03 -18.99
N VAL A 8 -4.53 4.07 -18.68
CA VAL A 8 -4.32 4.84 -17.45
C VAL A 8 -4.71 4.00 -16.22
N VAL A 9 -5.74 3.19 -16.38
CA VAL A 9 -6.22 2.34 -15.28
C VAL A 9 -5.17 1.32 -14.87
N VAL A 10 -4.62 0.61 -15.84
CA VAL A 10 -3.61 -0.41 -15.57
C VAL A 10 -2.37 0.19 -14.92
N ILE A 11 -1.79 1.19 -15.57
CA ILE A 11 -0.60 1.86 -15.06
C ILE A 11 -0.80 2.34 -13.63
N SER A 12 -2.02 2.79 -13.33
CA SER A 12 -2.34 3.29 -11.99
C SER A 12 -2.43 2.13 -10.99
N ALA A 13 -3.01 1.02 -11.42
CA ALA A 13 -3.17 -0.15 -10.57
C ALA A 13 -1.81 -0.74 -10.19
N ILE A 14 -1.01 -1.08 -11.19
CA ILE A 14 0.30 -1.66 -10.97
C ILE A 14 1.15 -0.76 -10.08
N LEU A 15 1.13 0.54 -10.38
CA LEU A 15 1.91 1.50 -9.60
C LEU A 15 1.54 1.45 -8.12
N ALA A 16 0.24 1.48 -7.84
CA ALA A 16 -0.26 1.42 -6.48
C ALA A 16 0.13 0.11 -5.80
N LEU A 17 0.24 -0.94 -6.61
CA LEU A 17 0.60 -2.26 -6.09
C LEU A 17 2.07 -2.31 -5.70
N VAL A 18 2.90 -1.56 -6.42
CA VAL A 18 4.34 -1.52 -6.13
C VAL A 18 4.62 -0.74 -4.86
N VAL A 19 4.00 0.43 -4.71
CA VAL A 19 4.20 1.27 -3.54
C VAL A 19 3.73 0.55 -2.27
N LEU A 20 2.73 -0.32 -2.42
CA LEU A 20 2.20 -1.07 -1.27
C LEU A 20 3.31 -1.93 -0.65
N THR A 21 4.17 -2.47 -1.52
CA THR A 21 5.28 -3.30 -1.06
C THR A 21 6.39 -2.44 -0.48
N ILE A 22 6.51 -1.23 -0.99
CA ILE A 22 7.53 -0.29 -0.51
C ILE A 22 7.22 0.17 0.91
N ILE A 23 5.96 0.51 1.16
CA ILE A 23 5.53 0.97 2.48
C ILE A 23 5.69 -0.13 3.52
N SER A 24 5.30 -1.35 3.16
CA SER A 24 5.39 -2.48 4.07
C SER A 24 6.84 -2.93 4.26
N LEU A 25 7.68 -2.62 3.26
CA LEU A 25 9.09 -2.99 3.32
C LEU A 25 9.81 -2.22 4.41
N ILE A 26 9.70 -0.89 4.36
CA ILE A 26 10.34 -0.03 5.34
C ILE A 26 9.91 -0.40 6.75
N ILE A 27 8.63 -0.72 6.92
CA ILE A 27 8.10 -1.10 8.22
C ILE A 27 8.64 -2.46 8.66
N LEU A 28 8.79 -3.36 7.69
CA LEU A 28 9.30 -4.70 7.98
C LEU A 28 10.68 -4.63 8.60
N ILE A 29 11.57 -3.86 7.97
CA ILE A 29 12.94 -3.71 8.46
C ILE A 29 12.96 -2.85 9.72
N MET A 30 12.04 -1.91 9.81
CA MET A 30 11.94 -1.02 10.96
C MET A 30 11.65 -1.81 12.23
N LEU A 31 10.66 -2.70 12.15
CA LEU A 31 10.28 -3.52 13.30
C LEU A 31 11.31 -4.63 13.53
N TRP A 32 11.88 -5.14 12.45
CA TRP A 32 12.89 -6.20 12.55
C TRP A 32 14.11 -5.69 13.30
N GLN A 33 14.37 -4.39 13.18
CA GLN A 33 15.51 -3.78 13.85
C GLN A 33 15.05 -3.03 15.10
N LYS A 34 13.75 -3.05 15.35
CA LYS A 34 13.18 -2.37 16.51
C LYS A 34 13.44 -0.87 16.46
N LYS A 35 14.60 -0.46 16.96
CA LYS A 35 14.97 0.95 16.98
C LYS A 35 15.09 1.51 15.56
N PRO A 36 14.90 2.83 15.39
CA PRO A 36 14.99 3.47 14.08
C PRO A 36 16.32 3.18 13.38
N ARG A 37 16.37 3.42 12.08
CA ARG A 37 17.58 3.17 11.30
C ARG A 37 18.48 4.40 11.32
N TYR A 38 19.76 4.18 11.65
CA TYR A 38 20.73 5.27 11.71
C TYR A 38 22.14 4.74 11.47
N GLU A 39 22.80 5.27 10.43
CA GLU A 39 24.15 4.85 10.10
C GLU A 39 25.02 6.06 9.78
N GLY B 1 3.54 -10.96 -19.56
CA GLY B 1 3.07 -12.27 -19.12
C GLY B 1 1.59 -12.30 -18.85
N HIS B 2 1.23 -12.33 -17.57
CA HIS B 2 -0.18 -12.36 -17.17
C HIS B 2 -0.75 -10.95 -17.10
N SER B 3 -1.56 -10.59 -18.08
CA SER B 3 -2.18 -9.26 -18.12
C SER B 3 -3.29 -9.14 -17.09
N LEU B 4 -3.88 -7.96 -17.00
CA LEU B 4 -4.96 -7.70 -16.05
C LEU B 4 -6.26 -7.38 -16.80
N PRO B 5 -7.30 -8.22 -16.63
CA PRO B 5 -8.59 -7.99 -17.30
C PRO B 5 -9.16 -6.61 -17.03
N PHE B 6 -10.20 -6.26 -17.78
CA PHE B 6 -10.86 -4.96 -17.64
C PHE B 6 -11.51 -4.80 -16.28
N LYS B 7 -12.35 -5.76 -15.91
CA LYS B 7 -13.04 -5.71 -14.63
C LYS B 7 -12.10 -5.93 -13.46
N VAL B 8 -11.09 -6.77 -13.66
CA VAL B 8 -10.12 -7.07 -12.61
C VAL B 8 -9.18 -5.90 -12.32
N VAL B 9 -8.74 -5.22 -13.38
CA VAL B 9 -7.82 -4.09 -13.22
C VAL B 9 -8.48 -2.91 -12.50
N VAL B 10 -9.75 -2.67 -12.80
CA VAL B 10 -10.47 -1.56 -12.18
C VAL B 10 -10.66 -1.79 -10.69
N ILE B 11 -11.00 -3.02 -10.32
CA ILE B 11 -11.20 -3.37 -8.92
C ILE B 11 -9.88 -3.39 -8.16
N SER B 12 -8.81 -3.76 -8.86
CA SER B 12 -7.48 -3.81 -8.26
C SER B 12 -6.94 -2.41 -7.98
N ALA B 13 -7.21 -1.48 -8.90
CA ALA B 13 -6.75 -0.11 -8.77
C ALA B 13 -7.45 0.59 -7.60
N ILE B 14 -8.77 0.62 -7.63
CA ILE B 14 -9.55 1.26 -6.58
C ILE B 14 -9.20 0.69 -5.20
N LEU B 15 -9.04 -0.62 -5.13
CA LEU B 15 -8.71 -1.27 -3.87
C LEU B 15 -7.30 -0.93 -3.41
N ALA B 16 -6.37 -0.88 -4.37
CA ALA B 16 -4.98 -0.57 -4.06
C ALA B 16 -4.84 0.76 -3.32
N LEU B 17 -5.51 1.79 -3.84
CA LEU B 17 -5.44 3.12 -3.22
C LEU B 17 -6.00 3.08 -1.80
N VAL B 18 -7.03 2.28 -1.59
CA VAL B 18 -7.64 2.15 -0.27
C VAL B 18 -6.71 1.43 0.70
N VAL B 19 -5.99 0.42 0.20
CA VAL B 19 -5.07 -0.34 1.02
C VAL B 19 -3.88 0.51 1.46
N LEU B 20 -3.31 1.25 0.52
CA LEU B 20 -2.16 2.10 0.83
C LEU B 20 -2.50 3.09 1.94
N THR B 21 -3.73 3.59 1.92
CA THR B 21 -4.17 4.54 2.94
C THR B 21 -4.21 3.86 4.30
N ILE B 22 -4.73 2.63 4.33
CA ILE B 22 -4.81 1.88 5.57
C ILE B 22 -3.42 1.55 6.09
N ILE B 23 -2.54 1.11 5.19
CA ILE B 23 -1.17 0.77 5.55
C ILE B 23 -0.49 1.96 6.21
N SER B 24 -0.78 3.16 5.72
CA SER B 24 -0.20 4.38 6.25
C SER B 24 -0.77 4.71 7.63
N LEU B 25 -2.08 4.52 7.79
CA LEU B 25 -2.74 4.80 9.06
C LEU B 25 -2.19 3.93 10.17
N ILE B 26 -1.91 2.67 9.85
CA ILE B 26 -1.37 1.74 10.84
C ILE B 26 -0.04 2.23 11.40
N ILE B 27 0.83 2.68 10.50
CA ILE B 27 2.15 3.19 10.90
C ILE B 27 2.02 4.46 11.73
N LEU B 28 1.09 5.33 11.35
CA LEU B 28 0.88 6.58 12.04
C LEU B 28 0.51 6.36 13.51
N ILE B 29 -0.56 5.60 13.73
CA ILE B 29 -1.03 5.31 15.09
C ILE B 29 -0.01 4.47 15.84
N MET B 30 0.70 3.61 15.12
CA MET B 30 1.71 2.76 15.74
C MET B 30 2.82 3.58 16.38
N LEU B 31 3.32 4.57 15.64
CA LEU B 31 4.38 5.43 16.13
C LEU B 31 3.83 6.50 17.08
N TRP B 32 2.54 6.80 16.95
CA TRP B 32 1.89 7.80 17.79
C TRP B 32 1.81 7.32 19.24
N GLN B 33 1.62 6.02 19.42
CA GLN B 33 1.52 5.44 20.75
C GLN B 33 2.85 4.84 21.18
N LYS B 34 3.80 4.78 20.26
CA LYS B 34 5.12 4.22 20.56
C LYS B 34 6.02 5.28 21.18
N LYS B 35 6.10 5.29 22.50
CA LYS B 35 6.92 6.26 23.21
C LYS B 35 8.26 5.65 23.61
N PRO B 36 9.38 6.39 23.40
CA PRO B 36 10.72 5.89 23.74
C PRO B 36 10.93 5.79 25.24
N ARG B 37 11.27 4.58 25.71
CA ARG B 37 11.50 4.35 27.13
C ARG B 37 12.94 3.93 27.39
N TYR B 38 13.58 4.59 28.34
CA TYR B 38 14.97 4.28 28.68
C TYR B 38 15.07 3.74 30.10
N GLU B 39 15.96 2.77 30.30
CA GLU B 39 16.16 2.17 31.62
C GLU B 39 17.49 2.60 32.22
N GLY A 1 -17.82 12.00 -25.51
CA GLY A 1 -17.04 10.97 -26.24
C GLY A 1 -15.60 10.89 -25.80
N HIS A 2 -15.39 10.65 -24.51
CA HIS A 2 -14.05 10.56 -23.95
C HIS A 2 -13.58 9.11 -23.89
N SER A 3 -14.24 8.32 -23.06
CA SER A 3 -13.90 6.90 -22.90
C SER A 3 -12.45 6.75 -22.45
N LEU A 4 -12.24 6.67 -21.15
CA LEU A 4 -10.90 6.52 -20.59
C LEU A 4 -10.29 5.19 -21.05
N PRO A 5 -9.11 5.23 -21.70
CA PRO A 5 -8.44 4.02 -22.19
C PRO A 5 -8.05 3.07 -21.05
N PHE A 6 -7.97 1.78 -21.37
CA PHE A 6 -7.62 0.77 -20.37
C PHE A 6 -6.17 0.92 -19.94
N LYS A 7 -5.37 1.59 -20.76
CA LYS A 7 -3.96 1.79 -20.46
C LYS A 7 -3.78 2.55 -19.16
N VAL A 8 -4.56 3.61 -18.97
CA VAL A 8 -4.47 4.40 -17.75
C VAL A 8 -4.84 3.55 -16.52
N VAL A 9 -5.80 2.65 -16.71
CA VAL A 9 -6.23 1.78 -15.63
C VAL A 9 -5.12 0.83 -15.20
N VAL A 10 -4.41 0.28 -16.19
CA VAL A 10 -3.32 -0.65 -15.93
C VAL A 10 -2.15 0.04 -15.24
N ILE A 11 -1.71 1.16 -15.79
CA ILE A 11 -0.59 1.91 -15.22
C ILE A 11 -0.87 2.31 -13.78
N SER A 12 -2.12 2.67 -13.50
CA SER A 12 -2.53 3.09 -12.16
C SER A 12 -2.58 1.89 -11.21
N ALA A 13 -3.04 0.75 -11.72
CA ALA A 13 -3.14 -0.46 -10.90
C ALA A 13 -1.76 -0.97 -10.51
N ILE A 14 -0.91 -1.21 -11.52
CA ILE A 14 0.44 -1.71 -11.28
C ILE A 14 1.20 -0.81 -10.31
N LEU A 15 1.16 0.49 -10.58
CA LEU A 15 1.85 1.46 -9.73
C LEU A 15 1.37 1.35 -8.29
N ALA A 16 0.09 1.04 -8.12
CA ALA A 16 -0.50 0.90 -6.79
C ALA A 16 0.10 -0.30 -6.05
N LEU A 17 0.45 -1.34 -6.80
CA LEU A 17 1.05 -2.54 -6.20
C LEU A 17 2.48 -2.27 -5.75
N VAL A 18 3.15 -1.38 -6.47
CA VAL A 18 4.53 -1.03 -6.15
C VAL A 18 4.61 -0.25 -4.83
N VAL A 19 3.77 0.77 -4.70
CA VAL A 19 3.75 1.60 -3.50
C VAL A 19 3.36 0.80 -2.26
N LEU A 20 2.50 -0.21 -2.45
CA LEU A 20 2.05 -1.04 -1.34
C LEU A 20 3.21 -1.88 -0.82
N THR A 21 4.12 -2.26 -1.73
CA THR A 21 5.28 -3.06 -1.36
C THR A 21 6.34 -2.18 -0.72
N ILE A 22 6.46 -0.94 -1.20
CA ILE A 22 7.42 0.00 -0.65
C ILE A 22 7.02 0.44 0.75
N ILE A 23 5.75 0.73 0.93
CA ILE A 23 5.24 1.17 2.23
C ILE A 23 5.36 0.04 3.26
N SER A 24 5.15 -1.19 2.81
CA SER A 24 5.24 -2.35 3.68
C SER A 24 6.70 -2.67 4.01
N LEU A 25 7.58 -2.39 3.06
CA LEU A 25 9.01 -2.63 3.25
C LEU A 25 9.56 -1.80 4.40
N ILE A 26 9.09 -0.56 4.51
CA ILE A 26 9.53 0.34 5.57
C ILE A 26 9.14 -0.19 6.95
N ILE A 27 7.92 -0.72 7.05
CA ILE A 27 7.43 -1.26 8.31
C ILE A 27 8.17 -2.53 8.69
N LEU A 28 8.51 -3.33 7.69
CA LEU A 28 9.21 -4.59 7.92
C LEU A 28 10.55 -4.34 8.60
N ILE A 29 11.38 -3.50 7.99
CA ILE A 29 12.70 -3.18 8.53
C ILE A 29 12.60 -2.37 9.81
N MET A 30 11.64 -1.45 9.86
CA MET A 30 11.44 -0.62 11.04
C MET A 30 11.19 -1.48 12.27
N LEU A 31 10.24 -2.40 12.15
CA LEU A 31 9.89 -3.30 13.25
C LEU A 31 11.00 -4.32 13.47
N TRP A 32 11.76 -4.60 12.42
CA TRP A 32 12.85 -5.57 12.48
C TRP A 32 13.99 -5.03 13.35
N GLN A 33 14.01 -3.72 13.56
CA GLN A 33 15.04 -3.08 14.37
C GLN A 33 14.53 -2.75 15.77
N LYS A 34 13.36 -3.27 16.11
CA LYS A 34 12.78 -3.04 17.43
C LYS A 34 12.07 -4.29 17.96
N LYS A 35 12.06 -5.34 17.14
CA LYS A 35 11.43 -6.60 17.54
C LYS A 35 12.44 -7.52 18.24
N PRO A 36 12.05 -8.12 19.38
CA PRO A 36 12.93 -9.02 20.13
C PRO A 36 13.42 -10.18 19.28
N ARG A 37 14.72 -10.46 19.36
CA ARG A 37 15.32 -11.55 18.59
C ARG A 37 15.20 -12.87 19.36
N TYR A 38 14.93 -13.95 18.64
CA TYR A 38 14.79 -15.26 19.26
C TYR A 38 15.55 -16.32 18.46
N GLU A 39 16.48 -17.01 19.12
CA GLU A 39 17.26 -18.04 18.46
C GLU A 39 16.46 -19.34 18.34
N GLY B 1 -9.06 -18.12 -20.53
CA GLY B 1 -8.29 -17.19 -21.33
C GLY B 1 -6.98 -16.82 -20.68
N HIS B 2 -6.20 -15.96 -21.35
CA HIS B 2 -4.91 -15.52 -20.83
C HIS B 2 -5.02 -14.09 -20.29
N SER B 3 -5.40 -13.16 -21.15
CA SER B 3 -5.53 -11.77 -20.76
C SER B 3 -6.73 -11.56 -19.85
N LEU B 4 -6.55 -10.74 -18.82
CA LEU B 4 -7.63 -10.46 -17.87
C LEU B 4 -8.43 -9.23 -18.30
N PRO B 5 -9.74 -9.20 -17.98
CA PRO B 5 -10.61 -8.07 -18.33
C PRO B 5 -10.22 -6.79 -17.58
N PHE B 6 -10.79 -5.66 -18.02
CA PHE B 6 -10.50 -4.38 -17.40
C PHE B 6 -11.15 -4.28 -16.02
N LYS B 7 -12.11 -5.17 -15.76
CA LYS B 7 -12.82 -5.19 -14.49
C LYS B 7 -11.85 -5.37 -13.32
N VAL B 8 -11.00 -6.38 -13.41
CA VAL B 8 -10.03 -6.67 -12.36
C VAL B 8 -9.04 -5.52 -12.18
N VAL B 9 -8.69 -4.85 -13.29
CA VAL B 9 -7.75 -3.75 -13.25
C VAL B 9 -8.29 -2.59 -12.39
N VAL B 10 -9.52 -2.18 -12.69
CA VAL B 10 -10.15 -1.09 -11.96
C VAL B 10 -10.31 -1.41 -10.48
N ILE B 11 -10.83 -2.60 -10.18
CA ILE B 11 -11.05 -3.03 -8.81
C ILE B 11 -9.73 -3.11 -8.04
N SER B 12 -8.68 -3.57 -8.73
CA SER B 12 -7.37 -3.70 -8.11
C SER B 12 -6.74 -2.34 -7.85
N ALA B 13 -6.93 -1.41 -8.80
CA ALA B 13 -6.37 -0.07 -8.68
C ALA B 13 -7.00 0.71 -7.54
N ILE B 14 -8.33 0.66 -7.45
CA ILE B 14 -9.05 1.38 -6.40
C ILE B 14 -8.84 0.73 -5.03
N LEU B 15 -8.80 -0.59 -5.00
CA LEU B 15 -8.60 -1.32 -3.74
C LEU B 15 -7.20 -1.09 -3.20
N ALA B 16 -6.22 -1.05 -4.10
CA ALA B 16 -4.84 -0.84 -3.70
C ALA B 16 -4.63 0.53 -3.06
N LEU B 17 -5.36 1.52 -3.55
CA LEU B 17 -5.27 2.88 -3.01
C LEU B 17 -5.93 2.95 -1.64
N VAL B 18 -6.97 2.13 -1.45
CA VAL B 18 -7.69 2.09 -0.19
C VAL B 18 -6.81 1.46 0.91
N VAL B 19 -6.13 0.38 0.56
CA VAL B 19 -5.27 -0.31 1.51
C VAL B 19 -3.99 0.49 1.78
N LEU B 20 -3.52 1.22 0.77
CA LEU B 20 -2.30 2.02 0.92
C LEU B 20 -2.45 3.00 2.07
N THR B 21 -3.62 3.63 2.16
CA THR B 21 -3.89 4.59 3.22
C THR B 21 -3.96 3.87 4.56
N ILE B 22 -4.40 2.62 4.54
CA ILE B 22 -4.51 1.82 5.74
C ILE B 22 -3.13 1.39 6.25
N ILE B 23 -2.26 1.03 5.32
CA ILE B 23 -0.91 0.62 5.68
C ILE B 23 -0.17 1.75 6.38
N SER B 24 -0.37 2.97 5.89
CA SER B 24 0.27 4.15 6.47
C SER B 24 -0.35 4.51 7.81
N LEU B 25 -1.68 4.35 7.91
CA LEU B 25 -2.39 4.67 9.14
C LEU B 25 -1.89 3.80 10.30
N ILE B 26 -1.64 2.53 10.00
CA ILE B 26 -1.15 1.60 11.02
C ILE B 26 0.19 2.07 11.59
N ILE B 27 1.05 2.59 10.72
CA ILE B 27 2.36 3.08 11.15
C ILE B 27 2.22 4.30 12.05
N LEU B 28 1.27 5.17 11.71
CA LEU B 28 1.03 6.38 12.48
C LEU B 28 0.67 6.05 13.93
N ILE B 29 -0.40 5.28 14.10
CA ILE B 29 -0.85 4.90 15.43
C ILE B 29 0.22 4.12 16.19
N MET B 30 0.94 3.26 15.46
CA MET B 30 1.99 2.45 16.06
C MET B 30 3.04 3.33 16.73
N LEU B 31 3.54 4.30 15.99
CA LEU B 31 4.56 5.21 16.51
C LEU B 31 3.95 6.23 17.47
N TRP B 32 2.65 6.45 17.34
CA TRP B 32 1.95 7.40 18.20
C TRP B 32 1.91 6.92 19.65
N GLN B 33 1.72 5.62 19.83
CA GLN B 33 1.65 5.03 21.16
C GLN B 33 3.00 4.44 21.57
N LYS B 34 4.01 4.59 20.71
CA LYS B 34 5.34 4.06 21.01
C LYS B 34 6.16 5.08 21.79
N LYS B 35 6.20 6.32 21.29
CA LYS B 35 6.94 7.38 21.94
C LYS B 35 6.10 8.02 23.06
N PRO B 36 6.56 7.92 24.33
CA PRO B 36 5.83 8.49 25.46
C PRO B 36 5.94 10.02 25.50
N ARG B 37 5.02 10.65 26.23
CA ARG B 37 5.01 12.10 26.36
C ARG B 37 5.47 12.53 27.74
N TYR B 38 6.50 13.37 27.78
CA TYR B 38 7.04 13.86 29.05
C TYR B 38 6.43 15.20 29.42
N GLU B 39 6.15 15.38 30.70
CA GLU B 39 5.55 16.63 31.19
C GLU B 39 6.62 17.55 31.78
N GLY A 1 -18.12 14.29 -21.01
CA GLY A 1 -17.97 12.96 -20.36
C GLY A 1 -17.25 11.96 -21.25
N HIS A 2 -15.94 11.81 -21.05
CA HIS A 2 -15.14 10.89 -21.82
C HIS A 2 -14.51 9.82 -20.94
N SER A 3 -14.32 8.62 -21.49
CA SER A 3 -13.73 7.52 -20.75
C SER A 3 -12.27 7.32 -21.14
N LEU A 4 -11.43 7.05 -20.14
CA LEU A 4 -10.01 6.83 -20.38
C LEU A 4 -9.74 5.40 -20.83
N PRO A 5 -8.74 5.20 -21.70
CA PRO A 5 -8.38 3.87 -22.21
C PRO A 5 -7.91 2.93 -21.09
N PHE A 6 -7.85 1.64 -21.39
CA PHE A 6 -7.42 0.65 -20.41
C PHE A 6 -5.95 0.87 -20.03
N LYS A 7 -5.25 1.63 -20.86
CA LYS A 7 -3.84 1.92 -20.62
C LYS A 7 -3.64 2.63 -19.27
N VAL A 8 -4.45 3.67 -19.03
CA VAL A 8 -4.36 4.42 -17.79
C VAL A 8 -4.76 3.57 -16.59
N VAL A 9 -5.73 2.70 -16.79
CA VAL A 9 -6.22 1.82 -15.73
C VAL A 9 -5.13 0.87 -15.25
N VAL A 10 -4.41 0.27 -16.21
CA VAL A 10 -3.34 -0.66 -15.90
C VAL A 10 -2.16 0.03 -15.22
N ILE A 11 -1.64 1.08 -15.87
CA ILE A 11 -0.50 1.81 -15.33
C ILE A 11 -0.77 2.29 -13.91
N SER A 12 -2.00 2.70 -13.64
CA SER A 12 -2.39 3.18 -12.32
C SER A 12 -2.44 2.03 -11.32
N ALA A 13 -2.99 0.90 -11.76
CA ALA A 13 -3.12 -0.28 -10.91
C ALA A 13 -1.76 -0.82 -10.49
N ILE A 14 -0.92 -1.15 -11.48
CA ILE A 14 0.41 -1.68 -11.21
C ILE A 14 1.20 -0.74 -10.32
N LEU A 15 1.17 0.55 -10.65
CA LEU A 15 1.89 1.55 -9.86
C LEU A 15 1.49 1.49 -8.40
N ALA A 16 0.21 1.26 -8.14
CA ALA A 16 -0.30 1.17 -6.79
C ALA A 16 0.28 -0.04 -6.06
N LEU A 17 0.36 -1.17 -6.75
CA LEU A 17 0.90 -2.38 -6.17
C LEU A 17 2.36 -2.19 -5.76
N VAL A 18 3.09 -1.42 -6.57
CA VAL A 18 4.49 -1.15 -6.29
C VAL A 18 4.63 -0.34 -5.01
N VAL A 19 3.77 0.67 -4.85
CA VAL A 19 3.80 1.53 -3.68
C VAL A 19 3.50 0.74 -2.40
N LEU A 20 2.53 -0.16 -2.47
CA LEU A 20 2.16 -0.97 -1.31
C LEU A 20 3.36 -1.75 -0.80
N THR A 21 4.15 -2.29 -1.72
CA THR A 21 5.34 -3.06 -1.36
C THR A 21 6.36 -2.15 -0.67
N ILE A 22 6.40 -0.89 -1.09
CA ILE A 22 7.32 0.08 -0.51
C ILE A 22 6.90 0.44 0.91
N ILE A 23 5.61 0.69 1.10
CA ILE A 23 5.09 1.04 2.41
C ILE A 23 5.32 -0.09 3.41
N SER A 24 5.01 -1.31 2.99
CA SER A 24 5.18 -2.49 3.85
C SER A 24 6.65 -2.78 4.12
N LEU A 25 7.50 -2.46 3.15
CA LEU A 25 8.95 -2.70 3.29
C LEU A 25 9.52 -1.88 4.44
N ILE A 26 9.16 -0.61 4.49
CA ILE A 26 9.65 0.29 5.54
C ILE A 26 9.19 -0.20 6.92
N ILE A 27 7.96 -0.69 6.99
CA ILE A 27 7.42 -1.20 8.25
C ILE A 27 8.14 -2.46 8.69
N LEU A 28 8.48 -3.32 7.72
CA LEU A 28 9.17 -4.57 8.02
C LEU A 28 10.52 -4.30 8.66
N ILE A 29 11.27 -3.35 8.10
CA ILE A 29 12.59 -3.02 8.62
C ILE A 29 12.49 -2.21 9.92
N MET A 30 11.57 -1.25 9.95
CA MET A 30 11.38 -0.41 11.12
C MET A 30 11.02 -1.26 12.34
N LEU A 31 10.21 -2.29 12.12
CA LEU A 31 9.81 -3.18 13.21
C LEU A 31 10.89 -4.22 13.49
N TRP A 32 11.66 -4.56 12.45
CA TRP A 32 12.73 -5.52 12.58
C TRP A 32 13.80 -5.02 13.54
N GLN A 33 13.99 -3.70 13.56
CA GLN A 33 14.97 -3.08 14.44
C GLN A 33 14.28 -2.39 15.62
N LYS A 34 12.96 -2.24 15.52
CA LYS A 34 12.18 -1.61 16.58
C LYS A 34 12.64 -0.16 16.80
N LYS A 35 13.42 0.36 15.86
CA LYS A 35 13.92 1.72 15.94
C LYS A 35 13.26 2.62 14.89
N PRO A 36 13.15 3.93 15.17
CA PRO A 36 12.54 4.89 14.24
C PRO A 36 13.45 5.23 13.07
N ARG A 37 12.85 5.39 11.89
CA ARG A 37 13.61 5.73 10.69
C ARG A 37 13.06 6.98 10.02
N TYR A 38 13.95 7.84 9.53
CA TYR A 38 13.55 9.08 8.89
C TYR A 38 14.20 9.22 7.52
N GLU A 39 13.55 9.97 6.63
CA GLU A 39 14.07 10.18 5.28
C GLU A 39 14.34 11.66 5.03
N GLY B 1 -12.78 -7.20 -26.62
CA GLY B 1 -12.65 -8.66 -26.58
C GLY B 1 -11.22 -9.09 -26.37
N HIS B 2 -11.05 -10.36 -26.00
CA HIS B 2 -9.71 -10.91 -25.76
C HIS B 2 -8.96 -10.11 -24.70
N SER B 3 -7.67 -10.36 -24.57
CA SER B 3 -6.84 -9.66 -23.59
C SER B 3 -7.37 -9.88 -22.18
N LEU B 4 -6.80 -9.16 -21.21
CA LEU B 4 -7.22 -9.29 -19.82
C LEU B 4 -8.41 -8.38 -19.53
N PRO B 5 -9.36 -8.86 -18.70
CA PRO B 5 -10.56 -8.07 -18.34
C PRO B 5 -10.22 -6.79 -17.60
N PHE B 6 -10.82 -5.68 -18.02
CA PHE B 6 -10.58 -4.39 -17.39
C PHE B 6 -11.22 -4.33 -16.01
N LYS B 7 -12.18 -5.22 -15.75
CA LYS B 7 -12.88 -5.26 -14.47
C LYS B 7 -11.90 -5.46 -13.32
N VAL B 8 -11.03 -6.47 -13.44
CA VAL B 8 -10.05 -6.77 -12.40
C VAL B 8 -9.10 -5.59 -12.17
N VAL B 9 -8.76 -4.89 -13.25
CA VAL B 9 -7.85 -3.76 -13.15
C VAL B 9 -8.45 -2.64 -12.30
N VAL B 10 -9.69 -2.27 -12.61
CA VAL B 10 -10.37 -1.21 -11.88
C VAL B 10 -10.50 -1.54 -10.39
N ILE B 11 -10.95 -2.76 -10.10
CA ILE B 11 -11.13 -3.20 -8.72
C ILE B 11 -9.79 -3.26 -7.98
N SER B 12 -8.74 -3.66 -8.70
CA SER B 12 -7.41 -3.76 -8.11
C SER B 12 -6.84 -2.37 -7.80
N ALA B 13 -7.09 -1.43 -8.69
CA ALA B 13 -6.61 -0.06 -8.52
C ALA B 13 -7.29 0.62 -7.32
N ILE B 14 -8.61 0.66 -7.35
CA ILE B 14 -9.38 1.29 -6.28
C ILE B 14 -9.05 0.68 -4.91
N LEU B 15 -8.91 -0.65 -4.89
CA LEU B 15 -8.60 -1.35 -3.65
C LEU B 15 -7.18 -1.05 -3.18
N ALA B 16 -6.27 -0.91 -4.13
CA ALA B 16 -4.87 -0.63 -3.83
C ALA B 16 -4.72 0.71 -3.12
N LEU B 17 -5.52 1.70 -3.53
CA LEU B 17 -5.47 3.02 -2.92
C LEU B 17 -6.03 2.99 -1.51
N VAL B 18 -7.01 2.12 -1.28
CA VAL B 18 -7.63 1.99 0.03
C VAL B 18 -6.66 1.40 1.04
N VAL B 19 -5.94 0.36 0.62
CA VAL B 19 -4.98 -0.31 1.49
C VAL B 19 -3.74 0.53 1.70
N LEU B 20 -3.47 1.46 0.79
CA LEU B 20 -2.30 2.32 0.90
C LEU B 20 -2.46 3.30 2.06
N THR B 21 -3.70 3.71 2.32
CA THR B 21 -3.98 4.63 3.41
C THR B 21 -4.07 3.88 4.74
N ILE B 22 -4.62 2.67 4.68
CA ILE B 22 -4.75 1.84 5.87
C ILE B 22 -3.39 1.33 6.33
N ILE B 23 -2.56 0.95 5.37
CA ILE B 23 -1.23 0.44 5.68
C ILE B 23 -0.37 1.53 6.33
N SER B 24 -0.55 2.77 5.86
CA SER B 24 0.19 3.90 6.40
C SER B 24 -0.33 4.29 7.78
N LEU B 25 -1.64 4.24 7.95
CA LEU B 25 -2.26 4.59 9.23
C LEU B 25 -1.74 3.70 10.34
N ILE B 26 -1.50 2.43 10.03
CA ILE B 26 -0.98 1.49 11.00
C ILE B 26 0.35 1.96 11.56
N ILE B 27 1.18 2.51 10.68
CA ILE B 27 2.50 3.03 11.07
C ILE B 27 2.35 4.24 11.99
N LEU B 28 1.44 5.13 11.61
CA LEU B 28 1.20 6.35 12.39
C LEU B 28 0.85 6.02 13.84
N ILE B 29 -0.22 5.24 14.02
CA ILE B 29 -0.67 4.87 15.35
C ILE B 29 0.39 4.05 16.09
N MET B 30 1.09 3.19 15.35
CA MET B 30 2.14 2.36 15.94
C MET B 30 3.24 3.23 16.53
N LEU B 31 3.61 4.29 15.82
CA LEU B 31 4.65 5.20 16.26
C LEU B 31 4.10 6.20 17.27
N TRP B 32 2.79 6.43 17.22
CA TRP B 32 2.15 7.37 18.13
C TRP B 32 2.14 6.83 19.56
N GLN B 33 2.08 5.51 19.68
CA GLN B 33 2.08 4.85 20.98
C GLN B 33 3.47 4.30 21.30
N LYS B 34 4.44 4.69 20.47
CA LYS B 34 5.82 4.24 20.66
C LYS B 34 6.39 4.78 21.96
N LYS B 35 6.48 6.10 22.07
CA LYS B 35 7.01 6.75 23.26
C LYS B 35 5.88 7.32 24.13
N PRO B 36 5.66 6.76 25.33
CA PRO B 36 4.61 7.22 26.23
C PRO B 36 4.99 8.51 26.96
N ARG B 37 4.19 9.55 26.78
CA ARG B 37 4.45 10.84 27.43
C ARG B 37 3.90 10.87 28.84
N TYR B 38 4.67 11.46 29.76
CA TYR B 38 4.27 11.55 31.16
C TYR B 38 3.43 12.81 31.39
N GLU B 39 2.41 12.68 32.23
CA GLU B 39 1.53 13.81 32.54
C GLU B 39 1.97 14.51 33.82
N GLY A 1 -15.49 5.08 -30.25
CA GLY A 1 -15.02 6.13 -29.30
C GLY A 1 -14.65 5.56 -27.95
N HIS A 2 -13.52 6.03 -27.40
CA HIS A 2 -13.04 5.57 -26.11
C HIS A 2 -13.11 6.69 -25.07
N SER A 3 -13.79 6.43 -23.97
CA SER A 3 -13.92 7.41 -22.89
C SER A 3 -12.87 7.18 -21.82
N LEU A 4 -12.83 5.97 -21.27
CA LEU A 4 -11.86 5.63 -20.23
C LEU A 4 -10.87 4.58 -20.74
N PRO A 5 -9.68 5.01 -21.22
CA PRO A 5 -8.66 4.10 -21.74
C PRO A 5 -8.09 3.19 -20.64
N PHE A 6 -8.00 1.89 -20.95
CA PHE A 6 -7.48 0.93 -20.00
C PHE A 6 -5.99 1.16 -19.76
N LYS A 7 -5.37 1.94 -20.64
CA LYS A 7 -3.94 2.24 -20.52
C LYS A 7 -3.62 2.89 -19.18
N VAL A 8 -4.35 3.96 -18.85
CA VAL A 8 -4.14 4.67 -17.60
C VAL A 8 -4.57 3.83 -16.40
N VAL A 9 -5.63 3.05 -16.57
CA VAL A 9 -6.14 2.20 -15.50
C VAL A 9 -5.10 1.19 -15.04
N VAL A 10 -4.54 0.45 -15.99
CA VAL A 10 -3.53 -0.57 -15.69
C VAL A 10 -2.27 0.04 -15.09
N ILE A 11 -1.76 1.10 -15.71
CA ILE A 11 -0.55 1.76 -15.23
C ILE A 11 -0.73 2.27 -13.80
N SER A 12 -1.93 2.78 -13.50
CA SER A 12 -2.22 3.30 -12.18
C SER A 12 -2.32 2.18 -11.15
N ALA A 13 -2.92 1.06 -11.56
CA ALA A 13 -3.09 -0.08 -10.68
C ALA A 13 -1.74 -0.70 -10.30
N ILE A 14 -0.98 -1.10 -11.31
CA ILE A 14 0.32 -1.71 -11.09
C ILE A 14 1.22 -0.82 -10.23
N LEU A 15 1.18 0.48 -10.51
CA LEU A 15 1.98 1.44 -9.76
C LEU A 15 1.63 1.41 -8.28
N ALA A 16 0.35 1.26 -7.98
CA ALA A 16 -0.12 1.22 -6.61
C ALA A 16 0.41 0.00 -5.87
N LEU A 17 0.47 -1.13 -6.59
CA LEU A 17 0.97 -2.36 -6.01
C LEU A 17 2.44 -2.22 -5.61
N VAL A 18 3.21 -1.53 -6.45
CA VAL A 18 4.62 -1.31 -6.18
C VAL A 18 4.79 -0.48 -4.91
N VAL A 19 3.87 0.45 -4.68
CA VAL A 19 3.91 1.32 -3.51
C VAL A 19 3.56 0.55 -2.24
N LEU A 20 2.57 -0.34 -2.34
CA LEU A 20 2.15 -1.13 -1.18
C LEU A 20 3.33 -1.93 -0.63
N THR A 21 4.17 -2.42 -1.53
CA THR A 21 5.34 -3.20 -1.12
C THR A 21 6.39 -2.31 -0.48
N ILE A 22 6.64 -1.15 -1.09
CA ILE A 22 7.63 -0.21 -0.57
C ILE A 22 7.25 0.26 0.82
N ILE A 23 5.97 0.55 1.02
CA ILE A 23 5.48 1.01 2.30
C ILE A 23 5.62 -0.08 3.36
N SER A 24 5.27 -1.31 2.97
CA SER A 24 5.36 -2.46 3.87
C SER A 24 6.81 -2.89 4.09
N LEU A 25 7.69 -2.47 3.19
CA LEU A 25 9.12 -2.82 3.29
C LEU A 25 9.82 -1.98 4.35
N ILE A 26 9.72 -0.67 4.22
CA ILE A 26 10.36 0.24 5.16
C ILE A 26 9.90 -0.03 6.60
N ILE A 27 8.62 -0.31 6.77
CA ILE A 27 8.08 -0.59 8.09
C ILE A 27 8.55 -1.95 8.60
N LEU A 28 8.67 -2.91 7.69
CA LEU A 28 9.12 -4.25 8.05
C LEU A 28 10.49 -4.20 8.70
N ILE A 29 11.42 -3.46 8.07
CA ILE A 29 12.76 -3.32 8.60
C ILE A 29 12.77 -2.47 9.85
N MET A 30 11.86 -1.50 9.91
CA MET A 30 11.75 -0.62 11.06
C MET A 30 11.46 -1.41 12.33
N LEU A 31 10.49 -2.33 12.24
CA LEU A 31 10.12 -3.16 13.38
C LEU A 31 11.14 -4.27 13.59
N TRP A 32 11.82 -4.66 12.52
CA TRP A 32 12.84 -5.71 12.59
C TRP A 32 14.00 -5.28 13.48
N GLN A 33 14.24 -3.98 13.53
CA GLN A 33 15.32 -3.43 14.33
C GLN A 33 14.81 -2.83 15.64
N LYS A 34 13.53 -3.08 15.94
CA LYS A 34 12.93 -2.57 17.16
C LYS A 34 12.41 -3.72 18.03
N LYS A 35 12.17 -3.43 19.30
CA LYS A 35 11.68 -4.43 20.23
C LYS A 35 10.17 -4.64 20.07
N PRO A 36 9.74 -5.83 19.61
CA PRO A 36 8.32 -6.13 19.41
C PRO A 36 7.54 -6.23 20.73
N ARG A 37 6.27 -5.88 20.68
CA ARG A 37 5.41 -5.94 21.87
C ARG A 37 4.58 -7.21 21.86
N TYR A 38 4.77 -8.05 22.87
CA TYR A 38 4.04 -9.31 22.98
C TYR A 38 2.78 -9.13 23.83
N GLU A 39 1.62 -9.39 23.24
CA GLU A 39 0.35 -9.27 23.93
C GLU A 39 -0.07 -10.60 24.54
N GLY B 1 -13.14 -7.17 -21.92
CA GLY B 1 -12.53 -6.64 -23.13
C GLY B 1 -12.35 -7.69 -24.21
N HIS B 2 -11.14 -7.83 -24.72
CA HIS B 2 -10.85 -8.80 -25.77
C HIS B 2 -9.86 -9.85 -25.27
N SER B 3 -8.82 -9.40 -24.57
CA SER B 3 -7.81 -10.31 -24.05
C SER B 3 -8.10 -10.67 -22.60
N LEU B 4 -7.94 -9.70 -21.70
CA LEU B 4 -8.19 -9.92 -20.29
C LEU B 4 -9.28 -8.98 -19.78
N PRO B 5 -10.03 -9.39 -18.73
CA PRO B 5 -11.10 -8.57 -18.16
C PRO B 5 -10.58 -7.29 -17.51
N PHE B 6 -11.02 -6.15 -18.03
CA PHE B 6 -10.61 -4.85 -17.50
C PHE B 6 -11.26 -4.58 -16.15
N LYS B 7 -12.31 -5.35 -15.85
CA LYS B 7 -13.03 -5.20 -14.60
C LYS B 7 -12.15 -5.56 -13.41
N VAL B 8 -11.22 -6.48 -13.62
CA VAL B 8 -10.31 -6.93 -12.57
C VAL B 8 -9.27 -5.87 -12.22
N VAL B 9 -8.71 -5.23 -13.25
CA VAL B 9 -7.69 -4.20 -13.04
C VAL B 9 -8.28 -2.94 -12.42
N VAL B 10 -9.52 -2.62 -12.77
CA VAL B 10 -10.18 -1.43 -12.24
C VAL B 10 -10.43 -1.56 -10.73
N ILE B 11 -11.05 -2.67 -10.34
CA ILE B 11 -11.35 -2.92 -8.94
C ILE B 11 -10.06 -3.04 -8.12
N SER B 12 -9.03 -3.59 -8.74
CA SER B 12 -7.75 -3.78 -8.08
C SER B 12 -7.05 -2.43 -7.86
N ALA B 13 -7.18 -1.54 -8.84
CA ALA B 13 -6.57 -0.22 -8.77
C ALA B 13 -7.12 0.58 -7.60
N ILE B 14 -8.43 0.77 -7.58
CA ILE B 14 -9.08 1.53 -6.51
C ILE B 14 -8.82 0.92 -5.14
N LEU B 15 -8.89 -0.41 -5.05
CA LEU B 15 -8.66 -1.11 -3.80
C LEU B 15 -7.21 -0.95 -3.35
N ALA B 16 -6.32 -0.78 -4.32
CA ALA B 16 -4.90 -0.62 -4.03
C ALA B 16 -4.63 0.68 -3.29
N LEU B 17 -5.34 1.74 -3.67
CA LEU B 17 -5.18 3.05 -3.03
C LEU B 17 -5.82 3.05 -1.64
N VAL B 18 -6.90 2.30 -1.49
CA VAL B 18 -7.59 2.22 -0.21
C VAL B 18 -6.74 1.53 0.84
N VAL B 19 -6.07 0.44 0.45
CA VAL B 19 -5.21 -0.30 1.37
C VAL B 19 -3.93 0.47 1.69
N LEU B 20 -3.43 1.21 0.70
CA LEU B 20 -2.21 1.99 0.88
C LEU B 20 -2.38 2.97 2.03
N THR B 21 -3.56 3.60 2.08
CA THR B 21 -3.86 4.57 3.11
C THR B 21 -3.98 3.88 4.48
N ILE B 22 -4.51 2.66 4.48
CA ILE B 22 -4.67 1.90 5.71
C ILE B 22 -3.31 1.45 6.23
N ILE B 23 -2.42 1.08 5.31
CA ILE B 23 -1.08 0.63 5.68
C ILE B 23 -0.34 1.75 6.40
N SER B 24 -0.53 2.98 5.90
CA SER B 24 0.12 4.15 6.48
C SER B 24 -0.51 4.52 7.82
N LEU B 25 -1.82 4.38 7.92
CA LEU B 25 -2.54 4.70 9.15
C LEU B 25 -2.13 3.80 10.29
N ILE B 26 -1.98 2.51 10.01
CA ILE B 26 -1.58 1.54 11.02
C ILE B 26 -0.21 1.88 11.60
N ILE B 27 0.69 2.32 10.73
CA ILE B 27 2.04 2.69 11.16
C ILE B 27 2.04 4.01 11.92
N LEU B 28 1.20 4.94 11.50
CA LEU B 28 1.10 6.25 12.15
C LEU B 28 0.66 6.10 13.60
N ILE B 29 -0.46 5.42 13.80
CA ILE B 29 -1.00 5.21 15.15
C ILE B 29 -0.06 4.36 16.00
N MET B 30 0.57 3.39 15.37
CA MET B 30 1.49 2.50 16.08
C MET B 30 2.64 3.29 16.71
N LEU B 31 3.27 4.14 15.91
CA LEU B 31 4.38 4.96 16.39
C LEU B 31 3.87 6.04 17.35
N TRP B 32 2.63 6.46 17.15
CA TRP B 32 2.03 7.49 18.01
C TRP B 32 1.72 6.93 19.39
N GLN B 33 1.57 5.61 19.46
CA GLN B 33 1.27 4.94 20.73
C GLN B 33 2.53 4.75 21.57
N LYS B 34 3.62 5.37 21.13
CA LYS B 34 4.90 5.27 21.84
C LYS B 34 5.09 6.46 22.76
N LYS B 35 5.35 6.18 24.03
CA LYS B 35 5.56 7.23 25.03
C LYS B 35 7.05 7.55 25.17
N PRO B 36 7.38 8.79 25.59
CA PRO B 36 8.78 9.21 25.77
C PRO B 36 9.47 8.46 26.91
N ARG B 37 10.79 8.55 26.95
CA ARG B 37 11.57 7.88 27.98
C ARG B 37 11.74 8.79 29.20
N TYR B 38 11.08 8.43 30.29
CA TYR B 38 11.14 9.22 31.52
C TYR B 38 12.39 8.86 32.33
N GLU B 39 13.04 9.87 32.89
CA GLU B 39 14.24 9.65 33.70
C GLU B 39 13.88 9.33 35.14
N GLY A 1 -16.11 4.61 -16.75
CA GLY A 1 -16.53 3.28 -17.26
C GLY A 1 -15.96 2.96 -18.63
N HIS A 2 -16.44 3.68 -19.64
CA HIS A 2 -15.98 3.47 -21.01
C HIS A 2 -15.32 4.73 -21.55
N SER A 3 -15.33 5.79 -20.76
CA SER A 3 -14.74 7.07 -21.16
C SER A 3 -13.29 7.17 -20.69
N LEU A 4 -12.83 6.15 -19.98
CA LEU A 4 -11.46 6.12 -19.47
C LEU A 4 -10.70 4.92 -20.02
N PRO A 5 -9.66 5.16 -20.86
CA PRO A 5 -8.87 4.08 -21.45
C PRO A 5 -8.24 3.18 -20.39
N PHE A 6 -8.13 1.88 -20.71
CA PHE A 6 -7.56 0.91 -19.79
C PHE A 6 -6.06 1.15 -19.60
N LYS A 7 -5.49 1.95 -20.50
CA LYS A 7 -4.06 2.26 -20.45
C LYS A 7 -3.68 2.89 -19.11
N VAL A 8 -4.41 3.93 -18.72
CA VAL A 8 -4.14 4.63 -17.46
C VAL A 8 -4.51 3.77 -16.26
N VAL A 9 -5.58 2.99 -16.40
CA VAL A 9 -6.05 2.13 -15.32
C VAL A 9 -5.00 1.10 -14.92
N VAL A 10 -4.44 0.40 -15.90
CA VAL A 10 -3.43 -0.61 -15.64
C VAL A 10 -2.17 0.00 -14.99
N ILE A 11 -1.65 1.05 -15.60
CA ILE A 11 -0.47 1.72 -15.08
C ILE A 11 -0.66 2.16 -13.63
N SER A 12 -1.80 2.77 -13.35
CA SER A 12 -2.12 3.24 -12.01
C SER A 12 -2.23 2.08 -11.02
N ALA A 13 -2.80 0.98 -11.48
CA ALA A 13 -2.98 -0.19 -10.64
C ALA A 13 -1.63 -0.81 -10.25
N ILE A 14 -0.83 -1.14 -11.26
CA ILE A 14 0.49 -1.73 -11.04
C ILE A 14 1.34 -0.88 -10.10
N LEU A 15 1.34 0.43 -10.35
CA LEU A 15 2.11 1.36 -9.52
C LEU A 15 1.66 1.29 -8.07
N ALA A 16 0.37 1.07 -7.87
CA ALA A 16 -0.20 0.98 -6.54
C ALA A 16 0.32 -0.24 -5.80
N LEU A 17 0.59 -1.31 -6.55
CA LEU A 17 1.09 -2.55 -5.96
C LEU A 17 2.55 -2.38 -5.53
N VAL A 18 3.29 -1.57 -6.29
CA VAL A 18 4.69 -1.32 -6.00
C VAL A 18 4.84 -0.52 -4.70
N VAL A 19 4.13 0.61 -4.63
CA VAL A 19 4.17 1.48 -3.46
C VAL A 19 3.70 0.74 -2.21
N LEU A 20 2.71 -0.14 -2.36
CA LEU A 20 2.20 -0.90 -1.22
C LEU A 20 3.33 -1.70 -0.58
N THR A 21 4.15 -2.34 -1.42
CA THR A 21 5.28 -3.13 -0.95
C THR A 21 6.35 -2.23 -0.33
N ILE A 22 6.56 -1.07 -0.94
CA ILE A 22 7.55 -0.11 -0.44
C ILE A 22 7.20 0.34 0.97
N ILE A 23 5.91 0.59 1.21
CA ILE A 23 5.46 1.02 2.52
C ILE A 23 5.70 -0.05 3.58
N SER A 24 5.39 -1.30 3.22
CA SER A 24 5.58 -2.42 4.13
C SER A 24 7.05 -2.77 4.29
N LEU A 25 7.87 -2.34 3.34
CA LEU A 25 9.31 -2.61 3.37
C LEU A 25 10.02 -1.71 4.38
N ILE A 26 9.63 -0.44 4.42
CA ILE A 26 10.23 0.52 5.34
C ILE A 26 10.00 0.12 6.79
N ILE A 27 8.78 -0.29 7.09
CA ILE A 27 8.43 -0.70 8.45
C ILE A 27 8.97 -2.09 8.78
N LEU A 28 8.97 -2.99 7.80
CA LEU A 28 9.48 -4.33 8.02
C LEU A 28 10.85 -4.30 8.66
N ILE A 29 11.70 -3.41 8.16
CA ILE A 29 13.05 -3.25 8.69
C ILE A 29 13.03 -2.41 9.97
N MET A 30 12.08 -1.48 10.04
CA MET A 30 11.95 -0.60 11.20
C MET A 30 11.72 -1.42 12.47
N LEU A 31 10.73 -2.31 12.43
CA LEU A 31 10.40 -3.15 13.57
C LEU A 31 11.47 -4.23 13.76
N TRP A 32 12.15 -4.56 12.68
CA TRP A 32 13.20 -5.58 12.71
C TRP A 32 14.36 -5.12 13.59
N GLN A 33 14.52 -3.80 13.68
CA GLN A 33 15.59 -3.22 14.47
C GLN A 33 15.04 -2.62 15.76
N LYS A 34 13.77 -2.89 16.05
CA LYS A 34 13.13 -2.40 17.26
C LYS A 34 12.31 -3.50 17.94
N LYS A 35 12.73 -3.86 19.15
CA LYS A 35 12.06 -4.90 19.91
C LYS A 35 10.56 -4.60 20.06
N PRO A 36 9.69 -5.53 19.62
CA PRO A 36 8.23 -5.34 19.70
C PRO A 36 7.72 -5.43 21.14
N ARG A 37 6.86 -4.47 21.51
CA ARG A 37 6.29 -4.44 22.85
C ARG A 37 5.23 -5.52 23.02
N TYR A 38 5.40 -6.35 24.05
CA TYR A 38 4.46 -7.43 24.33
C TYR A 38 3.21 -6.89 25.02
N GLU A 39 2.06 -7.43 24.66
CA GLU A 39 0.78 -7.00 25.25
C GLU A 39 0.39 -7.91 26.40
N GLY B 1 -12.39 -17.27 -13.87
CA GLY B 1 -12.70 -18.19 -14.94
C GLY B 1 -11.49 -18.55 -15.78
N HIS B 2 -11.38 -17.95 -16.96
CA HIS B 2 -10.27 -18.20 -17.85
C HIS B 2 -9.82 -16.91 -18.55
N SER B 3 -10.42 -15.80 -18.13
CA SER B 3 -10.09 -14.50 -18.71
C SER B 3 -10.18 -13.39 -17.66
N LEU B 4 -9.33 -12.38 -17.80
CA LEU B 4 -9.32 -11.26 -16.86
C LEU B 4 -9.79 -9.98 -17.54
N PRO B 5 -11.10 -9.66 -17.44
CA PRO B 5 -11.66 -8.44 -18.05
C PRO B 5 -11.06 -7.18 -17.44
N PHE B 6 -11.34 -6.04 -18.07
CA PHE B 6 -10.84 -4.75 -17.59
C PHE B 6 -11.43 -4.41 -16.22
N LYS B 7 -12.50 -5.09 -15.86
CA LYS B 7 -13.16 -4.86 -14.57
C LYS B 7 -12.26 -5.30 -13.43
N VAL B 8 -11.39 -6.27 -13.70
CA VAL B 8 -10.49 -6.80 -12.69
C VAL B 8 -9.39 -5.80 -12.35
N VAL B 9 -8.82 -5.18 -13.37
CA VAL B 9 -7.75 -4.21 -13.17
C VAL B 9 -8.28 -2.90 -12.57
N VAL B 10 -9.53 -2.57 -12.88
CA VAL B 10 -10.16 -1.36 -12.35
C VAL B 10 -10.41 -1.50 -10.86
N ILE B 11 -11.05 -2.60 -10.47
CA ILE B 11 -11.35 -2.86 -9.07
C ILE B 11 -10.06 -3.02 -8.27
N SER B 12 -9.07 -3.64 -8.88
CA SER B 12 -7.78 -3.84 -8.23
C SER B 12 -7.06 -2.51 -8.01
N ALA B 13 -7.18 -1.63 -9.01
CA ALA B 13 -6.55 -0.32 -8.94
C ALA B 13 -7.13 0.53 -7.82
N ILE B 14 -8.45 0.75 -7.86
CA ILE B 14 -9.13 1.55 -6.85
C ILE B 14 -8.91 0.98 -5.45
N LEU B 15 -8.97 -0.34 -5.33
CA LEU B 15 -8.79 -1.01 -4.05
C LEU B 15 -7.34 -0.90 -3.57
N ALA B 16 -6.42 -0.85 -4.53
CA ALA B 16 -5.00 -0.74 -4.21
C ALA B 16 -4.67 0.59 -3.54
N LEU B 17 -5.31 1.66 -3.99
CA LEU B 17 -5.08 2.97 -3.42
C LEU B 17 -5.70 3.07 -2.03
N VAL B 18 -6.80 2.34 -1.83
CA VAL B 18 -7.49 2.33 -0.54
C VAL B 18 -6.63 1.68 0.54
N VAL B 19 -6.11 0.50 0.23
CA VAL B 19 -5.28 -0.23 1.19
C VAL B 19 -4.01 0.54 1.53
N LEU B 20 -3.44 1.23 0.55
CA LEU B 20 -2.22 2.00 0.77
C LEU B 20 -2.42 3.02 1.87
N THR B 21 -3.63 3.56 1.98
CA THR B 21 -3.94 4.54 3.01
C THR B 21 -4.07 3.85 4.37
N ILE B 22 -4.76 2.72 4.38
CA ILE B 22 -4.94 1.95 5.62
C ILE B 22 -3.58 1.47 6.15
N ILE B 23 -2.69 1.10 5.24
CA ILE B 23 -1.36 0.64 5.61
C ILE B 23 -0.60 1.75 6.33
N SER B 24 -0.65 2.94 5.75
CA SER B 24 0.05 4.10 6.33
C SER B 24 -0.57 4.49 7.68
N LEU B 25 -1.89 4.35 7.78
CA LEU B 25 -2.59 4.69 9.01
C LEU B 25 -2.18 3.76 10.16
N ILE B 26 -2.14 2.47 9.89
CA ILE B 26 -1.76 1.49 10.90
C ILE B 26 -0.36 1.79 11.44
N ILE B 27 0.54 2.19 10.55
CA ILE B 27 1.91 2.50 10.94
C ILE B 27 1.96 3.77 11.77
N LEU B 28 1.22 4.79 11.34
CA LEU B 28 1.18 6.07 12.03
C LEU B 28 0.68 5.90 13.47
N ILE B 29 -0.53 5.37 13.61
CA ILE B 29 -1.14 5.16 14.91
C ILE B 29 -0.26 4.28 15.80
N MET B 30 0.42 3.32 15.17
CA MET B 30 1.29 2.40 15.90
C MET B 30 2.48 3.13 16.51
N LEU B 31 3.08 4.03 15.74
CA LEU B 31 4.24 4.79 16.21
C LEU B 31 3.80 5.88 17.18
N TRP B 32 2.54 6.30 17.07
CA TRP B 32 2.01 7.34 17.94
C TRP B 32 1.80 6.82 19.36
N GLN B 33 1.37 5.57 19.49
CA GLN B 33 1.15 4.98 20.81
C GLN B 33 2.39 4.22 21.28
N LYS B 34 3.49 4.39 20.55
CA LYS B 34 4.74 3.73 20.90
C LYS B 34 5.36 4.34 22.15
N LYS B 35 5.28 5.66 22.26
CA LYS B 35 5.82 6.37 23.42
C LYS B 35 5.15 5.90 24.71
N PRO B 36 5.92 5.83 25.82
CA PRO B 36 5.39 5.40 27.11
C PRO B 36 4.48 6.44 27.75
N ARG B 37 3.28 6.00 28.14
CA ARG B 37 2.31 6.90 28.77
C ARG B 37 1.94 6.40 30.16
N TYR B 38 2.04 7.28 31.15
CA TYR B 38 1.71 6.93 32.53
C TYR B 38 0.53 7.76 33.04
N GLU B 39 -0.28 7.16 33.91
CA GLU B 39 -1.43 7.85 34.47
C GLU B 39 -1.00 9.01 35.36
N GLY A 1 -12.73 10.12 -25.27
CA GLY A 1 -13.92 10.87 -25.77
C GLY A 1 -15.22 10.35 -25.19
N HIS A 2 -15.17 9.13 -24.65
CA HIS A 2 -16.36 8.52 -24.07
C HIS A 2 -15.99 7.76 -22.79
N SER A 3 -15.15 6.74 -22.93
CA SER A 3 -14.72 5.94 -21.78
C SER A 3 -13.22 6.06 -21.59
N LEU A 4 -12.74 5.63 -20.42
CA LEU A 4 -11.32 5.69 -20.10
C LEU A 4 -10.60 4.44 -20.64
N PRO A 5 -9.44 4.62 -21.29
CA PRO A 5 -8.66 3.50 -21.85
C PRO A 5 -8.12 2.59 -20.75
N PHE A 6 -7.99 1.31 -21.08
CA PHE A 6 -7.48 0.33 -20.13
C PHE A 6 -6.03 0.62 -19.77
N LYS A 7 -5.36 1.39 -20.62
CA LYS A 7 -3.96 1.74 -20.40
C LYS A 7 -3.79 2.50 -19.09
N VAL A 8 -4.64 3.48 -18.85
CA VAL A 8 -4.57 4.27 -17.62
C VAL A 8 -4.88 3.41 -16.41
N VAL A 9 -5.80 2.46 -16.59
CA VAL A 9 -6.19 1.57 -15.50
C VAL A 9 -5.03 0.68 -15.07
N VAL A 10 -4.36 0.06 -16.04
CA VAL A 10 -3.24 -0.83 -15.76
C VAL A 10 -2.11 -0.09 -15.06
N ILE A 11 -1.70 1.04 -15.62
CA ILE A 11 -0.62 1.83 -15.04
C ILE A 11 -0.91 2.21 -13.60
N SER A 12 -2.17 2.54 -13.31
CA SER A 12 -2.58 2.92 -11.97
C SER A 12 -2.57 1.72 -11.02
N ALA A 13 -2.99 0.57 -11.53
CA ALA A 13 -3.03 -0.64 -10.72
C ALA A 13 -1.63 -1.11 -10.34
N ILE A 14 -0.77 -1.31 -11.35
CA ILE A 14 0.59 -1.76 -11.13
C ILE A 14 1.33 -0.84 -10.15
N LEU A 15 1.31 0.45 -10.44
CA LEU A 15 1.98 1.43 -9.59
C LEU A 15 1.51 1.31 -8.14
N ALA A 16 0.23 1.00 -7.97
CA ALA A 16 -0.34 0.85 -6.64
C ALA A 16 0.24 -0.34 -5.91
N LEU A 17 0.57 -1.39 -6.65
CA LEU A 17 1.15 -2.60 -6.06
C LEU A 17 2.59 -2.33 -5.65
N VAL A 18 3.28 -1.48 -6.41
CA VAL A 18 4.67 -1.14 -6.13
C VAL A 18 4.78 -0.32 -4.84
N VAL A 19 3.92 0.69 -4.70
CA VAL A 19 3.92 1.54 -3.53
C VAL A 19 3.54 0.76 -2.27
N LEU A 20 2.57 -0.15 -2.40
CA LEU A 20 2.13 -0.96 -1.27
C LEU A 20 3.31 -1.74 -0.70
N THR A 21 4.18 -2.22 -1.59
CA THR A 21 5.35 -2.96 -1.19
C THR A 21 6.40 -2.04 -0.58
N ILE A 22 6.49 -0.82 -1.11
CA ILE A 22 7.44 0.17 -0.60
C ILE A 22 7.11 0.52 0.84
N ILE A 23 5.82 0.69 1.11
CA ILE A 23 5.36 1.04 2.45
C ILE A 23 5.63 -0.11 3.42
N SER A 24 5.37 -1.32 2.98
CA SER A 24 5.58 -2.51 3.80
C SER A 24 7.07 -2.79 4.01
N LEU A 25 7.89 -2.34 3.07
CA LEU A 25 9.33 -2.55 3.15
C LEU A 25 9.93 -1.74 4.30
N ILE A 26 9.64 -0.45 4.33
CA ILE A 26 10.14 0.43 5.37
C ILE A 26 9.73 -0.06 6.76
N ILE A 27 8.49 -0.53 6.86
CA ILE A 27 7.95 -1.03 8.11
C ILE A 27 8.68 -2.29 8.57
N LEU A 28 8.96 -3.18 7.62
CA LEU A 28 9.66 -4.42 7.92
C LEU A 28 11.00 -4.16 8.60
N ILE A 29 11.80 -3.30 7.98
CA ILE A 29 13.11 -2.96 8.53
C ILE A 29 12.98 -2.13 9.81
N MET A 30 11.93 -1.31 9.85
CA MET A 30 11.68 -0.47 11.03
C MET A 30 11.47 -1.33 12.27
N LEU A 31 10.67 -2.39 12.11
CA LEU A 31 10.38 -3.30 13.21
C LEU A 31 11.54 -4.27 13.42
N TRP A 32 12.26 -4.56 12.34
CA TRP A 32 13.39 -5.46 12.39
C TRP A 32 14.47 -4.93 13.33
N GLN A 33 14.60 -3.61 13.38
CA GLN A 33 15.58 -2.96 14.23
C GLN A 33 14.91 -2.34 15.46
N LYS A 34 13.58 -2.30 15.43
CA LYS A 34 12.80 -1.73 16.54
C LYS A 34 13.12 -0.25 16.72
N LYS A 35 13.95 0.30 15.84
CA LYS A 35 14.32 1.71 15.92
C LYS A 35 13.19 2.60 15.38
N PRO A 36 12.56 3.41 16.26
CA PRO A 36 11.46 4.30 15.85
C PRO A 36 11.97 5.46 15.01
N ARG A 37 11.07 6.07 14.24
CA ARG A 37 11.42 7.20 13.38
C ARG A 37 10.69 8.46 13.81
N TYR A 38 11.23 9.61 13.41
CA TYR A 38 10.63 10.90 13.76
C TYR A 38 9.74 11.41 12.63
N GLU A 39 8.50 11.73 12.95
CA GLU A 39 7.55 12.24 11.97
C GLU A 39 7.76 13.73 11.73
N GLY B 1 -13.57 -17.11 -18.30
CA GLY B 1 -13.32 -16.86 -19.71
C GLY B 1 -11.89 -17.17 -20.10
N HIS B 2 -11.25 -16.22 -20.77
CA HIS B 2 -9.87 -16.40 -21.22
C HIS B 2 -9.00 -15.24 -20.78
N SER B 3 -9.25 -14.07 -21.35
CA SER B 3 -8.47 -12.88 -21.01
C SER B 3 -9.11 -12.12 -19.85
N LEU B 4 -8.28 -11.49 -19.04
CA LEU B 4 -8.76 -10.73 -17.88
C LEU B 4 -9.26 -9.35 -18.30
N PRO B 5 -10.59 -9.09 -18.20
CA PRO B 5 -11.16 -7.80 -18.58
C PRO B 5 -10.59 -6.64 -17.76
N PHE B 6 -10.90 -5.42 -18.19
CA PHE B 6 -10.42 -4.23 -17.48
C PHE B 6 -11.12 -4.05 -16.15
N LYS B 7 -12.24 -4.75 -15.96
CA LYS B 7 -13.02 -4.65 -14.73
C LYS B 7 -12.17 -5.01 -13.51
N VAL B 8 -11.46 -6.11 -13.58
CA VAL B 8 -10.61 -6.54 -12.46
C VAL B 8 -9.50 -5.53 -12.21
N VAL B 9 -8.99 -4.92 -13.28
CA VAL B 9 -7.93 -3.93 -13.17
C VAL B 9 -8.40 -2.70 -12.41
N VAL B 10 -9.56 -2.18 -12.80
CA VAL B 10 -10.13 -0.99 -12.16
C VAL B 10 -10.33 -1.22 -10.66
N ILE B 11 -11.03 -2.31 -10.33
CA ILE B 11 -11.31 -2.63 -8.92
C ILE B 11 -10.01 -2.83 -8.14
N SER B 12 -9.03 -3.45 -8.78
CA SER B 12 -7.74 -3.71 -8.12
C SER B 12 -6.99 -2.41 -7.88
N ALA B 13 -7.06 -1.48 -8.83
CA ALA B 13 -6.38 -0.20 -8.72
C ALA B 13 -6.97 0.65 -7.60
N ILE B 14 -8.26 0.92 -7.70
CA ILE B 14 -8.95 1.73 -6.71
C ILE B 14 -8.80 1.15 -5.30
N LEU B 15 -8.91 -0.17 -5.19
CA LEU B 15 -8.79 -0.84 -3.90
C LEU B 15 -7.36 -0.77 -3.37
N ALA B 16 -6.40 -0.82 -4.29
CA ALA B 16 -4.99 -0.77 -3.92
C ALA B 16 -4.63 0.57 -3.28
N LEU B 17 -5.27 1.63 -3.74
CA LEU B 17 -5.01 2.97 -3.20
C LEU B 17 -5.61 3.10 -1.80
N VAL B 18 -6.72 2.41 -1.58
CA VAL B 18 -7.39 2.45 -0.28
C VAL B 18 -6.56 1.74 0.78
N VAL B 19 -6.07 0.54 0.45
CA VAL B 19 -5.26 -0.23 1.38
C VAL B 19 -3.94 0.46 1.66
N LEU B 20 -3.43 1.20 0.68
CA LEU B 20 -2.16 1.92 0.84
C LEU B 20 -2.25 2.89 2.01
N THR B 21 -3.29 3.71 2.01
CA THR B 21 -3.49 4.69 3.08
C THR B 21 -3.73 3.97 4.40
N ILE B 22 -4.43 2.83 4.33
CA ILE B 22 -4.73 2.04 5.52
C ILE B 22 -3.44 1.51 6.14
N ILE B 23 -2.51 1.08 5.29
CA ILE B 23 -1.25 0.55 5.77
C ILE B 23 -0.43 1.62 6.46
N SER B 24 -0.50 2.85 5.94
CA SER B 24 0.23 3.98 6.51
C SER B 24 -0.39 4.44 7.81
N LEU B 25 -1.72 4.36 7.89
CA LEU B 25 -2.44 4.78 9.08
C LEU B 25 -2.14 3.88 10.27
N ILE B 26 -2.12 2.57 10.03
CA ILE B 26 -1.84 1.61 11.09
C ILE B 26 -0.48 1.88 11.73
N ILE B 27 0.51 2.16 10.91
CA ILE B 27 1.86 2.45 11.40
C ILE B 27 1.90 3.74 12.20
N LEU B 28 1.23 4.76 11.69
CA LEU B 28 1.19 6.06 12.34
C LEU B 28 0.61 5.96 13.76
N ILE B 29 -0.58 5.39 13.87
CA ILE B 29 -1.22 5.23 15.17
C ILE B 29 -0.45 4.27 16.08
N MET B 30 0.21 3.31 15.47
CA MET B 30 1.00 2.33 16.22
C MET B 30 2.19 2.99 16.90
N LEU B 31 2.87 3.86 16.16
CA LEU B 31 4.03 4.56 16.69
C LEU B 31 3.62 5.73 17.57
N TRP B 32 2.40 6.23 17.34
CA TRP B 32 1.88 7.37 18.11
C TRP B 32 1.62 7.00 19.57
N GLN B 33 1.13 5.79 19.81
CA GLN B 33 0.84 5.35 21.17
C GLN B 33 2.02 4.63 21.81
N LYS B 34 2.62 3.71 21.07
CA LYS B 34 3.75 2.95 21.57
C LYS B 34 4.83 2.79 20.51
N LYS B 35 5.88 2.03 20.83
CA LYS B 35 6.97 1.80 19.90
C LYS B 35 6.95 0.35 19.40
N PRO B 36 7.54 0.09 18.21
CA PRO B 36 7.58 -1.26 17.64
C PRO B 36 8.07 -2.30 18.64
N ARG B 37 7.38 -3.44 18.67
CA ARG B 37 7.74 -4.52 19.59
C ARG B 37 7.82 -5.85 18.85
N TYR B 38 8.63 -6.77 19.37
CA TYR B 38 8.79 -8.09 18.76
C TYR B 38 7.60 -8.98 19.06
N GLU B 39 7.27 -9.87 18.12
CA GLU B 39 6.14 -10.78 18.28
C GLU B 39 6.64 -12.22 18.35
N GLY A 1 -10.00 12.86 -24.86
CA GLY A 1 -10.86 11.82 -25.49
C GLY A 1 -12.26 11.80 -24.89
N HIS A 2 -13.01 10.75 -25.19
CA HIS A 2 -14.37 10.61 -24.69
C HIS A 2 -14.55 9.27 -23.98
N SER A 3 -13.66 8.33 -24.25
CA SER A 3 -13.71 7.01 -23.63
C SER A 3 -12.68 6.89 -22.52
N LEU A 4 -12.81 5.84 -21.72
CA LEU A 4 -11.89 5.61 -20.61
C LEU A 4 -10.83 4.57 -21.00
N PRO A 5 -9.60 5.03 -21.33
CA PRO A 5 -8.52 4.13 -21.73
C PRO A 5 -8.10 3.18 -20.61
N PHE A 6 -8.07 1.89 -20.91
CA PHE A 6 -7.68 0.88 -19.93
C PHE A 6 -6.21 1.03 -19.57
N LYS A 7 -5.47 1.73 -20.42
CA LYS A 7 -4.04 1.95 -20.19
C LYS A 7 -3.79 2.68 -18.88
N VAL A 8 -4.55 3.73 -18.63
CA VAL A 8 -4.41 4.51 -17.41
C VAL A 8 -4.79 3.68 -16.19
N VAL A 9 -5.79 2.82 -16.35
CA VAL A 9 -6.25 1.97 -15.25
C VAL A 9 -5.17 0.98 -14.83
N VAL A 10 -4.52 0.37 -15.82
CA VAL A 10 -3.46 -0.60 -15.56
C VAL A 10 -2.25 0.05 -14.90
N ILE A 11 -1.68 1.05 -15.57
CA ILE A 11 -0.51 1.75 -15.05
C ILE A 11 -0.74 2.24 -13.62
N SER A 12 -1.95 2.73 -13.35
CA SER A 12 -2.29 3.24 -12.03
C SER A 12 -2.39 2.09 -11.01
N ALA A 13 -3.00 1.00 -11.44
CA ALA A 13 -3.16 -0.17 -10.57
C ALA A 13 -1.81 -0.75 -10.17
N ILE A 14 -0.99 -1.06 -11.17
CA ILE A 14 0.33 -1.62 -10.93
C ILE A 14 1.17 -0.74 -10.01
N LEU A 15 1.14 0.57 -10.27
CA LEU A 15 1.88 1.52 -9.47
C LEU A 15 1.45 1.47 -8.01
N ALA A 16 0.16 1.25 -7.79
CA ALA A 16 -0.38 1.16 -6.44
C ALA A 16 0.15 -0.07 -5.71
N LEU A 17 0.42 -1.12 -6.47
CA LEU A 17 0.93 -2.37 -5.89
C LEU A 17 2.39 -2.24 -5.48
N VAL A 18 3.22 -1.68 -6.37
CA VAL A 18 4.64 -1.52 -6.08
C VAL A 18 4.87 -0.64 -4.86
N VAL A 19 4.07 0.43 -4.72
CA VAL A 19 4.22 1.32 -3.59
C VAL A 19 3.79 0.65 -2.30
N LEU A 20 2.76 -0.19 -2.38
CA LEU A 20 2.26 -0.91 -1.21
C LEU A 20 3.39 -1.74 -0.60
N THR A 21 4.14 -2.43 -1.45
CA THR A 21 5.25 -3.24 -1.00
C THR A 21 6.33 -2.37 -0.37
N ILE A 22 6.50 -1.16 -0.90
CA ILE A 22 7.50 -0.23 -0.38
C ILE A 22 7.09 0.27 1.00
N ILE A 23 5.78 0.45 1.20
CA ILE A 23 5.27 0.91 2.49
C ILE A 23 5.56 -0.10 3.59
N SER A 24 5.24 -1.37 3.30
CA SER A 24 5.46 -2.45 4.25
C SER A 24 6.95 -2.80 4.36
N LEU A 25 7.72 -2.45 3.35
CA LEU A 25 9.15 -2.73 3.34
C LEU A 25 9.87 -1.93 4.42
N ILE A 26 9.58 -0.64 4.48
CA ILE A 26 10.19 0.24 5.47
C ILE A 26 9.83 -0.20 6.89
N ILE A 27 8.59 -0.63 7.07
CA ILE A 27 8.12 -1.06 8.38
C ILE A 27 8.70 -2.43 8.74
N LEU A 28 8.85 -3.30 7.75
CA LEU A 28 9.39 -4.63 7.97
C LEU A 28 10.77 -4.56 8.61
N ILE A 29 11.61 -3.68 8.06
CA ILE A 29 12.97 -3.51 8.59
C ILE A 29 12.97 -2.65 9.84
N MET A 30 12.04 -1.71 9.91
CA MET A 30 11.93 -0.81 11.05
C MET A 30 11.69 -1.61 12.33
N LEU A 31 10.70 -2.49 12.30
CA LEU A 31 10.36 -3.33 13.45
C LEU A 31 11.42 -4.41 13.64
N TRP A 32 12.04 -4.83 12.54
CA TRP A 32 13.07 -5.86 12.58
C TRP A 32 14.28 -5.37 13.36
N GLN A 33 14.52 -4.06 13.29
CA GLN A 33 15.64 -3.45 14.00
C GLN A 33 15.14 -2.67 15.21
N LYS A 34 13.86 -2.84 15.52
CA LYS A 34 13.23 -2.16 16.65
C LYS A 34 13.27 -0.65 16.49
N LYS A 35 14.38 -0.03 16.92
CA LYS A 35 14.53 1.41 16.83
C LYS A 35 14.42 1.87 15.37
N PRO A 36 13.55 2.85 15.09
CA PRO A 36 13.37 3.37 13.72
C PRO A 36 14.66 3.95 13.16
N ARG A 37 14.92 3.67 11.89
CA ARG A 37 16.12 4.16 11.22
C ARG A 37 15.80 5.41 10.39
N TYR A 38 16.62 6.45 10.53
CA TYR A 38 16.43 7.68 9.80
C TYR A 38 17.30 7.70 8.54
N GLU A 39 16.64 7.75 7.38
CA GLU A 39 17.34 7.78 6.09
C GLU A 39 16.55 8.58 5.06
N GLY B 1 -9.16 -4.42 -29.49
CA GLY B 1 -7.77 -4.12 -29.18
C GLY B 1 -7.41 -4.38 -27.74
N HIS B 2 -8.39 -4.86 -26.97
CA HIS B 2 -8.17 -5.16 -25.56
C HIS B 2 -7.44 -6.48 -25.39
N SER B 3 -6.68 -6.61 -24.30
CA SER B 3 -5.93 -7.83 -24.02
C SER B 3 -6.46 -8.51 -22.76
N LEU B 4 -6.44 -7.78 -21.64
CA LEU B 4 -6.92 -8.31 -20.38
C LEU B 4 -8.21 -7.62 -19.96
N PRO B 5 -9.05 -8.30 -19.14
CA PRO B 5 -10.32 -7.73 -18.69
C PRO B 5 -10.13 -6.50 -17.80
N PHE B 6 -10.80 -5.40 -18.15
CA PHE B 6 -10.69 -4.16 -17.39
C PHE B 6 -11.37 -4.30 -16.03
N LYS B 7 -12.21 -5.31 -15.89
CA LYS B 7 -12.93 -5.55 -14.64
C LYS B 7 -11.96 -5.72 -13.47
N VAL B 8 -10.99 -6.61 -13.64
CA VAL B 8 -10.01 -6.87 -12.59
C VAL B 8 -9.10 -5.66 -12.37
N VAL B 9 -8.77 -4.95 -13.45
CA VAL B 9 -7.90 -3.77 -13.35
C VAL B 9 -8.52 -2.69 -12.47
N VAL B 10 -9.73 -2.28 -12.81
CA VAL B 10 -10.44 -1.25 -12.07
C VAL B 10 -10.55 -1.59 -10.58
N ILE B 11 -11.00 -2.80 -10.29
CA ILE B 11 -11.15 -3.25 -8.91
C ILE B 11 -9.81 -3.28 -8.18
N SER B 12 -8.77 -3.72 -8.88
CA SER B 12 -7.44 -3.79 -8.29
C SER B 12 -6.88 -2.40 -7.99
N ALA B 13 -7.15 -1.46 -8.89
CA ALA B 13 -6.66 -0.09 -8.73
C ALA B 13 -7.36 0.61 -7.56
N ILE B 14 -8.69 0.62 -7.60
CA ILE B 14 -9.48 1.27 -6.55
C ILE B 14 -9.19 0.66 -5.18
N LEU B 15 -9.07 -0.66 -5.13
CA LEU B 15 -8.81 -1.36 -3.88
C LEU B 15 -7.39 -1.09 -3.39
N ALA B 16 -6.45 -1.01 -4.32
CA ALA B 16 -5.05 -0.76 -3.98
C ALA B 16 -4.86 0.61 -3.33
N LEU B 17 -5.59 1.61 -3.81
CA LEU B 17 -5.49 2.95 -3.25
C LEU B 17 -6.00 2.98 -1.82
N VAL B 18 -6.98 2.12 -1.54
CA VAL B 18 -7.57 2.03 -0.21
C VAL B 18 -6.59 1.41 0.78
N VAL B 19 -5.97 0.30 0.39
CA VAL B 19 -5.02 -0.39 1.26
C VAL B 19 -3.78 0.46 1.51
N LEU B 20 -3.42 1.30 0.54
CA LEU B 20 -2.25 2.16 0.69
C LEU B 20 -2.48 3.20 1.77
N THR B 21 -3.75 3.53 2.01
CA THR B 21 -4.10 4.50 3.04
C THR B 21 -4.19 3.82 4.41
N ILE B 22 -4.77 2.63 4.43
CA ILE B 22 -4.90 1.87 5.67
C ILE B 22 -3.53 1.44 6.19
N ILE B 23 -2.67 1.00 5.27
CA ILE B 23 -1.33 0.56 5.63
C ILE B 23 -0.53 1.71 6.24
N SER B 24 -0.70 2.91 5.70
CA SER B 24 0.00 4.09 6.21
C SER B 24 -0.60 4.53 7.54
N LEU B 25 -1.91 4.33 7.69
CA LEU B 25 -2.61 4.70 8.92
C LEU B 25 -2.12 3.86 10.10
N ILE B 26 -1.91 2.57 9.85
CA ILE B 26 -1.43 1.67 10.89
C ILE B 26 -0.07 2.12 11.42
N ILE B 27 0.78 2.58 10.51
CA ILE B 27 2.11 3.05 10.86
C ILE B 27 2.03 4.33 11.69
N LEU B 28 1.18 5.25 11.26
CA LEU B 28 1.00 6.52 11.95
C LEU B 28 0.60 6.31 13.41
N ILE B 29 -0.44 5.51 13.62
CA ILE B 29 -0.93 5.23 14.97
C ILE B 29 0.09 4.41 15.76
N MET B 30 0.82 3.53 15.07
CA MET B 30 1.82 2.69 15.71
C MET B 30 2.92 3.54 16.34
N LEU B 31 3.35 4.58 15.62
CA LEU B 31 4.40 5.46 16.11
C LEU B 31 3.83 6.46 17.12
N TRP B 32 2.52 6.70 17.02
CA TRP B 32 1.85 7.63 17.91
C TRP B 32 1.77 7.07 19.33
N GLN B 33 1.63 5.75 19.43
CA GLN B 33 1.55 5.09 20.73
C GLN B 33 2.89 4.50 21.14
N LYS B 34 3.95 4.83 20.39
CA LYS B 34 5.28 4.32 20.67
C LYS B 34 5.73 4.69 22.08
N LYS B 35 5.95 3.68 22.91
CA LYS B 35 6.38 3.90 24.29
C LYS B 35 7.80 3.37 24.50
N PRO B 36 8.67 4.14 25.18
CA PRO B 36 10.05 3.72 25.45
C PRO B 36 10.12 2.40 26.21
N ARG B 37 11.00 1.51 25.76
CA ARG B 37 11.16 0.20 26.40
C ARG B 37 12.06 0.31 27.62
N TYR B 38 11.67 -0.37 28.71
CA TYR B 38 12.45 -0.36 29.94
C TYR B 38 12.24 -1.66 30.72
N GLU B 39 13.34 -2.26 31.15
CA GLU B 39 13.29 -3.51 31.90
C GLU B 39 14.41 -3.59 32.93
N GLY A 1 -14.06 4.02 -15.33
CA GLY A 1 -14.09 2.81 -16.20
C GLY A 1 -15.26 2.82 -17.17
N HIS A 2 -15.91 3.98 -17.31
CA HIS A 2 -17.05 4.12 -18.20
C HIS A 2 -16.60 4.56 -19.59
N SER A 3 -15.73 5.57 -19.63
CA SER A 3 -15.24 6.09 -20.90
C SER A 3 -13.72 6.30 -20.84
N LEU A 4 -13.13 5.93 -19.71
CA LEU A 4 -11.69 6.08 -19.53
C LEU A 4 -10.95 4.85 -20.05
N PRO A 5 -9.83 5.04 -20.78
CA PRO A 5 -9.06 3.94 -21.34
C PRO A 5 -8.40 3.08 -20.25
N PHE A 6 -8.22 1.80 -20.55
CA PHE A 6 -7.62 0.87 -19.60
C PHE A 6 -6.13 1.18 -19.41
N LYS A 7 -5.58 1.98 -20.32
CA LYS A 7 -4.18 2.35 -20.27
C LYS A 7 -3.81 3.02 -18.94
N VAL A 8 -4.61 3.98 -18.53
CA VAL A 8 -4.36 4.72 -17.29
C VAL A 8 -4.64 3.88 -16.04
N VAL A 9 -5.75 3.16 -16.04
CA VAL A 9 -6.12 2.34 -14.88
C VAL A 9 -5.14 1.20 -14.63
N VAL A 10 -4.59 0.62 -15.69
CA VAL A 10 -3.65 -0.48 -15.56
C VAL A 10 -2.31 0.00 -14.99
N ILE A 11 -1.84 1.14 -15.48
CA ILE A 11 -0.58 1.71 -15.01
C ILE A 11 -0.71 2.21 -13.58
N SER A 12 -1.89 2.74 -13.25
CA SER A 12 -2.16 3.25 -11.92
C SER A 12 -2.28 2.12 -10.91
N ALA A 13 -2.90 1.01 -11.33
CA ALA A 13 -3.08 -0.14 -10.47
C ALA A 13 -1.73 -0.77 -10.12
N ILE A 14 -0.95 -1.10 -11.15
CA ILE A 14 0.36 -1.69 -10.95
C ILE A 14 1.23 -0.85 -10.03
N LEU A 15 1.28 0.45 -10.31
CA LEU A 15 2.08 1.37 -9.50
C LEU A 15 1.65 1.33 -8.04
N ALA A 16 0.35 1.19 -7.82
CA ALA A 16 -0.19 1.12 -6.46
C ALA A 16 0.28 -0.15 -5.75
N LEU A 17 0.49 -1.22 -6.51
CA LEU A 17 0.95 -2.48 -5.95
C LEU A 17 2.43 -2.38 -5.57
N VAL A 18 3.17 -1.57 -6.34
CA VAL A 18 4.60 -1.38 -6.09
C VAL A 18 4.83 -0.61 -4.80
N VAL A 19 4.02 0.42 -4.56
CA VAL A 19 4.15 1.23 -3.36
C VAL A 19 3.66 0.49 -2.11
N LEU A 20 2.69 -0.40 -2.29
CA LEU A 20 2.15 -1.17 -1.16
C LEU A 20 3.27 -1.97 -0.51
N THR A 21 4.17 -2.51 -1.33
CA THR A 21 5.29 -3.29 -0.85
C THR A 21 6.36 -2.39 -0.23
N ILE A 22 6.51 -1.20 -0.78
CA ILE A 22 7.49 -0.24 -0.28
C ILE A 22 7.12 0.25 1.12
N ILE A 23 5.85 0.63 1.27
CA ILE A 23 5.35 1.12 2.56
C ILE A 23 5.57 0.09 3.66
N SER A 24 5.20 -1.16 3.36
CA SER A 24 5.35 -2.25 4.31
C SER A 24 6.81 -2.67 4.48
N LEU A 25 7.62 -2.38 3.47
CA LEU A 25 9.05 -2.73 3.53
C LEU A 25 9.77 -1.93 4.60
N ILE A 26 9.58 -0.62 4.57
CA ILE A 26 10.22 0.27 5.54
C ILE A 26 9.88 -0.12 6.98
N ILE A 27 8.62 -0.51 7.20
CA ILE A 27 8.16 -0.91 8.53
C ILE A 27 8.72 -2.27 8.92
N LEU A 28 8.82 -3.18 7.95
CA LEU A 28 9.34 -4.51 8.21
C LEU A 28 10.73 -4.44 8.82
N ILE A 29 11.56 -3.57 8.26
CA ILE A 29 12.93 -3.40 8.74
C ILE A 29 12.96 -2.52 9.99
N MET A 30 12.03 -1.57 10.06
CA MET A 30 11.94 -0.66 11.19
C MET A 30 11.70 -1.43 12.49
N LEU A 31 10.72 -2.33 12.46
CA LEU A 31 10.39 -3.14 13.64
C LEU A 31 11.42 -4.24 13.83
N TRP A 32 12.00 -4.69 12.72
CA TRP A 32 13.01 -5.75 12.76
C TRP A 32 14.22 -5.31 13.57
N GLN A 33 14.49 -4.00 13.56
CA GLN A 33 15.62 -3.45 14.29
C GLN A 33 15.16 -2.73 15.55
N LYS A 34 13.84 -2.73 15.77
CA LYS A 34 13.25 -2.08 16.95
C LYS A 34 13.58 -0.60 16.99
N LYS A 35 14.73 -0.25 17.58
CA LYS A 35 15.15 1.13 17.68
C LYS A 35 15.94 1.56 16.45
N PRO A 36 15.97 2.87 16.14
CA PRO A 36 16.69 3.39 14.98
C PRO A 36 18.19 3.27 15.14
N ARG A 37 18.90 3.06 14.04
CA ARG A 37 20.35 2.92 14.05
C ARG A 37 21.02 4.28 14.07
N TYR A 38 22.15 4.38 14.76
CA TYR A 38 22.90 5.61 14.85
C TYR A 38 24.17 5.55 14.02
N GLU A 39 24.44 6.61 13.25
CA GLU A 39 25.63 6.66 12.41
C GLU A 39 26.90 6.65 13.25
N GLY B 1 -2.44 -13.00 -26.16
CA GLY B 1 -3.06 -14.31 -26.21
C GLY B 1 -4.08 -14.51 -25.12
N HIS B 2 -5.24 -13.88 -25.27
CA HIS B 2 -6.32 -13.98 -24.29
C HIS B 2 -5.87 -13.48 -22.93
N SER B 3 -6.30 -12.26 -22.57
CA SER B 3 -5.94 -11.65 -21.30
C SER B 3 -7.17 -11.51 -20.41
N LEU B 4 -6.97 -10.94 -19.23
CA LEU B 4 -8.05 -10.74 -18.28
C LEU B 4 -8.87 -9.50 -18.64
N PRO B 5 -10.16 -9.47 -18.25
CA PRO B 5 -11.05 -8.34 -18.55
C PRO B 5 -10.58 -7.05 -17.86
N PHE B 6 -11.13 -5.93 -18.30
CA PHE B 6 -10.76 -4.63 -17.74
C PHE B 6 -11.34 -4.47 -16.34
N LYS B 7 -12.32 -5.32 -16.01
CA LYS B 7 -12.97 -5.29 -14.70
C LYS B 7 -11.96 -5.46 -13.57
N VAL B 8 -11.18 -6.53 -13.65
CA VAL B 8 -10.17 -6.82 -12.62
C VAL B 8 -9.17 -5.68 -12.48
N VAL B 9 -8.84 -5.04 -13.60
CA VAL B 9 -7.89 -3.94 -13.61
C VAL B 9 -8.41 -2.75 -12.81
N VAL B 10 -9.66 -2.35 -13.09
CA VAL B 10 -10.27 -1.23 -12.40
C VAL B 10 -10.41 -1.50 -10.90
N ILE B 11 -10.92 -2.68 -10.56
CA ILE B 11 -11.10 -3.07 -9.17
C ILE B 11 -9.77 -3.13 -8.44
N SER B 12 -8.73 -3.55 -9.14
CA SER B 12 -7.40 -3.65 -8.55
C SER B 12 -6.83 -2.27 -8.23
N ALA B 13 -7.09 -1.31 -9.11
CA ALA B 13 -6.60 0.05 -8.94
C ALA B 13 -7.29 0.75 -7.78
N ILE B 14 -8.62 0.73 -7.78
CA ILE B 14 -9.40 1.38 -6.73
C ILE B 14 -9.13 0.75 -5.36
N LEU B 15 -9.00 -0.58 -5.33
CA LEU B 15 -8.74 -1.29 -4.09
C LEU B 15 -7.34 -1.00 -3.57
N ALA B 16 -6.37 -0.97 -4.47
CA ALA B 16 -4.99 -0.72 -4.11
C ALA B 16 -4.83 0.64 -3.42
N LEU B 17 -5.48 1.65 -3.96
CA LEU B 17 -5.42 3.00 -3.39
C LEU B 17 -5.97 3.00 -1.97
N VAL B 18 -7.01 2.22 -1.73
CA VAL B 18 -7.61 2.14 -0.41
C VAL B 18 -6.67 1.46 0.59
N VAL B 19 -5.99 0.42 0.13
CA VAL B 19 -5.05 -0.32 0.97
C VAL B 19 -3.84 0.54 1.33
N LEU B 20 -3.34 1.32 0.39
CA LEU B 20 -2.18 2.17 0.63
C LEU B 20 -2.44 3.12 1.79
N THR B 21 -3.70 3.52 1.95
CA THR B 21 -4.08 4.43 3.03
C THR B 21 -4.20 3.67 4.33
N ILE B 22 -4.61 2.40 4.25
CA ILE B 22 -4.77 1.57 5.43
C ILE B 22 -3.41 1.23 6.03
N ILE B 23 -2.47 0.81 5.18
CA ILE B 23 -1.14 0.46 5.64
C ILE B 23 -0.42 1.66 6.22
N SER B 24 -0.71 2.85 5.68
CA SER B 24 -0.09 4.08 6.15
C SER B 24 -0.64 4.48 7.52
N LEU B 25 -1.95 4.30 7.70
CA LEU B 25 -2.59 4.64 8.96
C LEU B 25 -2.07 3.77 10.10
N ILE B 26 -1.85 2.48 9.80
CA ILE B 26 -1.34 1.54 10.79
C ILE B 26 0.02 2.02 11.33
N ILE B 27 0.85 2.52 10.42
CA ILE B 27 2.17 3.02 10.78
C ILE B 27 2.06 4.26 11.66
N LEU B 28 1.22 5.19 11.25
CA LEU B 28 1.02 6.43 11.99
C LEU B 28 0.64 6.14 13.44
N ILE B 29 -0.43 5.38 13.63
CA ILE B 29 -0.91 5.05 14.96
C ILE B 29 0.13 4.23 15.72
N MET B 30 0.91 3.43 14.99
CA MET B 30 1.93 2.59 15.60
C MET B 30 3.02 3.45 16.24
N LEU B 31 3.45 4.48 15.52
CA LEU B 31 4.50 5.36 16.02
C LEU B 31 3.92 6.37 17.02
N TRP B 32 2.62 6.61 16.92
CA TRP B 32 1.95 7.55 17.82
C TRP B 32 1.88 6.98 19.23
N GLN B 33 1.71 5.66 19.33
CA GLN B 33 1.64 4.98 20.61
C GLN B 33 3.00 4.44 21.03
N LYS B 34 4.03 4.80 20.26
CA LYS B 34 5.38 4.35 20.54
C LYS B 34 6.14 5.40 21.35
N LYS B 35 6.19 6.62 20.82
CA LYS B 35 6.89 7.72 21.49
C LYS B 35 5.88 8.74 22.02
N PRO B 36 5.76 8.86 23.36
CA PRO B 36 4.84 9.81 23.99
C PRO B 36 5.26 11.26 23.78
N ARG B 37 4.36 12.18 24.10
CA ARG B 37 4.64 13.60 23.95
C ARG B 37 5.05 14.23 25.28
N TYR B 38 5.82 15.31 25.21
CA TYR B 38 6.29 16.00 26.41
C TYR B 38 5.45 17.24 26.69
N GLU B 39 5.28 17.56 27.97
CA GLU B 39 4.50 18.72 28.38
C GLU B 39 4.73 19.05 29.84
N GLY A 1 -11.99 11.20 -24.59
CA GLY A 1 -12.89 12.29 -24.12
C GLY A 1 -13.63 11.92 -22.86
N HIS A 2 -14.68 11.12 -23.01
CA HIS A 2 -15.49 10.69 -21.87
C HIS A 2 -14.94 9.40 -21.28
N SER A 3 -14.86 8.36 -22.10
CA SER A 3 -14.35 7.07 -21.66
C SER A 3 -12.82 7.09 -21.58
N LEU A 4 -12.27 6.42 -20.57
CA LEU A 4 -10.82 6.36 -20.39
C LEU A 4 -10.29 4.97 -20.77
N PRO A 5 -9.10 4.92 -21.42
CA PRO A 5 -8.49 3.65 -21.83
C PRO A 5 -8.12 2.79 -20.63
N PHE A 6 -8.06 1.48 -20.85
CA PHE A 6 -7.70 0.55 -19.79
C PHE A 6 -6.22 0.67 -19.43
N LYS A 7 -5.45 1.28 -20.33
CA LYS A 7 -4.02 1.46 -20.11
C LYS A 7 -3.75 2.23 -18.82
N VAL A 8 -4.37 3.40 -18.69
CA VAL A 8 -4.18 4.22 -17.50
C VAL A 8 -4.59 3.46 -16.24
N VAL A 9 -5.61 2.62 -16.36
CA VAL A 9 -6.09 1.84 -15.23
C VAL A 9 -5.03 0.84 -14.77
N VAL A 10 -4.40 0.17 -15.72
CA VAL A 10 -3.37 -0.82 -15.41
C VAL A 10 -2.14 -0.18 -14.80
N ILE A 11 -1.67 0.90 -15.42
CA ILE A 11 -0.49 1.62 -14.94
C ILE A 11 -0.69 2.10 -13.50
N SER A 12 -1.90 2.56 -13.21
CA SER A 12 -2.22 3.05 -11.87
C SER A 12 -2.31 1.91 -10.87
N ALA A 13 -2.91 0.80 -11.29
CA ALA A 13 -3.06 -0.37 -10.43
C ALA A 13 -1.72 -0.97 -10.04
N ILE A 14 -0.93 -1.34 -11.04
CA ILE A 14 0.39 -1.93 -10.81
C ILE A 14 1.24 -1.02 -9.93
N LEU A 15 1.27 0.26 -10.26
CA LEU A 15 2.05 1.23 -9.49
C LEU A 15 1.66 1.19 -8.02
N ALA A 16 0.37 1.02 -7.76
CA ALA A 16 -0.14 0.96 -6.39
C ALA A 16 0.38 -0.26 -5.66
N LEU A 17 0.56 -1.36 -6.40
CA LEU A 17 1.06 -2.60 -5.82
C LEU A 17 2.54 -2.47 -5.46
N VAL A 18 3.27 -1.71 -6.27
CA VAL A 18 4.69 -1.49 -6.04
C VAL A 18 4.92 -0.69 -4.76
N VAL A 19 4.19 0.41 -4.62
CA VAL A 19 4.33 1.26 -3.44
C VAL A 19 3.86 0.56 -2.18
N LEU A 20 2.88 -0.34 -2.32
CA LEU A 20 2.35 -1.09 -1.18
C LEU A 20 3.47 -1.87 -0.50
N THR A 21 4.35 -2.45 -1.31
CA THR A 21 5.48 -3.22 -0.79
C THR A 21 6.54 -2.30 -0.20
N ILE A 22 6.74 -1.16 -0.84
CA ILE A 22 7.74 -0.19 -0.38
C ILE A 22 7.34 0.37 0.98
N ILE A 23 6.05 0.58 1.18
CA ILE A 23 5.53 1.11 2.45
C ILE A 23 5.75 0.09 3.57
N SER A 24 5.41 -1.16 3.28
CA SER A 24 5.55 -2.23 4.25
C SER A 24 7.01 -2.62 4.44
N LEU A 25 7.85 -2.24 3.49
CA LEU A 25 9.29 -2.55 3.55
C LEU A 25 10.00 -1.65 4.56
N ILE A 26 9.76 -0.35 4.46
CA ILE A 26 10.38 0.61 5.36
C ILE A 26 10.03 0.32 6.81
N ILE A 27 8.76 -0.02 7.05
CA ILE A 27 8.30 -0.32 8.40
C ILE A 27 8.81 -1.68 8.88
N LEU A 28 8.90 -2.63 7.95
CA LEU A 28 9.38 -3.97 8.29
C LEU A 28 10.78 -3.88 8.89
N ILE A 29 11.67 -3.17 8.21
CA ILE A 29 13.04 -3.01 8.67
C ILE A 29 13.08 -2.12 9.91
N MET A 30 12.20 -1.14 9.95
CA MET A 30 12.12 -0.21 11.08
C MET A 30 11.81 -0.96 12.37
N LEU A 31 10.89 -1.91 12.29
CA LEU A 31 10.50 -2.70 13.45
C LEU A 31 11.52 -3.80 13.72
N TRP A 32 12.16 -4.27 12.65
CA TRP A 32 13.16 -5.31 12.75
C TRP A 32 14.31 -4.87 13.65
N GLN A 33 14.63 -3.57 13.58
CA GLN A 33 15.71 -3.01 14.39
C GLN A 33 15.13 -2.18 15.54
N LYS A 34 13.83 -1.92 15.48
CA LYS A 34 13.15 -1.14 16.51
C LYS A 34 13.70 0.28 16.58
N LYS A 35 14.38 0.70 15.52
CA LYS A 35 14.97 2.04 15.46
C LYS A 35 14.25 2.89 14.42
N PRO A 36 14.25 4.24 14.60
CA PRO A 36 13.59 5.15 13.66
C PRO A 36 14.34 5.28 12.33
N ARG A 37 13.61 5.04 11.24
CA ARG A 37 14.19 5.13 9.90
C ARG A 37 13.32 5.98 8.97
N TYR A 38 13.96 6.78 8.13
CA TYR A 38 13.22 7.64 7.20
C TYR A 38 13.85 7.58 5.81
N GLU A 39 13.00 7.65 4.78
CA GLU A 39 13.46 7.61 3.40
C GLU A 39 12.33 7.99 2.45
N GLY B 1 -11.47 -11.00 -25.58
CA GLY B 1 -10.34 -11.70 -26.17
C GLY B 1 -9.63 -12.59 -25.18
N HIS B 2 -8.34 -12.81 -25.39
CA HIS B 2 -7.54 -13.65 -24.51
C HIS B 2 -7.03 -12.85 -23.31
N SER B 3 -7.29 -11.55 -23.31
CA SER B 3 -6.85 -10.67 -22.23
C SER B 3 -7.94 -10.54 -21.16
N LEU B 4 -7.52 -10.45 -19.90
CA LEU B 4 -8.45 -10.32 -18.79
C LEU B 4 -9.29 -9.05 -18.94
N PRO B 5 -10.55 -9.07 -18.47
CA PRO B 5 -11.45 -7.91 -18.56
C PRO B 5 -10.89 -6.70 -17.82
N PHE B 6 -11.12 -5.52 -18.40
CA PHE B 6 -10.65 -4.28 -17.80
C PHE B 6 -11.32 -4.04 -16.45
N LYS B 7 -12.47 -4.67 -16.25
CA LYS B 7 -13.22 -4.54 -15.01
C LYS B 7 -12.37 -4.97 -13.81
N VAL B 8 -11.50 -5.95 -14.03
CA VAL B 8 -10.63 -6.46 -12.97
C VAL B 8 -9.58 -5.41 -12.58
N VAL B 9 -9.11 -4.67 -13.57
CA VAL B 9 -8.10 -3.64 -13.35
C VAL B 9 -8.67 -2.45 -12.57
N VAL B 10 -9.90 -2.07 -12.89
CA VAL B 10 -10.56 -0.95 -12.23
C VAL B 10 -10.70 -1.17 -10.73
N ILE B 11 -11.34 -2.27 -10.35
CA ILE B 11 -11.55 -2.59 -8.94
C ILE B 11 -10.22 -2.75 -8.20
N SER B 12 -9.25 -3.38 -8.87
CA SER B 12 -7.93 -3.59 -8.27
C SER B 12 -7.22 -2.27 -8.03
N ALA B 13 -7.37 -1.34 -8.98
CA ALA B 13 -6.74 -0.04 -8.88
C ALA B 13 -7.30 0.78 -7.72
N ILE B 14 -8.62 0.97 -7.71
CA ILE B 14 -9.28 1.73 -6.66
C ILE B 14 -9.06 1.08 -5.29
N LEU B 15 -9.12 -0.25 -5.25
CA LEU B 15 -8.93 -0.99 -4.01
C LEU B 15 -7.51 -0.85 -3.51
N ALA B 16 -6.56 -0.81 -4.45
CA ALA B 16 -5.15 -0.68 -4.11
C ALA B 16 -4.88 0.62 -3.36
N LEU B 17 -5.46 1.71 -3.85
CA LEU B 17 -5.27 3.02 -3.23
C LEU B 17 -5.83 3.01 -1.80
N VAL B 18 -6.98 2.34 -1.63
CA VAL B 18 -7.60 2.25 -0.32
C VAL B 18 -6.70 1.50 0.65
N VAL B 19 -5.99 0.49 0.12
CA VAL B 19 -5.08 -0.31 0.92
C VAL B 19 -3.84 0.50 1.33
N LEU B 20 -3.30 1.27 0.38
CA LEU B 20 -2.12 2.08 0.66
C LEU B 20 -2.38 3.03 1.81
N THR B 21 -3.61 3.51 1.92
CA THR B 21 -3.98 4.42 3.00
C THR B 21 -4.06 3.67 4.32
N ILE B 22 -4.65 2.48 4.27
CA ILE B 22 -4.79 1.65 5.46
C ILE B 22 -3.42 1.28 6.02
N ILE B 23 -2.50 0.92 5.12
CA ILE B 23 -1.14 0.57 5.52
C ILE B 23 -0.45 1.74 6.21
N SER B 24 -0.69 2.94 5.70
CA SER B 24 -0.10 4.14 6.25
C SER B 24 -0.68 4.48 7.62
N LEU B 25 -1.97 4.22 7.79
CA LEU B 25 -2.64 4.50 9.06
C LEU B 25 -2.17 3.56 10.15
N ILE B 26 -2.04 2.28 9.81
CA ILE B 26 -1.60 1.28 10.78
C ILE B 26 -0.22 1.63 11.33
N ILE B 27 0.68 2.06 10.46
CA ILE B 27 2.03 2.43 10.85
C ILE B 27 2.03 3.71 11.67
N LEU B 28 1.17 4.65 11.28
CA LEU B 28 1.06 5.93 11.97
C LEU B 28 0.66 5.74 13.44
N ILE B 29 -0.47 5.08 13.66
CA ILE B 29 -0.97 4.85 15.00
C ILE B 29 -0.03 3.95 15.79
N MET B 30 0.58 2.97 15.13
CA MET B 30 1.49 2.05 15.78
C MET B 30 2.67 2.81 16.39
N LEU B 31 3.15 3.82 15.68
CA LEU B 31 4.27 4.63 16.17
C LEU B 31 3.78 5.69 17.16
N TRP B 32 2.50 6.04 17.05
CA TRP B 32 1.91 7.04 17.94
C TRP B 32 1.82 6.53 19.37
N GLN B 33 1.48 5.25 19.53
CA GLN B 33 1.36 4.65 20.84
C GLN B 33 2.66 3.98 21.27
N LYS B 34 3.53 3.73 20.30
CA LYS B 34 4.82 3.10 20.56
C LYS B 34 4.64 1.69 21.14
N LYS B 35 4.44 1.61 22.45
CA LYS B 35 4.26 0.33 23.11
C LYS B 35 2.87 -0.24 22.80
N PRO B 36 2.78 -1.52 22.38
CA PRO B 36 1.51 -2.17 22.05
C PRO B 36 0.54 -2.17 23.23
N ARG B 37 -0.75 -2.06 22.93
CA ARG B 37 -1.78 -2.06 23.98
C ARG B 37 -1.88 -3.43 24.63
N TYR B 38 -2.50 -3.46 25.81
CA TYR B 38 -2.67 -4.71 26.56
C TYR B 38 -4.10 -5.25 26.40
N GLU B 39 -4.20 -6.52 26.05
CA GLU B 39 -5.50 -7.16 25.87
C GLU B 39 -5.99 -7.77 27.17
N GLY A 1 -18.61 5.70 -17.57
CA GLY A 1 -17.15 5.46 -17.75
C GLY A 1 -16.87 4.39 -18.78
N HIS A 2 -16.95 4.76 -20.05
CA HIS A 2 -16.70 3.82 -21.14
C HIS A 2 -15.63 4.36 -22.09
N SER A 3 -15.45 5.68 -22.07
CA SER A 3 -14.47 6.33 -22.93
C SER A 3 -13.10 6.38 -22.24
N LEU A 4 -13.00 5.74 -21.08
CA LEU A 4 -11.76 5.72 -20.32
C LEU A 4 -10.81 4.64 -20.85
N PRO A 5 -9.62 5.03 -21.33
CA PRO A 5 -8.63 4.07 -21.87
C PRO A 5 -8.12 3.12 -20.80
N PHE A 6 -7.98 1.85 -21.16
CA PHE A 6 -7.49 0.83 -20.23
C PHE A 6 -6.03 1.09 -19.88
N LYS A 7 -5.36 1.90 -20.69
CA LYS A 7 -3.96 2.21 -20.46
C LYS A 7 -3.76 2.88 -19.10
N VAL A 8 -4.63 3.83 -18.77
CA VAL A 8 -4.54 4.53 -17.50
C VAL A 8 -4.89 3.61 -16.33
N VAL A 9 -5.84 2.72 -16.55
CA VAL A 9 -6.28 1.80 -15.51
C VAL A 9 -5.15 0.85 -15.12
N VAL A 10 -4.47 0.30 -16.12
CA VAL A 10 -3.36 -0.62 -15.89
C VAL A 10 -2.18 0.07 -15.21
N ILE A 11 -1.70 1.14 -15.82
CA ILE A 11 -0.57 1.89 -15.29
C ILE A 11 -0.84 2.33 -13.84
N SER A 12 -2.07 2.72 -13.55
CA SER A 12 -2.44 3.16 -12.21
C SER A 12 -2.44 1.99 -11.23
N ALA A 13 -3.00 0.87 -11.67
CA ALA A 13 -3.06 -0.34 -10.82
C ALA A 13 -1.67 -0.83 -10.45
N ILE A 14 -0.85 -1.09 -11.48
CA ILE A 14 0.51 -1.58 -11.27
C ILE A 14 1.30 -0.64 -10.36
N LEU A 15 1.13 0.66 -10.58
CA LEU A 15 1.83 1.66 -9.76
C LEU A 15 1.51 1.46 -8.29
N ALA A 16 0.23 1.40 -7.98
CA ALA A 16 -0.22 1.23 -6.60
C ALA A 16 0.32 -0.07 -6.01
N LEU A 17 0.48 -1.09 -6.85
CA LEU A 17 1.00 -2.38 -6.41
C LEU A 17 2.42 -2.24 -5.90
N VAL A 18 3.23 -1.43 -6.61
CA VAL A 18 4.61 -1.21 -6.24
C VAL A 18 4.70 -0.37 -4.95
N VAL A 19 3.74 0.55 -4.79
CA VAL A 19 3.71 1.41 -3.63
C VAL A 19 3.37 0.63 -2.36
N LEU A 20 2.48 -0.34 -2.48
CA LEU A 20 2.08 -1.16 -1.33
C LEU A 20 3.26 -1.99 -0.83
N THR A 21 4.12 -2.38 -1.76
CA THR A 21 5.29 -3.19 -1.42
C THR A 21 6.36 -2.32 -0.75
N ILE A 22 6.46 -1.07 -1.21
CA ILE A 22 7.44 -0.14 -0.65
C ILE A 22 7.02 0.35 0.73
N ILE A 23 5.73 0.67 0.87
CA ILE A 23 5.20 1.15 2.14
C ILE A 23 5.31 0.08 3.22
N SER A 24 5.07 -1.17 2.84
CA SER A 24 5.14 -2.30 3.77
C SER A 24 6.60 -2.63 4.11
N LEU A 25 7.48 -2.38 3.15
CA LEU A 25 8.91 -2.65 3.35
C LEU A 25 9.48 -1.81 4.48
N ILE A 26 9.03 -0.56 4.55
CA ILE A 26 9.49 0.35 5.59
C ILE A 26 9.12 -0.17 6.98
N ILE A 27 7.91 -0.73 7.10
CA ILE A 27 7.43 -1.26 8.37
C ILE A 27 8.17 -2.55 8.74
N LEU A 28 8.44 -3.37 7.74
CA LEU A 28 9.13 -4.64 7.96
C LEU A 28 10.51 -4.40 8.58
N ILE A 29 11.25 -3.45 8.02
CA ILE A 29 12.58 -3.12 8.50
C ILE A 29 12.51 -2.34 9.81
N MET A 30 11.48 -1.52 9.96
CA MET A 30 11.30 -0.70 11.15
C MET A 30 11.05 -1.58 12.38
N LEU A 31 10.20 -2.58 12.22
CA LEU A 31 9.89 -3.49 13.32
C LEU A 31 11.00 -4.51 13.52
N TRP A 32 11.62 -4.91 12.41
CA TRP A 32 12.71 -5.88 12.45
C TRP A 32 13.88 -5.35 13.29
N GLN A 33 14.05 -4.03 13.27
CA GLN A 33 15.12 -3.40 14.03
C GLN A 33 14.57 -2.72 15.28
N LYS A 34 13.30 -2.95 15.56
CA LYS A 34 12.65 -2.35 16.72
C LYS A 34 13.00 -3.13 17.99
N LYS A 35 13.04 -4.46 17.86
CA LYS A 35 13.36 -5.32 18.99
C LYS A 35 14.85 -5.23 19.32
N PRO A 36 15.22 -5.34 20.62
CA PRO A 36 16.61 -5.28 21.05
C PRO A 36 17.38 -6.56 20.73
N ARG A 37 18.69 -6.43 20.59
CA ARG A 37 19.55 -7.58 20.28
C ARG A 37 20.04 -8.24 21.55
N TYR A 38 19.71 -9.52 21.72
CA TYR A 38 20.12 -10.28 22.90
C TYR A 38 21.57 -10.71 22.79
N GLU A 39 22.31 -10.54 23.88
CA GLU A 39 23.71 -10.91 23.93
C GLU A 39 23.89 -12.37 24.33
N GLY B 1 0.18 -11.85 -21.57
CA GLY B 1 0.04 -10.40 -21.69
C GLY B 1 -1.39 -9.95 -21.51
N HIS B 2 -1.78 -8.91 -22.23
CA HIS B 2 -3.13 -8.36 -22.15
C HIS B 2 -4.16 -9.39 -22.59
N SER B 3 -4.95 -9.88 -21.64
CA SER B 3 -5.98 -10.87 -21.94
C SER B 3 -7.09 -10.83 -20.90
N LEU B 4 -6.71 -10.64 -19.64
CA LEU B 4 -7.67 -10.58 -18.55
C LEU B 4 -8.60 -9.38 -18.70
N PRO B 5 -9.84 -9.48 -18.19
CA PRO B 5 -10.82 -8.39 -18.29
C PRO B 5 -10.34 -7.11 -17.60
N PHE B 6 -10.82 -5.97 -18.07
CA PHE B 6 -10.44 -4.68 -17.49
C PHE B 6 -11.04 -4.53 -16.10
N LYS B 7 -12.08 -5.30 -15.82
CA LYS B 7 -12.76 -5.25 -14.52
C LYS B 7 -11.78 -5.57 -13.40
N VAL B 8 -10.85 -6.48 -13.66
CA VAL B 8 -9.86 -6.87 -12.67
C VAL B 8 -8.91 -5.72 -12.37
N VAL B 9 -8.59 -4.93 -13.38
CA VAL B 9 -7.67 -3.80 -13.23
C VAL B 9 -8.29 -2.70 -12.37
N VAL B 10 -9.53 -2.32 -12.70
CA VAL B 10 -10.23 -1.27 -11.98
C VAL B 10 -10.33 -1.58 -10.48
N ILE B 11 -10.88 -2.73 -10.15
CA ILE B 11 -11.05 -3.13 -8.76
C ILE B 11 -9.71 -3.19 -8.04
N SER B 12 -8.69 -3.70 -8.72
CA SER B 12 -7.35 -3.81 -8.14
C SER B 12 -6.75 -2.44 -7.87
N ALA B 13 -7.00 -1.50 -8.78
CA ALA B 13 -6.46 -0.15 -8.66
C ALA B 13 -7.05 0.59 -7.46
N ILE B 14 -8.38 0.70 -7.43
CA ILE B 14 -9.05 1.38 -6.33
C ILE B 14 -8.76 0.72 -4.99
N LEU B 15 -8.78 -0.61 -4.95
CA LEU B 15 -8.51 -1.34 -3.73
C LEU B 15 -7.09 -1.09 -3.24
N ALA B 16 -6.17 -0.92 -4.18
CA ALA B 16 -4.77 -0.67 -3.85
C ALA B 16 -4.60 0.69 -3.15
N LEU B 17 -5.39 1.67 -3.58
CA LEU B 17 -5.32 3.00 -2.98
C LEU B 17 -5.93 3.00 -1.59
N VAL B 18 -7.00 2.23 -1.42
CA VAL B 18 -7.68 2.13 -0.13
C VAL B 18 -6.78 1.49 0.91
N VAL B 19 -6.09 0.43 0.51
CA VAL B 19 -5.18 -0.28 1.43
C VAL B 19 -3.92 0.53 1.71
N LEU B 20 -3.48 1.31 0.71
CA LEU B 20 -2.29 2.13 0.88
C LEU B 20 -2.45 3.07 2.07
N THR B 21 -3.63 3.67 2.18
CA THR B 21 -3.92 4.58 3.28
C THR B 21 -3.95 3.82 4.60
N ILE B 22 -4.42 2.57 4.53
CA ILE B 22 -4.49 1.71 5.71
C ILE B 22 -3.10 1.40 6.24
N ILE B 23 -2.20 1.03 5.32
CA ILE B 23 -0.82 0.72 5.70
C ILE B 23 -0.17 1.90 6.40
N SER B 24 -0.50 3.11 5.94
CA SER B 24 0.06 4.34 6.49
C SER B 24 -0.51 4.61 7.88
N LEU B 25 -1.82 4.41 8.04
CA LEU B 25 -2.48 4.65 9.33
C LEU B 25 -1.93 3.73 10.41
N ILE B 26 -1.59 2.50 10.03
CA ILE B 26 -1.05 1.54 10.98
C ILE B 26 0.28 2.03 11.57
N ILE B 27 1.11 2.62 10.70
CA ILE B 27 2.41 3.15 11.13
C ILE B 27 2.23 4.39 12.00
N LEU B 28 1.30 5.25 11.61
CA LEU B 28 1.02 6.49 12.33
C LEU B 28 0.68 6.21 13.79
N ILE B 29 -0.32 5.37 14.01
CA ILE B 29 -0.75 5.02 15.36
C ILE B 29 0.33 4.23 16.10
N MET B 30 1.01 3.35 15.38
CA MET B 30 2.06 2.52 15.97
C MET B 30 3.14 3.37 16.62
N LEU B 31 3.58 4.41 15.90
CA LEU B 31 4.61 5.31 16.40
C LEU B 31 4.02 6.32 17.38
N TRP B 32 2.73 6.60 17.22
CA TRP B 32 2.03 7.55 18.08
C TRP B 32 1.99 7.04 19.52
N GLN B 33 1.88 5.71 19.67
CA GLN B 33 1.82 5.10 20.99
C GLN B 33 3.19 4.54 21.36
N LYS B 34 4.17 4.75 20.49
CA LYS B 34 5.53 4.25 20.71
C LYS B 34 5.53 2.75 20.97
N LYS B 35 6.66 2.24 21.47
CA LYS B 35 6.80 0.82 21.76
C LYS B 35 5.74 0.35 22.75
N PRO B 36 5.31 -0.92 22.67
CA PRO B 36 4.30 -1.48 23.58
C PRO B 36 4.81 -1.58 25.01
N ARG B 37 3.98 -1.13 25.96
CA ARG B 37 4.35 -1.17 27.37
C ARG B 37 4.01 -2.53 27.99
N TYR B 38 4.91 -3.03 28.82
CA TYR B 38 4.71 -4.32 29.48
C TYR B 38 4.21 -4.13 30.90
N GLU B 39 3.28 -4.99 31.31
CA GLU B 39 2.71 -4.92 32.66
C GLU B 39 2.12 -3.54 32.93
N GLY A 1 -13.45 11.62 -17.01
CA GLY A 1 -13.00 11.01 -15.74
C GLY A 1 -12.96 9.50 -15.79
N HIS A 2 -13.89 8.91 -16.54
CA HIS A 2 -13.95 7.45 -16.67
C HIS A 2 -14.00 7.05 -18.14
N SER A 3 -13.91 8.03 -19.02
CA SER A 3 -13.94 7.77 -20.46
C SER A 3 -12.53 7.64 -21.02
N LEU A 4 -11.56 7.46 -20.12
CA LEU A 4 -10.16 7.32 -20.53
C LEU A 4 -9.85 5.87 -20.89
N PRO A 5 -8.89 5.66 -21.81
CA PRO A 5 -8.50 4.31 -22.24
C PRO A 5 -8.02 3.44 -21.07
N PHE A 6 -7.92 2.14 -21.31
CA PHE A 6 -7.47 1.20 -20.28
C PHE A 6 -6.00 1.43 -19.94
N LYS A 7 -5.30 2.17 -20.80
CA LYS A 7 -3.89 2.46 -20.58
C LYS A 7 -3.66 3.15 -19.24
N VAL A 8 -4.50 4.11 -18.91
CA VAL A 8 -4.37 4.87 -17.67
C VAL A 8 -4.76 4.03 -16.45
N VAL A 9 -5.85 3.27 -16.56
CA VAL A 9 -6.31 2.46 -15.44
C VAL A 9 -5.33 1.34 -15.11
N VAL A 10 -4.68 0.79 -16.13
CA VAL A 10 -3.71 -0.29 -15.94
C VAL A 10 -2.44 0.24 -15.27
N ILE A 11 -1.84 1.27 -15.86
CA ILE A 11 -0.63 1.87 -15.32
C ILE A 11 -0.83 2.34 -13.89
N SER A 12 -2.01 2.90 -13.62
CA SER A 12 -2.34 3.39 -12.28
C SER A 12 -2.45 2.23 -11.29
N ALA A 13 -3.03 1.12 -11.75
CA ALA A 13 -3.21 -0.06 -10.91
C ALA A 13 -1.86 -0.65 -10.51
N ILE A 14 -1.03 -0.93 -11.51
CA ILE A 14 0.29 -1.51 -11.28
C ILE A 14 1.10 -0.65 -10.32
N LEU A 15 1.10 0.66 -10.56
CA LEU A 15 1.84 1.59 -9.72
C LEU A 15 1.38 1.52 -8.26
N ALA A 16 0.08 1.33 -8.06
CA ALA A 16 -0.47 1.23 -6.72
C ALA A 16 0.02 -0.02 -6.00
N LEU A 17 0.26 -1.07 -6.77
CA LEU A 17 0.76 -2.33 -6.21
C LEU A 17 2.23 -2.20 -5.81
N VAL A 18 2.99 -1.47 -6.62
CA VAL A 18 4.42 -1.28 -6.37
C VAL A 18 4.64 -0.47 -5.09
N VAL A 19 3.83 0.56 -4.89
CA VAL A 19 3.94 1.41 -3.71
C VAL A 19 3.49 0.69 -2.45
N LEU A 20 2.56 -0.24 -2.59
CA LEU A 20 2.05 -0.99 -1.44
C LEU A 20 3.12 -1.94 -0.90
N THR A 21 4.05 -2.33 -1.78
CA THR A 21 5.14 -3.22 -1.38
C THR A 21 6.28 -2.42 -0.75
N ILE A 22 6.50 -1.22 -1.25
CA ILE A 22 7.55 -0.36 -0.74
C ILE A 22 7.15 0.21 0.61
N ILE A 23 5.87 0.57 0.74
CA ILE A 23 5.36 1.12 1.98
C ILE A 23 5.43 0.07 3.09
N SER A 24 5.13 -1.18 2.74
CA SER A 24 5.16 -2.29 3.68
C SER A 24 6.60 -2.69 4.00
N LEU A 25 7.48 -2.53 3.02
CA LEU A 25 8.88 -2.88 3.18
C LEU A 25 9.52 -2.09 4.33
N ILE A 26 9.23 -0.80 4.38
CA ILE A 26 9.78 0.06 5.42
C ILE A 26 9.33 -0.39 6.80
N ILE A 27 8.06 -0.81 6.90
CA ILE A 27 7.50 -1.26 8.16
C ILE A 27 8.13 -2.58 8.60
N LEU A 28 8.37 -3.46 7.64
CA LEU A 28 8.96 -4.76 7.92
C LEU A 28 10.35 -4.62 8.57
N ILE A 29 11.20 -3.82 7.95
CA ILE A 29 12.55 -3.60 8.46
C ILE A 29 12.53 -2.78 9.74
N MET A 30 11.63 -1.80 9.79
CA MET A 30 11.51 -0.94 10.97
C MET A 30 11.17 -1.75 12.20
N LEU A 31 10.13 -2.58 12.11
CA LEU A 31 9.71 -3.42 13.22
C LEU A 31 10.72 -4.53 13.48
N TRP A 32 11.45 -4.92 12.44
CA TRP A 32 12.45 -5.97 12.56
C TRP A 32 13.59 -5.53 13.48
N GLN A 33 13.80 -4.23 13.57
CA GLN A 33 14.85 -3.67 14.42
C GLN A 33 14.27 -3.13 15.72
N LYS A 34 13.00 -3.43 15.97
CA LYS A 34 12.32 -2.99 17.18
C LYS A 34 11.84 -4.17 18.00
N LYS A 35 10.85 -4.88 17.47
CA LYS A 35 10.28 -6.05 18.14
C LYS A 35 11.22 -7.25 18.03
N PRO A 36 11.66 -7.82 19.17
CA PRO A 36 12.57 -8.98 19.17
C PRO A 36 11.91 -10.22 18.55
N ARG A 37 12.73 -11.08 17.97
CA ARG A 37 12.23 -12.30 17.35
C ARG A 37 12.38 -13.50 18.28
N TYR A 38 11.25 -14.02 18.74
CA TYR A 38 11.24 -15.16 19.65
C TYR A 38 11.23 -16.47 18.87
N GLU A 39 12.28 -17.28 19.07
CA GLU A 39 12.42 -18.58 18.39
C GLU A 39 11.96 -18.52 16.93
N GLY B 1 -0.68 -12.68 -21.56
CA GLY B 1 -2.08 -12.63 -21.92
C GLY B 1 -2.35 -11.65 -23.06
N HIS B 2 -3.10 -12.09 -24.06
CA HIS B 2 -3.43 -11.25 -25.20
C HIS B 2 -4.67 -10.40 -24.91
N SER B 3 -5.59 -10.97 -24.14
CA SER B 3 -6.82 -10.27 -23.79
C SER B 3 -7.24 -10.60 -22.36
N LEU B 4 -7.03 -9.65 -21.45
CA LEU B 4 -7.38 -9.84 -20.04
C LEU B 4 -8.53 -8.93 -19.64
N PRO B 5 -9.40 -9.39 -18.73
CA PRO B 5 -10.55 -8.60 -18.26
C PRO B 5 -10.12 -7.32 -17.54
N PHE B 6 -10.68 -6.20 -17.96
CA PHE B 6 -10.37 -4.91 -17.36
C PHE B 6 -10.98 -4.78 -15.97
N LYS B 7 -11.94 -5.66 -15.68
CA LYS B 7 -12.63 -5.64 -14.39
C LYS B 7 -11.67 -5.84 -13.23
N VAL B 8 -10.79 -6.84 -13.34
CA VAL B 8 -9.83 -7.12 -12.27
C VAL B 8 -8.88 -5.95 -12.07
N VAL B 9 -8.53 -5.26 -13.15
CA VAL B 9 -7.62 -4.13 -13.09
C VAL B 9 -8.22 -2.97 -12.30
N VAL B 10 -9.45 -2.60 -12.62
CA VAL B 10 -10.14 -1.51 -11.93
C VAL B 10 -10.30 -1.79 -10.44
N ILE B 11 -10.78 -2.98 -10.12
CA ILE B 11 -10.99 -3.37 -8.73
C ILE B 11 -9.68 -3.42 -7.96
N SER B 12 -8.61 -3.83 -8.64
CA SER B 12 -7.30 -3.94 -8.02
C SER B 12 -6.72 -2.55 -7.73
N ALA B 13 -6.94 -1.62 -8.66
CA ALA B 13 -6.43 -0.27 -8.52
C ALA B 13 -7.09 0.45 -7.34
N ILE B 14 -8.41 0.47 -7.33
CA ILE B 14 -9.16 1.14 -6.28
C ILE B 14 -8.87 0.51 -4.91
N LEU B 15 -8.76 -0.81 -4.88
CA LEU B 15 -8.50 -1.53 -3.63
C LEU B 15 -7.08 -1.25 -3.13
N ALA B 16 -6.16 -1.04 -4.08
CA ALA B 16 -4.77 -0.77 -3.74
C ALA B 16 -4.61 0.56 -3.01
N LEU B 17 -5.42 1.54 -3.40
CA LEU B 17 -5.37 2.86 -2.77
C LEU B 17 -5.98 2.81 -1.37
N VAL B 18 -7.03 2.02 -1.22
CA VAL B 18 -7.70 1.89 0.07
C VAL B 18 -6.78 1.27 1.11
N VAL B 19 -6.05 0.24 0.70
CA VAL B 19 -5.12 -0.43 1.60
C VAL B 19 -3.88 0.41 1.86
N LEU B 20 -3.43 1.15 0.85
CA LEU B 20 -2.25 1.99 0.99
C LEU B 20 -2.42 2.97 2.13
N THR B 21 -3.60 3.59 2.21
CA THR B 21 -3.90 4.54 3.27
C THR B 21 -3.95 3.83 4.61
N ILE B 22 -4.39 2.57 4.60
CA ILE B 22 -4.47 1.78 5.80
C ILE B 22 -3.07 1.41 6.29
N ILE B 23 -2.16 1.19 5.35
CA ILE B 23 -0.79 0.84 5.69
C ILE B 23 -0.12 2.00 6.44
N SER B 24 -0.38 3.22 5.98
CA SER B 24 0.20 4.41 6.59
C SER B 24 -0.45 4.70 7.93
N LEU B 25 -1.76 4.47 8.03
CA LEU B 25 -2.50 4.70 9.26
C LEU B 25 -1.95 3.83 10.38
N ILE B 26 -1.52 2.61 10.02
CA ILE B 26 -0.97 1.68 10.99
C ILE B 26 0.34 2.22 11.58
N ILE B 27 1.17 2.81 10.72
CA ILE B 27 2.44 3.37 11.16
C ILE B 27 2.21 4.61 12.03
N LEU B 28 1.28 5.45 11.60
CA LEU B 28 0.96 6.67 12.32
C LEU B 28 0.60 6.38 13.77
N ILE B 29 -0.42 5.55 13.97
CA ILE B 29 -0.88 5.20 15.30
C ILE B 29 0.18 4.42 16.07
N MET B 30 1.00 3.66 15.33
CA MET B 30 2.07 2.87 15.94
C MET B 30 3.06 3.77 16.66
N LEU B 31 3.57 4.77 15.95
CA LEU B 31 4.54 5.69 16.51
C LEU B 31 3.88 6.67 17.49
N TRP B 32 2.58 6.88 17.32
CA TRP B 32 1.84 7.78 18.19
C TRP B 32 1.82 7.26 19.62
N GLN B 33 1.75 5.95 19.76
CA GLN B 33 1.73 5.32 21.09
C GLN B 33 3.09 4.70 21.41
N LYS B 34 4.07 4.96 20.55
CA LYS B 34 5.42 4.43 20.75
C LYS B 34 6.33 5.49 21.37
N LYS B 35 5.91 6.74 21.26
CA LYS B 35 6.69 7.85 21.81
C LYS B 35 6.32 8.10 23.27
N PRO B 36 7.29 7.98 24.20
CA PRO B 36 7.04 8.20 25.63
C PRO B 36 6.72 9.66 25.94
N ARG B 37 6.07 9.88 27.09
CA ARG B 37 5.70 11.23 27.51
C ARG B 37 6.38 11.59 28.83
N TYR B 38 6.75 12.86 28.97
CA TYR B 38 7.41 13.32 30.18
C TYR B 38 6.71 14.56 30.74
N GLU B 39 6.69 14.69 32.06
CA GLU B 39 6.07 15.82 32.72
C GLU B 39 6.95 17.07 32.61
N GLY A 1 -15.51 6.67 -27.63
CA GLY A 1 -16.62 5.94 -26.94
C GLY A 1 -16.14 5.18 -25.71
N HIS A 2 -14.83 5.19 -25.49
CA HIS A 2 -14.24 4.50 -24.34
C HIS A 2 -13.91 5.48 -23.23
N SER A 3 -13.69 6.74 -23.59
CA SER A 3 -13.36 7.79 -22.63
C SER A 3 -12.04 7.50 -21.91
N LEU A 4 -12.11 6.65 -20.88
CA LEU A 4 -10.91 6.30 -20.12
C LEU A 4 -10.37 4.94 -20.56
N PRO A 5 -9.21 4.91 -21.26
CA PRO A 5 -8.62 3.65 -21.72
C PRO A 5 -8.15 2.77 -20.57
N PHE A 6 -8.00 1.48 -20.85
CA PHE A 6 -7.56 0.53 -19.83
C PHE A 6 -6.09 0.74 -19.48
N LYS A 7 -5.38 1.46 -20.35
CA LYS A 7 -3.97 1.73 -20.14
C LYS A 7 -3.72 2.43 -18.81
N VAL A 8 -4.43 3.53 -18.58
CA VAL A 8 -4.28 4.30 -17.35
C VAL A 8 -4.68 3.47 -16.14
N VAL A 9 -5.70 2.62 -16.31
CA VAL A 9 -6.18 1.78 -15.22
C VAL A 9 -5.11 0.78 -14.78
N VAL A 10 -4.46 0.13 -15.75
CA VAL A 10 -3.43 -0.85 -15.46
C VAL A 10 -2.20 -0.20 -14.83
N ILE A 11 -1.68 0.82 -15.48
CA ILE A 11 -0.49 1.52 -14.98
C ILE A 11 -0.71 2.02 -13.55
N SER A 12 -1.91 2.50 -13.26
CA SER A 12 -2.24 3.01 -11.93
C SER A 12 -2.30 1.87 -10.91
N ALA A 13 -2.87 0.74 -11.33
CA ALA A 13 -3.01 -0.42 -10.45
C ALA A 13 -1.64 -0.99 -10.08
N ILE A 14 -0.85 -1.33 -11.10
CA ILE A 14 0.47 -1.89 -10.88
C ILE A 14 1.32 -0.98 -10.01
N LEU A 15 1.27 0.32 -10.29
CA LEU A 15 2.03 1.31 -9.54
C LEU A 15 1.67 1.26 -8.06
N ALA A 16 0.38 1.08 -7.78
CA ALA A 16 -0.09 1.00 -6.41
C ALA A 16 0.44 -0.24 -5.70
N LEU A 17 0.67 -1.30 -6.48
CA LEU A 17 1.19 -2.55 -5.92
C LEU A 17 2.66 -2.40 -5.56
N VAL A 18 3.38 -1.61 -6.36
CA VAL A 18 4.79 -1.38 -6.13
C VAL A 18 5.02 -0.58 -4.84
N VAL A 19 4.24 0.48 -4.67
CA VAL A 19 4.34 1.34 -3.50
C VAL A 19 3.93 0.58 -2.23
N LEU A 20 2.93 -0.30 -2.36
CA LEU A 20 2.44 -1.07 -1.22
C LEU A 20 3.59 -1.89 -0.61
N THR A 21 4.37 -2.53 -1.47
CA THR A 21 5.51 -3.33 -1.02
C THR A 21 6.57 -2.44 -0.38
N ILE A 22 6.67 -1.21 -0.88
CA ILE A 22 7.64 -0.25 -0.36
C ILE A 22 7.21 0.23 1.02
N ILE A 23 5.90 0.34 1.22
CA ILE A 23 5.36 0.79 2.50
C ILE A 23 5.70 -0.19 3.61
N SER A 24 5.45 -1.47 3.35
CA SER A 24 5.72 -2.53 4.32
C SER A 24 7.21 -2.82 4.45
N LEU A 25 7.97 -2.49 3.41
CA LEU A 25 9.41 -2.72 3.42
C LEU A 25 10.11 -1.87 4.47
N ILE A 26 9.85 -0.56 4.45
CA ILE A 26 10.45 0.36 5.40
C ILE A 26 10.11 -0.03 6.83
N ILE A 27 8.85 -0.42 7.04
CA ILE A 27 8.39 -0.81 8.38
C ILE A 27 9.00 -2.15 8.80
N LEU A 28 9.17 -3.04 7.83
CA LEU A 28 9.74 -4.35 8.10
C LEU A 28 11.14 -4.23 8.69
N ILE A 29 11.95 -3.35 8.11
CA ILE A 29 13.32 -3.15 8.58
C ILE A 29 13.34 -2.31 9.86
N MET A 30 12.51 -1.27 9.90
CA MET A 30 12.44 -0.40 11.07
C MET A 30 12.09 -1.18 12.33
N LEU A 31 11.11 -2.08 12.20
CA LEU A 31 10.68 -2.90 13.33
C LEU A 31 11.71 -3.98 13.62
N TRP A 32 12.44 -4.38 12.58
CA TRP A 32 13.47 -5.41 12.69
C TRP A 32 14.67 -4.88 13.49
N GLN A 33 14.85 -3.57 13.47
CA GLN A 33 15.97 -2.94 14.18
C GLN A 33 15.48 -2.23 15.44
N LYS A 34 14.22 -2.45 15.80
CA LYS A 34 13.65 -1.82 16.99
C LYS A 34 13.16 -2.87 17.97
N LYS A 35 12.13 -3.62 17.59
CA LYS A 35 11.58 -4.67 18.44
C LYS A 35 12.12 -6.04 18.02
N PRO A 36 12.55 -6.86 18.99
CA PRO A 36 13.08 -8.21 18.70
C PRO A 36 12.05 -9.10 18.02
N ARG A 37 12.52 -9.96 17.12
CA ARG A 37 11.64 -10.88 16.41
C ARG A 37 11.77 -12.29 16.95
N TYR A 38 10.65 -12.99 17.08
CA TYR A 38 10.64 -14.36 17.58
C TYR A 38 10.15 -15.33 16.52
N GLU A 39 10.79 -16.49 16.45
CA GLU A 39 10.43 -17.50 15.47
C GLU A 39 9.00 -17.98 15.69
N GLY B 1 -3.03 -12.81 -21.63
CA GLY B 1 -2.47 -13.13 -22.94
C GLY B 1 -2.47 -11.94 -23.87
N HIS B 2 -3.61 -11.70 -24.51
CA HIS B 2 -3.74 -10.58 -25.44
C HIS B 2 -4.63 -9.48 -24.84
N SER B 3 -5.89 -9.82 -24.57
CA SER B 3 -6.83 -8.87 -24.00
C SER B 3 -7.39 -9.39 -22.67
N LEU B 4 -7.29 -8.56 -21.64
CA LEU B 4 -7.78 -8.93 -20.31
C LEU B 4 -8.92 -8.02 -19.87
N PRO B 5 -9.90 -8.56 -19.11
CA PRO B 5 -11.04 -7.78 -18.62
C PRO B 5 -10.61 -6.53 -17.86
N PHE B 6 -11.13 -5.38 -18.28
CA PHE B 6 -10.81 -4.12 -17.63
C PHE B 6 -11.48 -4.02 -16.26
N LYS B 7 -12.48 -4.87 -16.04
CA LYS B 7 -13.22 -4.89 -14.78
C LYS B 7 -12.29 -5.14 -13.60
N VAL B 8 -11.49 -6.20 -13.70
CA VAL B 8 -10.56 -6.56 -12.63
C VAL B 8 -9.53 -5.46 -12.40
N VAL B 9 -9.12 -4.81 -13.48
CA VAL B 9 -8.12 -3.74 -13.39
C VAL B 9 -8.64 -2.57 -12.56
N VAL B 10 -9.83 -2.09 -12.90
CA VAL B 10 -10.45 -0.96 -12.20
C VAL B 10 -10.63 -1.26 -10.72
N ILE B 11 -11.21 -2.41 -10.41
CA ILE B 11 -11.45 -2.81 -9.02
C ILE B 11 -10.14 -2.97 -8.27
N SER B 12 -9.10 -3.43 -8.98
CA SER B 12 -7.78 -3.63 -8.37
C SER B 12 -7.11 -2.29 -8.05
N ALA B 13 -7.29 -1.33 -8.96
CA ALA B 13 -6.69 -0.01 -8.78
C ALA B 13 -7.35 0.76 -7.65
N ILE B 14 -8.67 0.88 -7.72
CA ILE B 14 -9.43 1.60 -6.70
C ILE B 14 -9.20 1.01 -5.31
N LEU B 15 -9.18 -0.32 -5.23
CA LEU B 15 -8.98 -1.01 -3.97
C LEU B 15 -7.55 -0.80 -3.46
N ALA B 16 -6.60 -0.73 -4.39
CA ALA B 16 -5.20 -0.54 -4.05
C ALA B 16 -4.99 0.79 -3.34
N LEU B 17 -5.64 1.84 -3.84
CA LEU B 17 -5.53 3.17 -3.25
C LEU B 17 -6.04 3.15 -1.81
N VAL B 18 -7.12 2.40 -1.57
CA VAL B 18 -7.70 2.30 -0.24
C VAL B 18 -6.74 1.56 0.70
N VAL B 19 -6.03 0.58 0.15
CA VAL B 19 -5.07 -0.20 0.94
C VAL B 19 -3.84 0.62 1.32
N LEU B 20 -3.44 1.52 0.43
CA LEU B 20 -2.27 2.37 0.68
C LEU B 20 -2.55 3.34 1.83
N THR B 21 -3.81 3.76 1.95
CA THR B 21 -4.19 4.69 3.00
C THR B 21 -4.30 3.97 4.34
N ILE B 22 -4.91 2.79 4.33
CA ILE B 22 -5.08 2.00 5.54
C ILE B 22 -3.74 1.48 6.04
N ILE B 23 -2.90 1.02 5.11
CA ILE B 23 -1.59 0.49 5.46
C ILE B 23 -0.73 1.56 6.14
N SER B 24 -0.85 2.81 5.65
CA SER B 24 -0.09 3.92 6.22
C SER B 24 -0.67 4.33 7.57
N LEU B 25 -1.98 4.23 7.72
CA LEU B 25 -2.66 4.60 8.95
C LEU B 25 -2.21 3.70 10.11
N ILE B 26 -2.15 2.40 9.84
CA ILE B 26 -1.73 1.44 10.85
C ILE B 26 -0.37 1.81 11.42
N ILE B 27 0.52 2.27 10.54
CA ILE B 27 1.86 2.69 10.95
C ILE B 27 1.81 3.96 11.78
N LEU B 28 0.94 4.88 11.37
CA LEU B 28 0.79 6.15 12.08
C LEU B 28 0.42 5.94 13.54
N ILE B 29 -0.69 5.24 13.77
CA ILE B 29 -1.14 4.96 15.13
C ILE B 29 -0.13 4.12 15.89
N MET B 30 0.51 3.19 15.19
CA MET B 30 1.51 2.32 15.81
C MET B 30 2.60 3.14 16.49
N LEU B 31 3.11 4.14 15.77
CA LEU B 31 4.17 5.00 16.28
C LEU B 31 3.61 6.01 17.27
N TRP B 32 2.31 6.30 17.17
CA TRP B 32 1.66 7.25 18.05
C TRP B 32 1.57 6.71 19.48
N GLN B 33 1.43 5.40 19.60
CA GLN B 33 1.34 4.76 20.91
C GLN B 33 2.65 4.05 21.26
N LYS B 34 3.66 4.26 20.44
CA LYS B 34 4.97 3.65 20.67
C LYS B 34 5.83 4.54 21.56
N LYS B 35 6.01 5.79 21.13
CA LYS B 35 6.82 6.74 21.89
C LYS B 35 5.96 7.48 22.92
N PRO B 36 6.57 7.94 24.02
CA PRO B 36 5.85 8.68 25.08
C PRO B 36 5.06 9.85 24.51
N ARG B 37 3.86 10.06 25.06
CA ARG B 37 3.00 11.15 24.62
C ARG B 37 3.27 12.42 25.44
N TYR B 38 3.40 13.55 24.74
CA TYR B 38 3.66 14.82 25.40
C TYR B 38 2.54 15.82 25.10
N GLU B 39 2.25 16.66 26.08
CA GLU B 39 1.21 17.67 25.94
C GLU B 39 1.72 19.06 26.33
N GLY A 1 -18.52 2.01 -18.05
CA GLY A 1 -17.58 0.99 -18.57
C GLY A 1 -17.18 1.23 -20.02
N HIS A 2 -16.01 0.73 -20.39
CA HIS A 2 -15.51 0.88 -21.76
C HIS A 2 -15.38 2.37 -22.12
N SER A 3 -15.37 3.22 -21.12
CA SER A 3 -15.25 4.66 -21.33
C SER A 3 -13.80 5.12 -21.20
N LEU A 4 -13.22 4.89 -20.03
CA LEU A 4 -11.83 5.27 -19.77
C LEU A 4 -10.86 4.22 -20.31
N PRO A 5 -9.82 4.66 -21.04
CA PRO A 5 -8.82 3.74 -21.61
C PRO A 5 -8.19 2.84 -20.54
N PHE A 6 -8.07 1.56 -20.86
CA PHE A 6 -7.48 0.59 -19.93
C PHE A 6 -6.01 0.92 -19.68
N LYS A 7 -5.44 1.75 -20.56
CA LYS A 7 -4.04 2.14 -20.44
C LYS A 7 -3.74 2.77 -19.08
N VAL A 8 -4.55 3.75 -18.70
CA VAL A 8 -4.38 4.43 -17.42
C VAL A 8 -4.74 3.52 -16.26
N VAL A 9 -5.76 2.68 -16.45
CA VAL A 9 -6.22 1.76 -15.41
C VAL A 9 -5.10 0.83 -14.97
N VAL A 10 -4.46 0.19 -15.95
CA VAL A 10 -3.37 -0.75 -15.66
C VAL A 10 -2.20 -0.06 -14.98
N ILE A 11 -1.64 0.94 -15.63
CA ILE A 11 -0.50 1.68 -15.10
C ILE A 11 -0.76 2.13 -13.65
N SER A 12 -1.99 2.54 -13.38
CA SER A 12 -2.36 2.99 -12.03
C SER A 12 -2.44 1.82 -11.06
N ALA A 13 -2.94 0.69 -11.54
CA ALA A 13 -3.08 -0.51 -10.71
C ALA A 13 -1.73 -1.04 -10.25
N ILE A 14 -0.85 -1.34 -11.20
CA ILE A 14 0.47 -1.88 -10.89
C ILE A 14 1.29 -0.87 -10.07
N LEU A 15 1.16 0.40 -10.41
CA LEU A 15 1.88 1.45 -9.69
C LEU A 15 1.58 1.40 -8.20
N ALA A 16 0.30 1.45 -7.85
CA ALA A 16 -0.13 1.40 -6.46
C ALA A 16 0.32 0.11 -5.80
N LEU A 17 0.40 -0.96 -6.58
CA LEU A 17 0.82 -2.25 -6.07
C LEU A 17 2.29 -2.21 -5.64
N VAL A 18 3.09 -1.47 -6.39
CA VAL A 18 4.51 -1.33 -6.08
C VAL A 18 4.70 -0.52 -4.81
N VAL A 19 3.87 0.52 -4.65
CA VAL A 19 3.93 1.37 -3.48
C VAL A 19 3.60 0.59 -2.21
N LEU A 20 2.64 -0.32 -2.31
CA LEU A 20 2.22 -1.13 -1.17
C LEU A 20 3.42 -1.90 -0.61
N THR A 21 4.28 -2.37 -1.49
CA THR A 21 5.47 -3.11 -1.08
C THR A 21 6.48 -2.17 -0.44
N ILE A 22 6.56 -0.94 -0.96
CA ILE A 22 7.48 0.05 -0.43
C ILE A 22 7.09 0.46 0.99
N ILE A 23 5.79 0.58 1.22
CA ILE A 23 5.28 0.96 2.53
C ILE A 23 5.60 -0.12 3.57
N SER A 24 5.36 -1.38 3.19
CA SER A 24 5.60 -2.51 4.08
C SER A 24 7.10 -2.79 4.24
N LEU A 25 7.89 -2.33 3.28
CA LEU A 25 9.33 -2.55 3.34
C LEU A 25 9.97 -1.75 4.46
N ILE A 26 9.65 -0.46 4.52
CA ILE A 26 10.20 0.41 5.55
C ILE A 26 9.83 -0.08 6.94
N ILE A 27 8.59 -0.56 7.09
CA ILE A 27 8.11 -1.05 8.37
C ILE A 27 8.74 -2.39 8.73
N LEU A 28 8.95 -3.23 7.73
CA LEU A 28 9.56 -4.54 7.95
C LEU A 28 10.95 -4.40 8.58
N ILE A 29 11.73 -3.43 8.09
CA ILE A 29 13.07 -3.21 8.61
C ILE A 29 13.05 -2.43 9.92
N MET A 30 12.17 -1.43 10.00
CA MET A 30 12.06 -0.61 11.21
C MET A 30 11.68 -1.46 12.41
N LEU A 31 10.79 -2.43 12.19
CA LEU A 31 10.34 -3.32 13.25
C LEU A 31 11.40 -4.38 13.52
N TRP A 32 12.11 -4.78 12.47
CA TRP A 32 13.15 -5.78 12.57
C TRP A 32 14.30 -5.27 13.43
N GLN A 33 14.50 -3.95 13.42
CA GLN A 33 15.57 -3.33 14.20
C GLN A 33 15.00 -2.70 15.47
N LYS A 34 13.72 -2.92 15.71
CA LYS A 34 13.04 -2.38 16.90
C LYS A 34 13.15 -0.86 16.95
N LYS A 35 14.25 -0.36 17.51
CA LYS A 35 14.46 1.07 17.64
C LYS A 35 14.60 1.73 16.26
N PRO A 36 13.96 2.91 16.07
CA PRO A 36 14.02 3.63 14.79
C PRO A 36 15.44 4.09 14.46
N ARG A 37 15.81 4.00 13.19
CA ARG A 37 17.13 4.41 12.74
C ARG A 37 17.04 5.56 11.75
N TYR A 38 18.02 6.45 11.79
CA TYR A 38 18.06 7.61 10.90
C TYR A 38 18.71 7.24 9.57
N GLU A 39 17.98 7.44 8.48
CA GLU A 39 18.48 7.14 7.15
C GLU A 39 18.90 8.41 6.42
N GLY B 1 -1.65 -9.57 -19.38
CA GLY B 1 -2.99 -10.02 -19.68
C GLY B 1 -3.32 -9.92 -21.16
N HIS B 2 -4.22 -10.78 -21.62
CA HIS B 2 -4.63 -10.78 -23.02
C HIS B 2 -6.06 -11.31 -23.17
N SER B 3 -6.61 -11.81 -22.07
CA SER B 3 -7.96 -12.35 -22.07
C SER B 3 -8.74 -11.86 -20.85
N LEU B 4 -8.00 -11.43 -19.82
CA LEU B 4 -8.62 -10.94 -18.60
C LEU B 4 -9.37 -9.63 -18.86
N PRO B 5 -10.59 -9.48 -18.30
CA PRO B 5 -11.39 -8.27 -18.48
C PRO B 5 -10.77 -7.06 -17.79
N PHE B 6 -11.12 -5.87 -18.27
CA PHE B 6 -10.60 -4.63 -17.71
C PHE B 6 -11.21 -4.36 -16.33
N LYS B 7 -12.29 -5.06 -16.02
CA LYS B 7 -12.99 -4.90 -14.75
C LYS B 7 -12.06 -5.20 -13.57
N VAL B 8 -11.23 -6.23 -13.71
CA VAL B 8 -10.30 -6.61 -12.65
C VAL B 8 -9.27 -5.51 -12.41
N VAL B 9 -8.87 -4.83 -13.47
CA VAL B 9 -7.88 -3.76 -13.38
C VAL B 9 -8.42 -2.58 -12.58
N VAL B 10 -9.63 -2.15 -12.92
CA VAL B 10 -10.27 -1.02 -12.25
C VAL B 10 -10.43 -1.29 -10.76
N ILE B 11 -10.94 -2.47 -10.43
CA ILE B 11 -11.17 -2.85 -9.03
C ILE B 11 -9.84 -3.00 -8.29
N SER B 12 -8.83 -3.52 -8.97
CA SER B 12 -7.51 -3.71 -8.36
C SER B 12 -6.84 -2.38 -8.08
N ALA B 13 -7.00 -1.43 -8.99
CA ALA B 13 -6.39 -0.11 -8.83
C ALA B 13 -7.05 0.66 -7.69
N ILE B 14 -8.37 0.76 -7.72
CA ILE B 14 -9.10 1.48 -6.69
C ILE B 14 -8.87 0.86 -5.31
N LEU B 15 -8.77 -0.46 -5.26
CA LEU B 15 -8.55 -1.17 -4.00
C LEU B 15 -7.14 -0.91 -3.47
N ALA B 16 -6.17 -0.81 -4.37
CA ALA B 16 -4.79 -0.57 -3.99
C ALA B 16 -4.63 0.79 -3.30
N LEU B 17 -5.40 1.78 -3.76
CA LEU B 17 -5.36 3.11 -3.19
C LEU B 17 -5.96 3.11 -1.78
N VAL B 18 -6.95 2.25 -1.58
CA VAL B 18 -7.61 2.14 -0.30
C VAL B 18 -6.68 1.51 0.74
N VAL B 19 -5.96 0.47 0.34
CA VAL B 19 -5.05 -0.20 1.25
C VAL B 19 -3.79 0.62 1.51
N LEU B 20 -3.45 1.50 0.57
CA LEU B 20 -2.26 2.35 0.72
C LEU B 20 -2.50 3.36 1.84
N THR B 21 -3.75 3.70 2.09
CA THR B 21 -4.11 4.64 3.14
C THR B 21 -4.19 3.94 4.49
N ILE B 22 -4.80 2.74 4.49
CA ILE B 22 -4.95 1.97 5.71
C ILE B 22 -3.60 1.45 6.20
N ILE B 23 -2.75 1.06 5.25
CA ILE B 23 -1.43 0.55 5.58
C ILE B 23 -0.59 1.64 6.26
N SER B 24 -0.79 2.88 5.82
CA SER B 24 -0.08 4.02 6.39
C SER B 24 -0.62 4.38 7.77
N LEU B 25 -1.95 4.39 7.89
CA LEU B 25 -2.60 4.71 9.16
C LEU B 25 -2.10 3.80 10.28
N ILE B 26 -2.02 2.51 10.00
CA ILE B 26 -1.54 1.55 10.99
C ILE B 26 -0.18 1.96 11.53
N ILE B 27 0.67 2.44 10.63
CA ILE B 27 2.02 2.87 11.00
C ILE B 27 1.97 4.11 11.89
N LEU B 28 1.18 5.10 11.47
CA LEU B 28 1.05 6.34 12.21
C LEU B 28 0.63 6.09 13.66
N ILE B 29 -0.50 5.41 13.83
CA ILE B 29 -1.02 5.10 15.16
C ILE B 29 -0.04 4.22 15.95
N MET B 30 0.65 3.32 15.25
CA MET B 30 1.60 2.43 15.90
C MET B 30 2.71 3.22 16.57
N LEU B 31 3.26 4.19 15.84
CA LEU B 31 4.33 5.04 16.37
C LEU B 31 3.76 6.05 17.35
N TRP B 32 2.47 6.37 17.19
CA TRP B 32 1.81 7.33 18.07
C TRP B 32 1.71 6.79 19.49
N GLN B 33 1.56 5.48 19.60
CA GLN B 33 1.45 4.83 20.91
C GLN B 33 2.75 4.10 21.26
N LYS B 34 3.77 4.29 20.43
CA LYS B 34 5.07 3.66 20.68
C LYS B 34 5.84 4.39 21.76
N LYS B 35 6.22 5.63 21.47
CA LYS B 35 6.97 6.44 22.43
C LYS B 35 6.04 7.37 23.21
N PRO B 36 6.02 7.28 24.55
CA PRO B 36 5.17 8.12 25.40
C PRO B 36 5.62 9.58 25.39
N ARG B 37 4.71 10.46 25.77
CA ARG B 37 5.01 11.90 25.80
C ARG B 37 5.28 12.36 27.23
N TYR B 38 6.49 12.85 27.46
CA TYR B 38 6.88 13.34 28.79
C TYR B 38 6.42 14.77 28.99
N GLU B 39 5.74 15.02 30.11
CA GLU B 39 5.25 16.36 30.41
C GLU B 39 5.55 16.73 31.86
N GLY A 1 -13.43 10.77 -13.53
CA GLY A 1 -13.87 9.76 -14.54
C GLY A 1 -13.69 10.24 -15.96
N HIS A 2 -14.71 10.88 -16.51
CA HIS A 2 -14.67 11.41 -17.87
C HIS A 2 -14.42 10.28 -18.88
N SER A 3 -14.52 9.03 -18.42
CA SER A 3 -14.31 7.88 -19.28
C SER A 3 -12.91 7.89 -19.89
N LEU A 4 -12.00 7.12 -19.29
CA LEU A 4 -10.63 7.04 -19.77
C LEU A 4 -10.29 5.64 -20.25
N PRO A 5 -9.35 5.51 -21.22
CA PRO A 5 -8.95 4.21 -21.76
C PRO A 5 -8.39 3.28 -20.68
N PHE A 6 -8.26 2.01 -21.01
CA PHE A 6 -7.73 1.01 -20.07
C PHE A 6 -6.24 1.21 -19.85
N LYS A 7 -5.60 1.95 -20.75
CA LYS A 7 -4.17 2.20 -20.65
C LYS A 7 -3.80 2.97 -19.38
N VAL A 8 -4.60 3.98 -19.06
CA VAL A 8 -4.34 4.81 -17.88
C VAL A 8 -4.66 4.07 -16.57
N VAL A 9 -5.74 3.30 -16.57
CA VAL A 9 -6.14 2.56 -15.38
C VAL A 9 -5.16 1.43 -15.04
N VAL A 10 -4.56 0.85 -16.07
CA VAL A 10 -3.59 -0.24 -15.87
C VAL A 10 -2.30 0.29 -15.26
N ILE A 11 -1.77 1.36 -15.83
CA ILE A 11 -0.53 1.95 -15.34
C ILE A 11 -0.65 2.38 -13.89
N SER A 12 -1.79 2.96 -13.54
CA SER A 12 -2.05 3.42 -12.17
C SER A 12 -2.20 2.23 -11.23
N ALA A 13 -2.90 1.19 -11.69
CA ALA A 13 -3.11 0.00 -10.88
C ALA A 13 -1.79 -0.68 -10.52
N ILE A 14 -0.99 -0.97 -11.54
CA ILE A 14 0.30 -1.62 -11.33
C ILE A 14 1.18 -0.82 -10.37
N LEU A 15 1.30 0.49 -10.62
CA LEU A 15 2.11 1.35 -9.79
C LEU A 15 1.68 1.26 -8.32
N ALA A 16 0.37 1.20 -8.11
CA ALA A 16 -0.18 1.11 -6.76
C ALA A 16 0.37 -0.11 -6.02
N LEU A 17 0.43 -1.24 -6.71
CA LEU A 17 0.95 -2.47 -6.12
C LEU A 17 2.42 -2.30 -5.74
N VAL A 18 3.15 -1.52 -6.53
CA VAL A 18 4.56 -1.28 -6.28
C VAL A 18 4.74 -0.43 -5.01
N VAL A 19 3.81 0.50 -4.80
CA VAL A 19 3.86 1.37 -3.64
C VAL A 19 3.57 0.60 -2.36
N LEU A 20 2.54 -0.26 -2.40
CA LEU A 20 2.17 -1.05 -1.24
C LEU A 20 3.35 -1.88 -0.75
N THR A 21 4.10 -2.44 -1.70
CA THR A 21 5.27 -3.24 -1.37
C THR A 21 6.34 -2.39 -0.70
N ILE A 22 6.44 -1.13 -1.12
CA ILE A 22 7.42 -0.21 -0.56
C ILE A 22 7.02 0.22 0.86
N ILE A 23 5.73 0.43 1.06
CA ILE A 23 5.22 0.83 2.37
C ILE A 23 5.48 -0.25 3.41
N SER A 24 5.16 -1.49 3.07
CA SER A 24 5.35 -2.62 3.96
C SER A 24 6.83 -2.99 4.10
N LEU A 25 7.63 -2.59 3.12
CA LEU A 25 9.06 -2.89 3.14
C LEU A 25 9.76 -2.06 4.22
N ILE A 26 9.44 -0.77 4.27
CA ILE A 26 10.04 0.13 5.25
C ILE A 26 9.70 -0.29 6.67
N ILE A 27 8.45 -0.69 6.88
CA ILE A 27 7.99 -1.10 8.20
C ILE A 27 8.55 -2.47 8.58
N LEU A 28 8.66 -3.36 7.61
CA LEU A 28 9.18 -4.71 7.86
C LEU A 28 10.54 -4.65 8.55
N ILE A 29 11.46 -3.87 7.98
CA ILE A 29 12.79 -3.74 8.54
C ILE A 29 12.77 -2.86 9.79
N MET A 30 11.90 -1.86 9.79
CA MET A 30 11.78 -0.95 10.93
C MET A 30 11.48 -1.72 12.21
N LEU A 31 10.55 -2.65 12.11
CA LEU A 31 10.16 -3.48 13.26
C LEU A 31 11.18 -4.59 13.49
N TRP A 32 11.88 -4.98 12.43
CA TRP A 32 12.88 -6.03 12.51
C TRP A 32 14.03 -5.61 13.42
N GLN A 33 14.31 -4.30 13.44
CA GLN A 33 15.39 -3.76 14.26
C GLN A 33 14.81 -3.04 15.48
N LYS A 34 13.51 -3.17 15.70
CA LYS A 34 12.85 -2.53 16.82
C LYS A 34 12.84 -3.44 18.04
N LYS A 35 12.83 -4.74 17.81
CA LYS A 35 12.83 -5.72 18.88
C LYS A 35 14.23 -5.88 19.47
N PRO A 36 14.44 -5.49 20.75
CA PRO A 36 15.75 -5.59 21.40
C PRO A 36 16.05 -7.01 21.86
N ARG A 37 17.32 -7.39 21.78
CA ARG A 37 17.76 -8.72 22.18
C ARG A 37 17.84 -8.82 23.70
N TYR A 38 17.66 -10.04 24.21
CA TYR A 38 17.72 -10.27 25.66
C TYR A 38 18.11 -11.71 25.97
N GLU A 39 18.72 -11.90 27.14
CA GLU A 39 19.16 -13.22 27.57
C GLU A 39 18.41 -13.65 28.82
N GLY B 1 -1.46 -14.64 -17.49
CA GLY B 1 -2.19 -14.97 -18.70
C GLY B 1 -1.80 -14.10 -19.88
N HIS B 2 -2.59 -14.17 -20.94
CA HIS B 2 -2.33 -13.37 -22.14
C HIS B 2 -3.14 -12.08 -22.12
N SER B 3 -4.39 -12.18 -21.71
CA SER B 3 -5.27 -11.02 -21.64
C SER B 3 -6.31 -11.18 -20.54
N LEU B 4 -6.16 -10.40 -19.48
CA LEU B 4 -7.08 -10.46 -18.35
C LEU B 4 -8.15 -9.36 -18.46
N PRO B 5 -9.37 -9.61 -17.94
CA PRO B 5 -10.47 -8.64 -17.99
C PRO B 5 -10.08 -7.30 -17.37
N PHE B 6 -10.64 -6.22 -17.90
CA PHE B 6 -10.35 -4.87 -17.41
C PHE B 6 -10.97 -4.69 -16.02
N LYS B 7 -11.92 -5.53 -15.68
CA LYS B 7 -12.59 -5.46 -14.38
C LYS B 7 -11.61 -5.73 -13.25
N VAL B 8 -10.74 -6.71 -13.45
CA VAL B 8 -9.74 -7.08 -12.45
C VAL B 8 -8.80 -5.92 -12.16
N VAL B 9 -8.47 -5.15 -13.19
CA VAL B 9 -7.58 -4.02 -13.05
C VAL B 9 -8.23 -2.88 -12.28
N VAL B 10 -9.48 -2.56 -12.63
CA VAL B 10 -10.21 -1.49 -11.97
C VAL B 10 -10.37 -1.76 -10.47
N ILE B 11 -10.83 -2.96 -10.14
CA ILE B 11 -11.03 -3.34 -8.74
C ILE B 11 -9.71 -3.35 -7.97
N SER B 12 -8.63 -3.75 -8.66
CA SER B 12 -7.32 -3.81 -8.04
C SER B 12 -6.78 -2.41 -7.77
N ALA B 13 -7.04 -1.49 -8.69
CA ALA B 13 -6.57 -0.11 -8.56
C ALA B 13 -7.26 0.60 -7.41
N ILE B 14 -8.59 0.63 -7.44
CA ILE B 14 -9.39 1.29 -6.40
C ILE B 14 -9.08 0.72 -5.02
N LEU B 15 -8.96 -0.61 -4.93
CA LEU B 15 -8.68 -1.26 -3.66
C LEU B 15 -7.25 -0.97 -3.20
N ALA B 16 -6.34 -0.87 -4.15
CA ALA B 16 -4.94 -0.59 -3.84
C ALA B 16 -4.79 0.72 -3.09
N LEU B 17 -5.49 1.75 -3.56
CA LEU B 17 -5.43 3.06 -2.93
C LEU B 17 -5.99 3.01 -1.51
N VAL B 18 -7.05 2.23 -1.31
CA VAL B 18 -7.66 2.09 -0.01
C VAL B 18 -6.68 1.44 0.97
N VAL B 19 -5.93 0.46 0.48
CA VAL B 19 -4.96 -0.23 1.30
C VAL B 19 -3.75 0.64 1.60
N LEU B 20 -3.41 1.52 0.66
CA LEU B 20 -2.27 2.42 0.84
C LEU B 20 -2.53 3.39 1.98
N THR B 21 -3.79 3.75 2.18
CA THR B 21 -4.18 4.67 3.24
C THR B 21 -4.21 3.98 4.60
N ILE B 22 -4.80 2.79 4.63
CA ILE B 22 -4.91 2.03 5.87
C ILE B 22 -3.53 1.55 6.33
N ILE B 23 -2.73 1.07 5.40
CA ILE B 23 -1.39 0.58 5.71
C ILE B 23 -0.55 1.68 6.34
N SER B 24 -0.71 2.90 5.83
CA SER B 24 0.02 4.06 6.34
C SER B 24 -0.52 4.50 7.70
N LEU B 25 -1.84 4.37 7.87
CA LEU B 25 -2.49 4.76 9.12
C LEU B 25 -2.00 3.91 10.28
N ILE B 26 -1.86 2.60 10.04
CA ILE B 26 -1.38 1.69 11.07
C ILE B 26 -0.03 2.14 11.61
N ILE B 27 0.82 2.63 10.71
CA ILE B 27 2.15 3.09 11.07
C ILE B 27 2.06 4.37 11.89
N LEU B 28 1.16 5.26 11.49
CA LEU B 28 0.96 6.54 12.18
C LEU B 28 0.56 6.32 13.63
N ILE B 29 -0.53 5.59 13.83
CA ILE B 29 -1.03 5.32 15.18
C ILE B 29 -0.03 4.48 15.98
N MET B 30 0.71 3.61 15.32
CA MET B 30 1.69 2.76 15.98
C MET B 30 2.77 3.60 16.65
N LEU B 31 3.28 4.60 15.91
CA LEU B 31 4.33 5.47 16.43
C LEU B 31 3.74 6.52 17.37
N TRP B 32 2.45 6.81 17.19
CA TRP B 32 1.75 7.79 18.01
C TRP B 32 1.68 7.35 19.47
N GLN B 33 1.54 6.05 19.68
CA GLN B 33 1.47 5.49 21.03
C GLN B 33 2.83 5.05 21.52
N LYS B 34 3.88 5.42 20.79
CA LYS B 34 5.24 5.07 21.17
C LYS B 34 6.11 6.32 21.33
N LYS B 35 7.31 6.12 21.87
CA LYS B 35 8.24 7.24 22.08
C LYS B 35 8.72 7.80 20.75
N PRO B 36 9.04 9.10 20.71
CA PRO B 36 9.52 9.75 19.48
C PRO B 36 10.95 9.35 19.13
N ARG B 37 11.35 9.68 17.90
CA ARG B 37 12.68 9.36 17.43
C ARG B 37 13.63 10.53 17.61
N TYR B 38 14.69 10.33 18.39
CA TYR B 38 15.67 11.37 18.65
C TYR B 38 16.77 11.37 17.59
N GLU B 39 17.29 12.54 17.27
CA GLU B 39 18.33 12.67 16.27
C GLU B 39 19.25 13.86 16.61
N GLY A 1 -19.49 1.74 -18.33
CA GLY A 1 -19.47 3.03 -19.06
C GLY A 1 -18.06 3.55 -19.27
N HIS A 2 -17.72 4.62 -18.55
CA HIS A 2 -16.39 5.24 -18.65
C HIS A 2 -16.08 5.64 -20.09
N SER A 3 -14.87 6.13 -20.31
CA SER A 3 -14.46 6.56 -21.65
C SER A 3 -12.93 6.68 -21.74
N LEU A 4 -12.25 6.41 -20.63
CA LEU A 4 -10.81 6.49 -20.60
C LEU A 4 -10.17 5.16 -20.99
N PRO A 5 -9.05 5.20 -21.73
CA PRO A 5 -8.35 3.98 -22.18
C PRO A 5 -7.97 3.07 -21.02
N PHE A 6 -7.87 1.78 -21.29
CA PHE A 6 -7.51 0.81 -20.26
C PHE A 6 -6.05 0.96 -19.84
N LYS A 7 -5.29 1.67 -20.67
CA LYS A 7 -3.87 1.90 -20.41
C LYS A 7 -3.67 2.60 -19.06
N VAL A 8 -4.39 3.71 -18.87
CA VAL A 8 -4.28 4.47 -17.63
C VAL A 8 -4.68 3.61 -16.42
N VAL A 9 -5.67 2.74 -16.63
CA VAL A 9 -6.15 1.87 -15.55
C VAL A 9 -5.06 0.91 -15.09
N VAL A 10 -4.44 0.23 -16.05
CA VAL A 10 -3.39 -0.73 -15.74
C VAL A 10 -2.20 -0.06 -15.07
N ILE A 11 -1.64 0.95 -15.73
CA ILE A 11 -0.48 1.66 -15.20
C ILE A 11 -0.74 2.16 -13.78
N SER A 12 -1.98 2.57 -13.51
CA SER A 12 -2.35 3.08 -12.19
C SER A 12 -2.41 1.94 -11.17
N ALA A 13 -2.94 0.80 -11.58
CA ALA A 13 -3.06 -0.36 -10.71
C ALA A 13 -1.69 -0.91 -10.33
N ILE A 14 -0.89 -1.25 -11.34
CA ILE A 14 0.44 -1.80 -11.10
C ILE A 14 1.28 -0.86 -10.23
N LEU A 15 1.26 0.42 -10.56
CA LEU A 15 2.01 1.42 -9.79
C LEU A 15 1.64 1.37 -8.32
N ALA A 16 0.34 1.40 -8.03
CA ALA A 16 -0.15 1.35 -6.66
C ALA A 16 0.30 0.06 -5.96
N LEU A 17 0.40 -1.01 -6.73
CA LEU A 17 0.81 -2.30 -6.18
C LEU A 17 2.26 -2.25 -5.74
N VAL A 18 3.08 -1.49 -6.48
CA VAL A 18 4.49 -1.35 -6.15
C VAL A 18 4.65 -0.52 -4.89
N VAL A 19 3.72 0.40 -4.67
CA VAL A 19 3.75 1.27 -3.49
C VAL A 19 3.41 0.50 -2.22
N LEU A 20 2.56 -0.51 -2.35
CA LEU A 20 2.15 -1.31 -1.20
C LEU A 20 3.33 -2.15 -0.71
N THR A 21 4.22 -2.52 -1.63
CA THR A 21 5.39 -3.32 -1.28
C THR A 21 6.47 -2.44 -0.64
N ILE A 22 6.59 -1.21 -1.14
CA ILE A 22 7.58 -0.28 -0.62
C ILE A 22 7.14 0.27 0.75
N ILE A 23 5.86 0.58 0.86
CA ILE A 23 5.32 1.11 2.11
C ILE A 23 5.48 0.11 3.25
N SER A 24 5.21 -1.16 2.94
CA SER A 24 5.33 -2.23 3.93
C SER A 24 6.79 -2.59 4.18
N LEU A 25 7.63 -2.41 3.17
CA LEU A 25 9.06 -2.73 3.27
C LEU A 25 9.73 -1.89 4.36
N ILE A 26 9.55 -0.58 4.30
CA ILE A 26 10.14 0.33 5.28
C ILE A 26 9.75 -0.08 6.70
N ILE A 27 8.50 -0.50 6.86
CA ILE A 27 8.00 -0.92 8.17
C ILE A 27 8.57 -2.26 8.59
N LEU A 28 8.76 -3.15 7.62
CA LEU A 28 9.31 -4.48 7.90
C LEU A 28 10.71 -4.36 8.52
N ILE A 29 11.52 -3.48 7.96
CA ILE A 29 12.88 -3.27 8.47
C ILE A 29 12.86 -2.43 9.74
N MET A 30 11.92 -1.49 9.81
CA MET A 30 11.79 -0.61 10.96
C MET A 30 11.50 -1.43 12.23
N LEU A 31 10.58 -2.38 12.10
CA LEU A 31 10.21 -3.23 13.22
C LEU A 31 11.27 -4.29 13.47
N TRP A 32 11.93 -4.73 12.40
CA TRP A 32 12.97 -5.75 12.50
C TRP A 32 14.15 -5.22 13.30
N GLN A 33 14.33 -3.90 13.30
CA GLN A 33 15.43 -3.28 14.02
C GLN A 33 14.94 -2.60 15.31
N LYS A 34 13.67 -2.80 15.63
CA LYS A 34 13.08 -2.21 16.83
C LYS A 34 12.36 -3.27 17.67
N LYS A 35 11.66 -2.82 18.70
CA LYS A 35 10.91 -3.72 19.59
C LYS A 35 9.98 -4.63 18.80
N PRO A 36 10.24 -5.95 18.78
CA PRO A 36 9.40 -6.90 18.05
C PRO A 36 7.98 -6.95 18.60
N ARG A 37 7.01 -7.15 17.71
CA ARG A 37 5.60 -7.22 18.10
C ARG A 37 5.34 -8.45 18.98
N TYR A 38 4.48 -8.27 19.98
CA TYR A 38 4.14 -9.36 20.89
C TYR A 38 2.65 -9.72 20.78
N GLU A 39 2.32 -10.96 21.12
CA GLU A 39 0.94 -11.42 21.04
C GLU A 39 0.68 -12.53 22.08
N GLY B 1 -0.64 -16.26 -19.93
CA GLY B 1 -0.87 -15.80 -21.29
C GLY B 1 -2.28 -15.31 -21.50
N HIS B 2 -3.15 -15.55 -20.52
CA HIS B 2 -4.53 -15.13 -20.61
C HIS B 2 -4.67 -13.63 -20.35
N SER B 3 -5.61 -12.99 -21.03
CA SER B 3 -5.83 -11.56 -20.87
C SER B 3 -7.03 -11.30 -19.96
N LEU B 4 -6.77 -10.75 -18.78
CA LEU B 4 -7.83 -10.45 -17.82
C LEU B 4 -8.64 -9.24 -18.27
N PRO B 5 -9.96 -9.22 -17.98
CA PRO B 5 -10.83 -8.10 -18.36
C PRO B 5 -10.44 -6.81 -17.65
N PHE B 6 -11.03 -5.70 -18.09
CA PHE B 6 -10.75 -4.40 -17.49
C PHE B 6 -11.36 -4.30 -16.09
N LYS B 7 -12.30 -5.19 -15.80
CA LYS B 7 -12.97 -5.21 -14.50
C LYS B 7 -11.98 -5.37 -13.36
N VAL B 8 -11.13 -6.39 -13.46
CA VAL B 8 -10.13 -6.65 -12.43
C VAL B 8 -9.15 -5.50 -12.28
N VAL B 9 -8.82 -4.86 -13.39
CA VAL B 9 -7.87 -3.73 -13.38
C VAL B 9 -8.40 -2.59 -12.51
N VAL B 10 -9.65 -2.20 -12.73
CA VAL B 10 -10.26 -1.12 -11.98
C VAL B 10 -10.39 -1.47 -10.50
N ILE B 11 -10.90 -2.67 -10.22
CA ILE B 11 -11.08 -3.13 -8.84
C ILE B 11 -9.75 -3.18 -8.11
N SER B 12 -8.68 -3.54 -8.82
CA SER B 12 -7.36 -3.64 -8.23
C SER B 12 -6.79 -2.25 -7.92
N ALA B 13 -7.04 -1.31 -8.82
CA ALA B 13 -6.55 0.06 -8.66
C ALA B 13 -7.22 0.75 -7.46
N ILE B 14 -8.55 0.76 -7.46
CA ILE B 14 -9.31 1.39 -6.39
C ILE B 14 -8.98 0.77 -5.03
N LEU B 15 -8.82 -0.55 -5.01
CA LEU B 15 -8.52 -1.27 -3.77
C LEU B 15 -7.12 -0.95 -3.29
N ALA B 16 -6.17 -0.87 -4.21
CA ALA B 16 -4.78 -0.59 -3.88
C ALA B 16 -4.65 0.77 -3.17
N LEU B 17 -5.48 1.73 -3.56
CA LEU B 17 -5.46 3.05 -2.95
C LEU B 17 -6.01 3.00 -1.53
N VAL B 18 -7.06 2.21 -1.33
CA VAL B 18 -7.68 2.07 -0.03
C VAL B 18 -6.72 1.44 0.98
N VAL B 19 -6.11 0.33 0.58
CA VAL B 19 -5.17 -0.38 1.44
C VAL B 19 -3.94 0.48 1.74
N LEU B 20 -3.47 1.22 0.74
CA LEU B 20 -2.30 2.08 0.91
C LEU B 20 -2.53 3.06 2.05
N THR B 21 -3.75 3.57 2.15
CA THR B 21 -4.10 4.51 3.22
C THR B 21 -4.16 3.79 4.56
N ILE B 22 -4.61 2.54 4.54
CA ILE B 22 -4.71 1.74 5.74
C ILE B 22 -3.32 1.42 6.28
N ILE B 23 -2.38 1.15 5.38
CA ILE B 23 -1.02 0.84 5.75
C ILE B 23 -0.42 2.02 6.51
N SER B 24 -0.68 3.23 6.01
CA SER B 24 -0.17 4.45 6.63
C SER B 24 -0.79 4.67 8.00
N LEU B 25 -2.08 4.37 8.12
CA LEU B 25 -2.79 4.54 9.39
C LEU B 25 -2.19 3.64 10.46
N ILE B 26 -1.86 2.41 10.08
CA ILE B 26 -1.27 1.45 11.01
C ILE B 26 0.06 1.97 11.55
N ILE B 27 0.87 2.56 10.67
CA ILE B 27 2.17 3.08 11.04
C ILE B 27 2.02 4.32 11.91
N LEU B 28 1.04 5.18 11.58
CA LEU B 28 0.79 6.40 12.33
C LEU B 28 0.45 6.10 13.78
N ILE B 29 -0.57 5.27 13.99
CA ILE B 29 -1.00 4.92 15.35
C ILE B 29 0.07 4.13 16.09
N MET B 30 0.76 3.27 15.35
CA MET B 30 1.82 2.44 15.94
C MET B 30 2.90 3.31 16.58
N LEU B 31 3.33 4.34 15.85
CA LEU B 31 4.37 5.24 16.34
C LEU B 31 3.78 6.24 17.32
N TRP B 32 2.47 6.48 17.22
CA TRP B 32 1.79 7.42 18.09
C TRP B 32 1.78 6.92 19.54
N GLN B 33 1.65 5.61 19.71
CA GLN B 33 1.62 5.01 21.04
C GLN B 33 3.02 4.59 21.47
N LYS B 34 4.02 5.00 20.71
CA LYS B 34 5.42 4.66 21.02
C LYS B 34 6.31 5.89 20.95
N LYS B 35 6.83 6.31 22.09
CA LYS B 35 7.71 7.48 22.16
C LYS B 35 9.07 7.18 21.54
N PRO B 36 9.45 7.89 20.46
CA PRO B 36 10.73 7.69 19.78
C PRO B 36 11.92 7.74 20.74
N ARG B 37 12.98 7.02 20.40
CA ARG B 37 14.18 6.98 21.23
C ARG B 37 15.32 7.78 20.61
N TYR B 38 16.17 8.34 21.46
CA TYR B 38 17.30 9.13 20.99
C TYR B 38 18.62 8.57 21.51
N GLU B 39 19.48 8.17 20.58
CA GLU B 39 20.79 7.60 20.92
C GLU B 39 20.64 6.43 21.88
#